data_5Y0X
# 
_entry.id   5Y0X 
# 
_audit_conform.dict_name       mmcif_pdbx.dic 
_audit_conform.dict_version    5.387 
_audit_conform.dict_location   http://mmcif.pdb.org/dictionaries/ascii/mmcif_pdbx.dic 
# 
loop_
_database_2.database_id 
_database_2.database_code 
_database_2.pdbx_database_accession 
_database_2.pdbx_DOI 
PDB   5Y0X         pdb_00005y0x 10.2210/pdb5y0x/pdb 
WWPDB D_1300004475 ?            ?                   
# 
loop_
_pdbx_audit_revision_history.ordinal 
_pdbx_audit_revision_history.data_content_type 
_pdbx_audit_revision_history.major_revision 
_pdbx_audit_revision_history.minor_revision 
_pdbx_audit_revision_history.revision_date 
1 'Structure model' 1 0 2018-06-06 
2 'Structure model' 1 1 2024-03-27 
# 
_pdbx_audit_revision_details.ordinal             1 
_pdbx_audit_revision_details.revision_ordinal    1 
_pdbx_audit_revision_details.data_content_type   'Structure model' 
_pdbx_audit_revision_details.provider            repository 
_pdbx_audit_revision_details.type                'Initial release' 
_pdbx_audit_revision_details.description         ? 
_pdbx_audit_revision_details.details             ? 
# 
loop_
_pdbx_audit_revision_group.ordinal 
_pdbx_audit_revision_group.revision_ordinal 
_pdbx_audit_revision_group.data_content_type 
_pdbx_audit_revision_group.group 
1 2 'Structure model' 'Data collection'     
2 2 'Structure model' 'Database references' 
# 
loop_
_pdbx_audit_revision_category.ordinal 
_pdbx_audit_revision_category.revision_ordinal 
_pdbx_audit_revision_category.data_content_type 
_pdbx_audit_revision_category.category 
1 2 'Structure model' chem_comp_atom 
2 2 'Structure model' chem_comp_bond 
3 2 'Structure model' database_2     
# 
loop_
_pdbx_audit_revision_item.ordinal 
_pdbx_audit_revision_item.revision_ordinal 
_pdbx_audit_revision_item.data_content_type 
_pdbx_audit_revision_item.item 
1 2 'Structure model' '_database_2.pdbx_DOI'                
2 2 'Structure model' '_database_2.pdbx_database_accession' 
# 
_pdbx_database_status.status_code                     REL 
_pdbx_database_status.status_code_sf                  REL 
_pdbx_database_status.status_code_mr                  ? 
_pdbx_database_status.entry_id                        5Y0X 
_pdbx_database_status.recvd_initial_deposition_date   2017-07-19 
_pdbx_database_status.SG_entry                        N 
_pdbx_database_status.deposit_site                    PDBJ 
_pdbx_database_status.process_site                    PDBJ 
_pdbx_database_status.status_code_cs                  ? 
_pdbx_database_status.methods_development_category    ? 
_pdbx_database_status.pdb_format_compatible           Y 
_pdbx_database_status.status_code_nmr_data            ? 
# 
loop_
_audit_author.name 
_audit_author.pdbx_ordinal 
_audit_author.identifier_ORCID 
'Su, H.X.'  1 ? 
'Liu, Q.F.' 2 ? 
'Xu, Y.C.'  3 ? 
# 
_citation.abstract                  ? 
_citation.abstract_id_CAS           ? 
_citation.book_id_ISBN              ? 
_citation.book_publisher            ? 
_citation.book_publisher_city       ? 
_citation.book_title                ? 
_citation.coordinate_linkage        ? 
_citation.country                   FR 
_citation.database_id_Medline       ? 
_citation.details                   ? 
_citation.id                        primary 
_citation.journal_abbrev            'Eur J Med Chem' 
_citation.journal_id_ASTM           EJMCA5 
_citation.journal_id_CSD            0493 
_citation.journal_id_ISSN           1768-3254 
_citation.journal_full              ? 
_citation.journal_issue             ? 
_citation.journal_volume            154 
_citation.language                  ? 
_citation.page_first                44 
_citation.page_last                 59 
_citation.title                     
;From hit to lead: Structure-based discovery of naphthalene-1-sulfonamide derivatives as potent and selective inhibitors of fatty acid binding protein 4
;
_citation.year                      2018 
_citation.database_id_CSD           ? 
_citation.pdbx_database_id_DOI      10.1016/j.ejmech.2018.05.007 
_citation.pdbx_database_id_PubMed   29775936 
_citation.unpublished_flag          ? 
# 
loop_
_citation_author.citation_id 
_citation_author.name 
_citation_author.ordinal 
_citation_author.identifier_ORCID 
primary 'Gao, D.D.'   1  ? 
primary 'Dou, H.X.'   2  ? 
primary 'Su, H.X.'    3  ? 
primary 'Zhang, M.M.' 4  ? 
primary 'Wang, T.'    5  ? 
primary 'Liu, Q.F.'   6  ? 
primary 'Cai, H.Y.'   7  ? 
primary 'Ding, H.P.'  8  ? 
primary 'Yang, Z.'    9  ? 
primary 'Zhu, W.L.'   10 ? 
primary 'Xu, Y.C.'    11 ? 
primary 'Wang, H.Y.'  12 ? 
primary 'Li, Y.X.'    13 ? 
# 
loop_
_entity.id 
_entity.type 
_entity.src_method 
_entity.pdbx_description 
_entity.formula_weight 
_entity.pdbx_number_of_molecules 
_entity.pdbx_ec 
_entity.pdbx_mutation 
_entity.pdbx_fragment 
_entity.details 
1 polymer     man 'Fatty acid-binding protein, adipocyte'                               16911.268 1   ? ? ? ? 
2 non-polymer syn '2-fluoranyl-3-[(4-methoxynaphthalen-1-yl)sulfonylamino]benzoic acid' 375.371   1   ? ? ? ? 
3 water       nat water                                                                 18.015    118 ? ? ? ? 
# 
_entity_name_com.entity_id   1 
_entity_name_com.name        
'Adipocyte lipid-binding protein,ALBP,Adipocyte-type fatty acid-binding protein,AFABP,Fatty acid-binding protein 4' 
# 
_entity_poly.entity_id                      1 
_entity_poly.type                           'polypeptide(L)' 
_entity_poly.nstd_linkage                   no 
_entity_poly.nstd_monomer                   no 
_entity_poly.pdbx_seq_one_letter_code       
;MGSSHHHHHHSSGLVPRGSHMCDAFVGTWKLVSSENFDDYMKEVGVGFATRKVAGMAKPNMIISVNGDVITIKSESTFKN
TEISFILGQEFDEVTADDRKVKSTITLDGGVLVHVQKWDGKSTTIKRKREDDKLVVECVMKGVTSTRVYERA
;
_entity_poly.pdbx_seq_one_letter_code_can   
;MGSSHHHHHHSSGLVPRGSHMCDAFVGTWKLVSSENFDDYMKEVGVGFATRKVAGMAKPNMIISVNGDVITIKSESTFKN
TEISFILGQEFDEVTADDRKVKSTITLDGGVLVHVQKWDGKSTTIKRKREDDKLVVECVMKGVTSTRVYERA
;
_entity_poly.pdbx_strand_id                 A 
_entity_poly.pdbx_target_identifier         ? 
# 
loop_
_pdbx_entity_nonpoly.entity_id 
_pdbx_entity_nonpoly.name 
_pdbx_entity_nonpoly.comp_id 
2 '2-fluoranyl-3-[(4-methoxynaphthalen-1-yl)sulfonylamino]benzoic acid' 8JR 
3 water                                                                 HOH 
# 
loop_
_entity_poly_seq.entity_id 
_entity_poly_seq.num 
_entity_poly_seq.mon_id 
_entity_poly_seq.hetero 
1 1   MET n 
1 2   GLY n 
1 3   SER n 
1 4   SER n 
1 5   HIS n 
1 6   HIS n 
1 7   HIS n 
1 8   HIS n 
1 9   HIS n 
1 10  HIS n 
1 11  SER n 
1 12  SER n 
1 13  GLY n 
1 14  LEU n 
1 15  VAL n 
1 16  PRO n 
1 17  ARG n 
1 18  GLY n 
1 19  SER n 
1 20  HIS n 
1 21  MET n 
1 22  CYS n 
1 23  ASP n 
1 24  ALA n 
1 25  PHE n 
1 26  VAL n 
1 27  GLY n 
1 28  THR n 
1 29  TRP n 
1 30  LYS n 
1 31  LEU n 
1 32  VAL n 
1 33  SER n 
1 34  SER n 
1 35  GLU n 
1 36  ASN n 
1 37  PHE n 
1 38  ASP n 
1 39  ASP n 
1 40  TYR n 
1 41  MET n 
1 42  LYS n 
1 43  GLU n 
1 44  VAL n 
1 45  GLY n 
1 46  VAL n 
1 47  GLY n 
1 48  PHE n 
1 49  ALA n 
1 50  THR n 
1 51  ARG n 
1 52  LYS n 
1 53  VAL n 
1 54  ALA n 
1 55  GLY n 
1 56  MET n 
1 57  ALA n 
1 58  LYS n 
1 59  PRO n 
1 60  ASN n 
1 61  MET n 
1 62  ILE n 
1 63  ILE n 
1 64  SER n 
1 65  VAL n 
1 66  ASN n 
1 67  GLY n 
1 68  ASP n 
1 69  VAL n 
1 70  ILE n 
1 71  THR n 
1 72  ILE n 
1 73  LYS n 
1 74  SER n 
1 75  GLU n 
1 76  SER n 
1 77  THR n 
1 78  PHE n 
1 79  LYS n 
1 80  ASN n 
1 81  THR n 
1 82  GLU n 
1 83  ILE n 
1 84  SER n 
1 85  PHE n 
1 86  ILE n 
1 87  LEU n 
1 88  GLY n 
1 89  GLN n 
1 90  GLU n 
1 91  PHE n 
1 92  ASP n 
1 93  GLU n 
1 94  VAL n 
1 95  THR n 
1 96  ALA n 
1 97  ASP n 
1 98  ASP n 
1 99  ARG n 
1 100 LYS n 
1 101 VAL n 
1 102 LYS n 
1 103 SER n 
1 104 THR n 
1 105 ILE n 
1 106 THR n 
1 107 LEU n 
1 108 ASP n 
1 109 GLY n 
1 110 GLY n 
1 111 VAL n 
1 112 LEU n 
1 113 VAL n 
1 114 HIS n 
1 115 VAL n 
1 116 GLN n 
1 117 LYS n 
1 118 TRP n 
1 119 ASP n 
1 120 GLY n 
1 121 LYS n 
1 122 SER n 
1 123 THR n 
1 124 THR n 
1 125 ILE n 
1 126 LYS n 
1 127 ARG n 
1 128 LYS n 
1 129 ARG n 
1 130 GLU n 
1 131 ASP n 
1 132 ASP n 
1 133 LYS n 
1 134 LEU n 
1 135 VAL n 
1 136 VAL n 
1 137 GLU n 
1 138 CYS n 
1 139 VAL n 
1 140 MET n 
1 141 LYS n 
1 142 GLY n 
1 143 VAL n 
1 144 THR n 
1 145 SER n 
1 146 THR n 
1 147 ARG n 
1 148 VAL n 
1 149 TYR n 
1 150 GLU n 
1 151 ARG n 
1 152 ALA n 
# 
_entity_src_gen.entity_id                          1 
_entity_src_gen.pdbx_src_id                        1 
_entity_src_gen.pdbx_alt_source_flag               sample 
_entity_src_gen.pdbx_seq_type                      'Biological sequence' 
_entity_src_gen.pdbx_beg_seq_num                   1 
_entity_src_gen.pdbx_end_seq_num                   152 
_entity_src_gen.gene_src_common_name               Human 
_entity_src_gen.gene_src_genus                     ? 
_entity_src_gen.pdbx_gene_src_gene                 FABP4 
_entity_src_gen.gene_src_species                   ? 
_entity_src_gen.gene_src_strain                    ? 
_entity_src_gen.gene_src_tissue                    ? 
_entity_src_gen.gene_src_tissue_fraction           ? 
_entity_src_gen.gene_src_details                   ? 
_entity_src_gen.pdbx_gene_src_fragment             ? 
_entity_src_gen.pdbx_gene_src_scientific_name      'Homo sapiens' 
_entity_src_gen.pdbx_gene_src_ncbi_taxonomy_id     9606 
_entity_src_gen.pdbx_gene_src_variant              ? 
_entity_src_gen.pdbx_gene_src_cell_line            ? 
_entity_src_gen.pdbx_gene_src_atcc                 ? 
_entity_src_gen.pdbx_gene_src_organ                ? 
_entity_src_gen.pdbx_gene_src_organelle            ? 
_entity_src_gen.pdbx_gene_src_cell                 ? 
_entity_src_gen.pdbx_gene_src_cellular_location    ? 
_entity_src_gen.host_org_common_name               ? 
_entity_src_gen.pdbx_host_org_scientific_name      'Escherichia coli BL21(DE3)' 
_entity_src_gen.pdbx_host_org_ncbi_taxonomy_id     469008 
_entity_src_gen.host_org_genus                     ? 
_entity_src_gen.pdbx_host_org_gene                 ? 
_entity_src_gen.pdbx_host_org_organ                ? 
_entity_src_gen.host_org_species                   ? 
_entity_src_gen.pdbx_host_org_tissue               ? 
_entity_src_gen.pdbx_host_org_tissue_fraction      ? 
_entity_src_gen.pdbx_host_org_strain               'BL21(DE3)' 
_entity_src_gen.pdbx_host_org_variant              ? 
_entity_src_gen.pdbx_host_org_cell_line            ? 
_entity_src_gen.pdbx_host_org_atcc                 ? 
_entity_src_gen.pdbx_host_org_culture_collection   ? 
_entity_src_gen.pdbx_host_org_cell                 ? 
_entity_src_gen.pdbx_host_org_organelle            ? 
_entity_src_gen.pdbx_host_org_cellular_location    ? 
_entity_src_gen.pdbx_host_org_vector_type          ? 
_entity_src_gen.pdbx_host_org_vector               ? 
_entity_src_gen.host_org_details                   ? 
_entity_src_gen.expression_system_id               ? 
_entity_src_gen.plasmid_name                       ? 
_entity_src_gen.plasmid_details                    ? 
_entity_src_gen.pdbx_description                   ? 
# 
loop_
_chem_comp.id 
_chem_comp.type 
_chem_comp.mon_nstd_flag 
_chem_comp.name 
_chem_comp.pdbx_synonyms 
_chem_comp.formula 
_chem_comp.formula_weight 
8JR non-polymer         . '2-fluoranyl-3-[(4-methoxynaphthalen-1-yl)sulfonylamino]benzoic acid' ? 'C18 H14 F N O5 S' 375.371 
ALA 'L-peptide linking' y ALANINE                                                               ? 'C3 H7 N O2'       89.093  
ARG 'L-peptide linking' y ARGININE                                                              ? 'C6 H15 N4 O2 1'   175.209 
ASN 'L-peptide linking' y ASPARAGINE                                                            ? 'C4 H8 N2 O3'      132.118 
ASP 'L-peptide linking' y 'ASPARTIC ACID'                                                       ? 'C4 H7 N O4'       133.103 
CYS 'L-peptide linking' y CYSTEINE                                                              ? 'C3 H7 N O2 S'     121.158 
GLN 'L-peptide linking' y GLUTAMINE                                                             ? 'C5 H10 N2 O3'     146.144 
GLU 'L-peptide linking' y 'GLUTAMIC ACID'                                                       ? 'C5 H9 N O4'       147.129 
GLY 'peptide linking'   y GLYCINE                                                               ? 'C2 H5 N O2'       75.067  
HIS 'L-peptide linking' y HISTIDINE                                                             ? 'C6 H10 N3 O2 1'   156.162 
HOH non-polymer         . WATER                                                                 ? 'H2 O'             18.015  
ILE 'L-peptide linking' y ISOLEUCINE                                                            ? 'C6 H13 N O2'      131.173 
LEU 'L-peptide linking' y LEUCINE                                                               ? 'C6 H13 N O2'      131.173 
LYS 'L-peptide linking' y LYSINE                                                                ? 'C6 H15 N2 O2 1'   147.195 
MET 'L-peptide linking' y METHIONINE                                                            ? 'C5 H11 N O2 S'    149.211 
PHE 'L-peptide linking' y PHENYLALANINE                                                         ? 'C9 H11 N O2'      165.189 
PRO 'L-peptide linking' y PROLINE                                                               ? 'C5 H9 N O2'       115.130 
SER 'L-peptide linking' y SERINE                                                                ? 'C3 H7 N O3'       105.093 
THR 'L-peptide linking' y THREONINE                                                             ? 'C4 H9 N O3'       119.119 
TRP 'L-peptide linking' y TRYPTOPHAN                                                            ? 'C11 H12 N2 O2'    204.225 
TYR 'L-peptide linking' y TYROSINE                                                              ? 'C9 H11 N O3'      181.189 
VAL 'L-peptide linking' y VALINE                                                                ? 'C5 H11 N O2'      117.146 
# 
loop_
_pdbx_poly_seq_scheme.asym_id 
_pdbx_poly_seq_scheme.entity_id 
_pdbx_poly_seq_scheme.seq_id 
_pdbx_poly_seq_scheme.mon_id 
_pdbx_poly_seq_scheme.ndb_seq_num 
_pdbx_poly_seq_scheme.pdb_seq_num 
_pdbx_poly_seq_scheme.auth_seq_num 
_pdbx_poly_seq_scheme.pdb_mon_id 
_pdbx_poly_seq_scheme.auth_mon_id 
_pdbx_poly_seq_scheme.pdb_strand_id 
_pdbx_poly_seq_scheme.pdb_ins_code 
_pdbx_poly_seq_scheme.hetero 
A 1 1   MET 1   -20 ?   ?   ?   A . n 
A 1 2   GLY 2   -19 ?   ?   ?   A . n 
A 1 3   SER 3   -18 ?   ?   ?   A . n 
A 1 4   SER 4   -17 ?   ?   ?   A . n 
A 1 5   HIS 5   -16 ?   ?   ?   A . n 
A 1 6   HIS 6   -15 ?   ?   ?   A . n 
A 1 7   HIS 7   -14 ?   ?   ?   A . n 
A 1 8   HIS 8   -13 ?   ?   ?   A . n 
A 1 9   HIS 9   -12 ?   ?   ?   A . n 
A 1 10  HIS 10  -11 ?   ?   ?   A . n 
A 1 11  SER 11  -10 ?   ?   ?   A . n 
A 1 12  SER 12  -9  ?   ?   ?   A . n 
A 1 13  GLY 13  -8  ?   ?   ?   A . n 
A 1 14  LEU 14  -7  ?   ?   ?   A . n 
A 1 15  VAL 15  -6  ?   ?   ?   A . n 
A 1 16  PRO 16  -5  ?   ?   ?   A . n 
A 1 17  ARG 17  -4  -4  ARG ARG A . n 
A 1 18  GLY 18  -3  -3  GLY GLY A . n 
A 1 19  SER 19  -2  -2  SER SER A . n 
A 1 20  HIS 20  -1  -1  HIS HIS A . n 
A 1 21  MET 21  0   0   MET MET A . n 
A 1 22  CYS 22  1   1   CYS CYS A . n 
A 1 23  ASP 23  2   2   ASP ASP A . n 
A 1 24  ALA 24  3   3   ALA ALA A . n 
A 1 25  PHE 25  4   4   PHE PHE A . n 
A 1 26  VAL 26  5   5   VAL VAL A . n 
A 1 27  GLY 27  6   6   GLY GLY A . n 
A 1 28  THR 28  7   7   THR THR A . n 
A 1 29  TRP 29  8   8   TRP TRP A . n 
A 1 30  LYS 30  9   9   LYS LYS A . n 
A 1 31  LEU 31  10  10  LEU LEU A . n 
A 1 32  VAL 32  11  11  VAL VAL A . n 
A 1 33  SER 33  12  12  SER SER A . n 
A 1 34  SER 34  13  13  SER SER A . n 
A 1 35  GLU 35  14  14  GLU GLU A . n 
A 1 36  ASN 36  15  15  ASN ASN A . n 
A 1 37  PHE 37  16  16  PHE PHE A . n 
A 1 38  ASP 38  17  17  ASP ASP A . n 
A 1 39  ASP 39  18  18  ASP ASP A . n 
A 1 40  TYR 40  19  19  TYR TYR A . n 
A 1 41  MET 41  20  20  MET MET A . n 
A 1 42  LYS 42  21  21  LYS LYS A . n 
A 1 43  GLU 43  22  22  GLU GLU A . n 
A 1 44  VAL 44  23  23  VAL VAL A . n 
A 1 45  GLY 45  24  24  GLY GLY A . n 
A 1 46  VAL 46  25  25  VAL VAL A . n 
A 1 47  GLY 47  26  26  GLY GLY A . n 
A 1 48  PHE 48  27  27  PHE PHE A . n 
A 1 49  ALA 49  28  28  ALA ALA A . n 
A 1 50  THR 50  29  29  THR THR A . n 
A 1 51  ARG 51  30  30  ARG ARG A . n 
A 1 52  LYS 52  31  31  LYS LYS A . n 
A 1 53  VAL 53  32  32  VAL VAL A . n 
A 1 54  ALA 54  33  33  ALA ALA A . n 
A 1 55  GLY 55  34  34  GLY GLY A . n 
A 1 56  MET 56  35  35  MET MET A . n 
A 1 57  ALA 57  36  36  ALA ALA A . n 
A 1 58  LYS 58  37  37  LYS LYS A . n 
A 1 59  PRO 59  38  38  PRO PRO A . n 
A 1 60  ASN 60  39  39  ASN ASN A . n 
A 1 61  MET 61  40  40  MET MET A . n 
A 1 62  ILE 62  41  41  ILE ILE A . n 
A 1 63  ILE 63  42  42  ILE ILE A . n 
A 1 64  SER 64  43  43  SER SER A . n 
A 1 65  VAL 65  44  44  VAL VAL A . n 
A 1 66  ASN 66  45  45  ASN ASN A . n 
A 1 67  GLY 67  46  46  GLY GLY A . n 
A 1 68  ASP 68  47  47  ASP ASP A . n 
A 1 69  VAL 69  48  48  VAL VAL A . n 
A 1 70  ILE 70  49  49  ILE ILE A . n 
A 1 71  THR 71  50  50  THR THR A . n 
A 1 72  ILE 72  51  51  ILE ILE A . n 
A 1 73  LYS 73  52  52  LYS LYS A . n 
A 1 74  SER 74  53  53  SER SER A . n 
A 1 75  GLU 75  54  54  GLU GLU A . n 
A 1 76  SER 76  55  55  SER SER A . n 
A 1 77  THR 77  56  56  THR THR A . n 
A 1 78  PHE 78  57  57  PHE PHE A . n 
A 1 79  LYS 79  58  58  LYS LYS A . n 
A 1 80  ASN 80  59  59  ASN ASN A . n 
A 1 81  THR 81  60  60  THR THR A . n 
A 1 82  GLU 82  61  61  GLU GLU A . n 
A 1 83  ILE 83  62  62  ILE ILE A . n 
A 1 84  SER 84  63  63  SER SER A . n 
A 1 85  PHE 85  64  64  PHE PHE A . n 
A 1 86  ILE 86  65  65  ILE ILE A . n 
A 1 87  LEU 87  66  66  LEU LEU A . n 
A 1 88  GLY 88  67  67  GLY GLY A . n 
A 1 89  GLN 89  68  68  GLN GLN A . n 
A 1 90  GLU 90  69  69  GLU GLU A . n 
A 1 91  PHE 91  70  70  PHE PHE A . n 
A 1 92  ASP 92  71  71  ASP ASP A . n 
A 1 93  GLU 93  72  72  GLU GLU A . n 
A 1 94  VAL 94  73  73  VAL VAL A . n 
A 1 95  THR 95  74  74  THR THR A . n 
A 1 96  ALA 96  75  75  ALA ALA A . n 
A 1 97  ASP 97  76  76  ASP ASP A . n 
A 1 98  ASP 98  77  77  ASP ASP A . n 
A 1 99  ARG 99  78  78  ARG ARG A . n 
A 1 100 LYS 100 79  79  LYS LYS A . n 
A 1 101 VAL 101 80  80  VAL VAL A . n 
A 1 102 LYS 102 81  81  LYS LYS A . n 
A 1 103 SER 103 82  82  SER SER A . n 
A 1 104 THR 104 83  83  THR THR A . n 
A 1 105 ILE 105 84  84  ILE ILE A . n 
A 1 106 THR 106 85  85  THR THR A . n 
A 1 107 LEU 107 86  86  LEU LEU A . n 
A 1 108 ASP 108 87  87  ASP ASP A . n 
A 1 109 GLY 109 88  88  GLY GLY A . n 
A 1 110 GLY 110 89  89  GLY GLY A . n 
A 1 111 VAL 111 90  90  VAL VAL A . n 
A 1 112 LEU 112 91  91  LEU LEU A . n 
A 1 113 VAL 113 92  92  VAL VAL A . n 
A 1 114 HIS 114 93  93  HIS HIS A . n 
A 1 115 VAL 115 94  94  VAL VAL A . n 
A 1 116 GLN 116 95  95  GLN GLN A . n 
A 1 117 LYS 117 96  96  LYS LYS A . n 
A 1 118 TRP 118 97  97  TRP TRP A . n 
A 1 119 ASP 119 98  98  ASP ASP A . n 
A 1 120 GLY 120 99  99  GLY GLY A . n 
A 1 121 LYS 121 100 100 LYS LYS A . n 
A 1 122 SER 122 101 101 SER SER A . n 
A 1 123 THR 123 102 102 THR THR A . n 
A 1 124 THR 124 103 103 THR THR A . n 
A 1 125 ILE 125 104 104 ILE ILE A . n 
A 1 126 LYS 126 105 105 LYS LYS A . n 
A 1 127 ARG 127 106 106 ARG ARG A . n 
A 1 128 LYS 128 107 107 LYS LYS A . n 
A 1 129 ARG 129 108 108 ARG ARG A . n 
A 1 130 GLU 130 109 109 GLU GLU A . n 
A 1 131 ASP 131 110 110 ASP ASP A . n 
A 1 132 ASP 132 111 111 ASP ASP A . n 
A 1 133 LYS 133 112 112 LYS LYS A . n 
A 1 134 LEU 134 113 113 LEU LEU A . n 
A 1 135 VAL 135 114 114 VAL VAL A . n 
A 1 136 VAL 136 115 115 VAL VAL A . n 
A 1 137 GLU 137 116 116 GLU GLU A . n 
A 1 138 CYS 138 117 117 CYS CYS A . n 
A 1 139 VAL 139 118 118 VAL VAL A . n 
A 1 140 MET 140 119 119 MET MET A . n 
A 1 141 LYS 141 120 120 LYS LYS A . n 
A 1 142 GLY 142 121 121 GLY GLY A . n 
A 1 143 VAL 143 122 122 VAL VAL A . n 
A 1 144 THR 144 123 123 THR THR A . n 
A 1 145 SER 145 124 124 SER SER A . n 
A 1 146 THR 146 125 125 THR THR A . n 
A 1 147 ARG 147 126 126 ARG ARG A . n 
A 1 148 VAL 148 127 127 VAL VAL A . n 
A 1 149 TYR 149 128 128 TYR TYR A . n 
A 1 150 GLU 150 129 129 GLU GLU A . n 
A 1 151 ARG 151 130 130 ARG ARG A . n 
A 1 152 ALA 152 131 131 ALA ALA A . n 
# 
loop_
_pdbx_nonpoly_scheme.asym_id 
_pdbx_nonpoly_scheme.entity_id 
_pdbx_nonpoly_scheme.mon_id 
_pdbx_nonpoly_scheme.ndb_seq_num 
_pdbx_nonpoly_scheme.pdb_seq_num 
_pdbx_nonpoly_scheme.auth_seq_num 
_pdbx_nonpoly_scheme.pdb_mon_id 
_pdbx_nonpoly_scheme.auth_mon_id 
_pdbx_nonpoly_scheme.pdb_strand_id 
_pdbx_nonpoly_scheme.pdb_ins_code 
B 2 8JR 1   200 200 8JR LIG A . 
C 3 HOH 1   301 518 HOH HOH A . 
C 3 HOH 2   302 490 HOH HOH A . 
C 3 HOH 3   303 462 HOH HOH A . 
C 3 HOH 4   304 475 HOH HOH A . 
C 3 HOH 5   305 502 HOH HOH A . 
C 3 HOH 6   306 450 HOH HOH A . 
C 3 HOH 7   307 493 HOH HOH A . 
C 3 HOH 8   308 452 HOH HOH A . 
C 3 HOH 9   309 451 HOH HOH A . 
C 3 HOH 10  310 404 HOH HOH A . 
C 3 HOH 11  311 486 HOH HOH A . 
C 3 HOH 12  312 442 HOH HOH A . 
C 3 HOH 13  313 409 HOH HOH A . 
C 3 HOH 14  314 443 HOH HOH A . 
C 3 HOH 15  315 454 HOH HOH A . 
C 3 HOH 16  316 473 HOH HOH A . 
C 3 HOH 17  317 492 HOH HOH A . 
C 3 HOH 18  318 437 HOH HOH A . 
C 3 HOH 19  319 414 HOH HOH A . 
C 3 HOH 20  320 426 HOH HOH A . 
C 3 HOH 21  321 455 HOH HOH A . 
C 3 HOH 22  322 456 HOH HOH A . 
C 3 HOH 23  323 474 HOH HOH A . 
C 3 HOH 24  324 420 HOH HOH A . 
C 3 HOH 25  325 457 HOH HOH A . 
C 3 HOH 26  326 410 HOH HOH A . 
C 3 HOH 27  327 407 HOH HOH A . 
C 3 HOH 28  328 466 HOH HOH A . 
C 3 HOH 29  329 408 HOH HOH A . 
C 3 HOH 30  330 412 HOH HOH A . 
C 3 HOH 31  331 417 HOH HOH A . 
C 3 HOH 32  332 415 HOH HOH A . 
C 3 HOH 33  333 469 HOH HOH A . 
C 3 HOH 34  334 441 HOH HOH A . 
C 3 HOH 35  335 480 HOH HOH A . 
C 3 HOH 36  336 428 HOH HOH A . 
C 3 HOH 37  337 507 HOH HOH A . 
C 3 HOH 38  338 485 HOH HOH A . 
C 3 HOH 39  339 458 HOH HOH A . 
C 3 HOH 40  340 461 HOH HOH A . 
C 3 HOH 41  341 483 HOH HOH A . 
C 3 HOH 42  342 496 HOH HOH A . 
C 3 HOH 43  343 470 HOH HOH A . 
C 3 HOH 44  344 440 HOH HOH A . 
C 3 HOH 45  345 418 HOH HOH A . 
C 3 HOH 46  346 481 HOH HOH A . 
C 3 HOH 47  347 460 HOH HOH A . 
C 3 HOH 48  348 403 HOH HOH A . 
C 3 HOH 49  349 434 HOH HOH A . 
C 3 HOH 50  350 405 HOH HOH A . 
C 3 HOH 51  351 487 HOH HOH A . 
C 3 HOH 52  352 406 HOH HOH A . 
C 3 HOH 53  353 402 HOH HOH A . 
C 3 HOH 54  354 424 HOH HOH A . 
C 3 HOH 55  355 495 HOH HOH A . 
C 3 HOH 56  356 413 HOH HOH A . 
C 3 HOH 57  357 464 HOH HOH A . 
C 3 HOH 58  358 421 HOH HOH A . 
C 3 HOH 59  359 430 HOH HOH A . 
C 3 HOH 60  360 435 HOH HOH A . 
C 3 HOH 61  361 423 HOH HOH A . 
C 3 HOH 62  362 439 HOH HOH A . 
C 3 HOH 63  363 445 HOH HOH A . 
C 3 HOH 64  364 453 HOH HOH A . 
C 3 HOH 65  365 504 HOH HOH A . 
C 3 HOH 66  366 468 HOH HOH A . 
C 3 HOH 67  367 429 HOH HOH A . 
C 3 HOH 68  368 431 HOH HOH A . 
C 3 HOH 69  369 484 HOH HOH A . 
C 3 HOH 70  370 465 HOH HOH A . 
C 3 HOH 71  371 401 HOH HOH A . 
C 3 HOH 72  372 422 HOH HOH A . 
C 3 HOH 73  373 411 HOH HOH A . 
C 3 HOH 74  374 416 HOH HOH A . 
C 3 HOH 75  375 433 HOH HOH A . 
C 3 HOH 76  376 448 HOH HOH A . 
C 3 HOH 77  377 436 HOH HOH A . 
C 3 HOH 78  378 446 HOH HOH A . 
C 3 HOH 79  379 447 HOH HOH A . 
C 3 HOH 80  380 471 HOH HOH A . 
C 3 HOH 81  381 427 HOH HOH A . 
C 3 HOH 82  382 444 HOH HOH A . 
C 3 HOH 83  383 438 HOH HOH A . 
C 3 HOH 84  384 463 HOH HOH A . 
C 3 HOH 85  385 477 HOH HOH A . 
C 3 HOH 86  386 459 HOH HOH A . 
C 3 HOH 87  387 512 HOH HOH A . 
C 3 HOH 88  388 432 HOH HOH A . 
C 3 HOH 89  389 476 HOH HOH A . 
C 3 HOH 90  390 517 HOH HOH A . 
C 3 HOH 91  391 499 HOH HOH A . 
C 3 HOH 92  392 482 HOH HOH A . 
C 3 HOH 93  393 419 HOH HOH A . 
C 3 HOH 94  394 425 HOH HOH A . 
C 3 HOH 95  395 498 HOH HOH A . 
C 3 HOH 96  396 472 HOH HOH A . 
C 3 HOH 97  397 479 HOH HOH A . 
C 3 HOH 98  398 516 HOH HOH A . 
C 3 HOH 99  399 506 HOH HOH A . 
C 3 HOH 100 400 503 HOH HOH A . 
C 3 HOH 101 401 449 HOH HOH A . 
C 3 HOH 102 402 488 HOH HOH A . 
C 3 HOH 103 403 505 HOH HOH A . 
C 3 HOH 104 404 467 HOH HOH A . 
C 3 HOH 105 405 513 HOH HOH A . 
C 3 HOH 106 406 491 HOH HOH A . 
C 3 HOH 107 407 494 HOH HOH A . 
C 3 HOH 108 408 508 HOH HOH A . 
C 3 HOH 109 409 489 HOH HOH A . 
C 3 HOH 110 410 478 HOH HOH A . 
C 3 HOH 111 411 514 HOH HOH A . 
C 3 HOH 112 412 501 HOH HOH A . 
C 3 HOH 113 413 500 HOH HOH A . 
C 3 HOH 114 414 497 HOH HOH A . 
C 3 HOH 115 415 515 HOH HOH A . 
C 3 HOH 116 416 510 HOH HOH A . 
C 3 HOH 117 417 509 HOH HOH A . 
C 3 HOH 118 418 511 HOH HOH A . 
# 
loop_
_pdbx_unobs_or_zero_occ_atoms.id 
_pdbx_unobs_or_zero_occ_atoms.PDB_model_num 
_pdbx_unobs_or_zero_occ_atoms.polymer_flag 
_pdbx_unobs_or_zero_occ_atoms.occupancy_flag 
_pdbx_unobs_or_zero_occ_atoms.auth_asym_id 
_pdbx_unobs_or_zero_occ_atoms.auth_comp_id 
_pdbx_unobs_or_zero_occ_atoms.auth_seq_id 
_pdbx_unobs_or_zero_occ_atoms.PDB_ins_code 
_pdbx_unobs_or_zero_occ_atoms.auth_atom_id 
_pdbx_unobs_or_zero_occ_atoms.label_alt_id 
_pdbx_unobs_or_zero_occ_atoms.label_asym_id 
_pdbx_unobs_or_zero_occ_atoms.label_comp_id 
_pdbx_unobs_or_zero_occ_atoms.label_seq_id 
_pdbx_unobs_or_zero_occ_atoms.label_atom_id 
1 1 Y 1 A ARG -4 ? CG  ? A ARG 17 CG  
2 1 Y 1 A ARG -4 ? CD  ? A ARG 17 CD  
3 1 Y 1 A ARG -4 ? NE  ? A ARG 17 NE  
4 1 Y 1 A ARG -4 ? CZ  ? A ARG 17 CZ  
5 1 Y 1 A ARG -4 ? NH1 ? A ARG 17 NH1 
6 1 Y 1 A ARG -4 ? NH2 ? A ARG 17 NH2 
# 
loop_
_software.citation_id 
_software.classification 
_software.compiler_name 
_software.compiler_version 
_software.contact_author 
_software.contact_author_email 
_software.date 
_software.description 
_software.dependencies 
_software.hardware 
_software.language 
_software.location 
_software.mods 
_software.name 
_software.os 
_software.os_version 
_software.type 
_software.version 
_software.pdbx_ordinal 
? 'data scaling'    ? ? ? ? ? ? ? ? ? ? ? HKL-2000    ? ? ? .           1 
? refinement        ? ? ? ? ? ? ? ? ? ? ? PHENIX      ? ? ? 1.11.1_2575 2 
? 'data extraction' ? ? ? ? ? ? ? ? ? ? ? PDB_EXTRACT ? ? ? 3.22        3 
? 'data reduction'  ? ? ? ? ? ? ? ? ? ? ? HKL-3000    ? ? ? .           4 
? phasing           ? ? ? ? ? ? ? ? ? ? ? PHASER      ? ? ? .           5 
# 
_cell.angle_alpha                  90.000 
_cell.angle_alpha_esd              ? 
_cell.angle_beta                   90.000 
_cell.angle_beta_esd               ? 
_cell.angle_gamma                  90.000 
_cell.angle_gamma_esd              ? 
_cell.entry_id                     5Y0X 
_cell.details                      ? 
_cell.formula_units_Z              ? 
_cell.length_a                     32.737 
_cell.length_a_esd                 ? 
_cell.length_b                     53.994 
_cell.length_b_esd                 ? 
_cell.length_c                     75.497 
_cell.length_c_esd                 ? 
_cell.volume                       ? 
_cell.volume_esd                   ? 
_cell.Z_PDB                        4 
_cell.reciprocal_angle_alpha       ? 
_cell.reciprocal_angle_beta        ? 
_cell.reciprocal_angle_gamma       ? 
_cell.reciprocal_angle_alpha_esd   ? 
_cell.reciprocal_angle_beta_esd    ? 
_cell.reciprocal_angle_gamma_esd   ? 
_cell.reciprocal_length_a          ? 
_cell.reciprocal_length_b          ? 
_cell.reciprocal_length_c          ? 
_cell.reciprocal_length_a_esd      ? 
_cell.reciprocal_length_b_esd      ? 
_cell.reciprocal_length_c_esd      ? 
_cell.pdbx_unique_axis             ? 
# 
_symmetry.entry_id                         5Y0X 
_symmetry.cell_setting                     ? 
_symmetry.Int_Tables_number                19 
_symmetry.space_group_name_Hall            ? 
_symmetry.space_group_name_H-M             'P 21 21 21' 
_symmetry.pdbx_full_space_group_name_H-M   ? 
# 
_exptl.absorpt_coefficient_mu     ? 
_exptl.absorpt_correction_T_max   ? 
_exptl.absorpt_correction_T_min   ? 
_exptl.absorpt_correction_type    ? 
_exptl.absorpt_process_details    ? 
_exptl.entry_id                   5Y0X 
_exptl.crystals_number            1 
_exptl.details                    ? 
_exptl.method                     'X-RAY DIFFRACTION' 
_exptl.method_details             ? 
# 
_exptl_crystal.colour                      ? 
_exptl_crystal.density_diffrn              ? 
_exptl_crystal.density_Matthews            1.97 
_exptl_crystal.density_method              ? 
_exptl_crystal.density_percent_sol         37.65 
_exptl_crystal.description                 ? 
_exptl_crystal.F_000                       ? 
_exptl_crystal.id                          1 
_exptl_crystal.preparation                 ? 
_exptl_crystal.size_max                    ? 
_exptl_crystal.size_mid                    ? 
_exptl_crystal.size_min                    ? 
_exptl_crystal.size_rad                    ? 
_exptl_crystal.colour_lustre               ? 
_exptl_crystal.colour_modifier             ? 
_exptl_crystal.colour_primary              ? 
_exptl_crystal.density_meas                ? 
_exptl_crystal.density_meas_esd            ? 
_exptl_crystal.density_meas_gt             ? 
_exptl_crystal.density_meas_lt             ? 
_exptl_crystal.density_meas_temp           ? 
_exptl_crystal.density_meas_temp_esd       ? 
_exptl_crystal.density_meas_temp_gt        ? 
_exptl_crystal.density_meas_temp_lt        ? 
_exptl_crystal.pdbx_crystal_image_url      ? 
_exptl_crystal.pdbx_crystal_image_format   ? 
_exptl_crystal.pdbx_mosaicity              ? 
_exptl_crystal.pdbx_mosaicity_esd          ? 
# 
_exptl_crystal_grow.apparatus       ? 
_exptl_crystal_grow.atmosphere      ? 
_exptl_crystal_grow.crystal_id      1 
_exptl_crystal_grow.details         ? 
_exptl_crystal_grow.method          'VAPOR DIFFUSION, HANGING DROP' 
_exptl_crystal_grow.method_ref      ? 
_exptl_crystal_grow.pH              6.5 
_exptl_crystal_grow.pressure        ? 
_exptl_crystal_grow.pressure_esd    ? 
_exptl_crystal_grow.seeding         ? 
_exptl_crystal_grow.seeding_ref     ? 
_exptl_crystal_grow.temp            293.0 
_exptl_crystal_grow.temp_details    ? 
_exptl_crystal_grow.temp_esd        ? 
_exptl_crystal_grow.time            ? 
_exptl_crystal_grow.pdbx_details    '1.6M trisodium citrate, PH6.5' 
_exptl_crystal_grow.pdbx_pH_range   ? 
# 
_diffrn.ambient_environment    ? 
_diffrn.ambient_temp           100.0 
_diffrn.ambient_temp_details   ? 
_diffrn.ambient_temp_esd       ? 
_diffrn.crystal_id             1 
_diffrn.crystal_support        ? 
_diffrn.crystal_treatment      ? 
_diffrn.details                ? 
_diffrn.id                     1 
_diffrn.ambient_pressure       ? 
_diffrn.ambient_pressure_esd   ? 
_diffrn.ambient_pressure_gt    ? 
_diffrn.ambient_pressure_lt    ? 
_diffrn.ambient_temp_gt        ? 
_diffrn.ambient_temp_lt        ? 
# 
_diffrn_detector.details                      ? 
_diffrn_detector.detector                     PIXEL 
_diffrn_detector.diffrn_id                    1 
_diffrn_detector.type                         'DECTRIS PILATUS 2M' 
_diffrn_detector.area_resol_mean              ? 
_diffrn_detector.dtime                        ? 
_diffrn_detector.pdbx_frames_total            ? 
_diffrn_detector.pdbx_collection_time_total   ? 
_diffrn_detector.pdbx_collection_date         2017-06-28 
# 
_diffrn_radiation.collimation                      ? 
_diffrn_radiation.diffrn_id                        1 
_diffrn_radiation.filter_edge                      ? 
_diffrn_radiation.inhomogeneity                    ? 
_diffrn_radiation.monochromator                    ? 
_diffrn_radiation.polarisn_norm                    ? 
_diffrn_radiation.polarisn_ratio                   ? 
_diffrn_radiation.probe                            ? 
_diffrn_radiation.type                             ? 
_diffrn_radiation.xray_symbol                      ? 
_diffrn_radiation.wavelength_id                    1 
_diffrn_radiation.pdbx_monochromatic_or_laue_m_l   M 
_diffrn_radiation.pdbx_wavelength_list             ? 
_diffrn_radiation.pdbx_wavelength                  ? 
_diffrn_radiation.pdbx_diffrn_protocol             'SINGLE WAVELENGTH' 
_diffrn_radiation.pdbx_analyzer                    ? 
_diffrn_radiation.pdbx_scattering_type             x-ray 
# 
_diffrn_radiation_wavelength.id           1 
_diffrn_radiation_wavelength.wavelength   0.9778 
_diffrn_radiation_wavelength.wt           1.0 
# 
_diffrn_source.current                     ? 
_diffrn_source.details                     ? 
_diffrn_source.diffrn_id                   1 
_diffrn_source.power                       ? 
_diffrn_source.size                        ? 
_diffrn_source.source                      SYNCHROTRON 
_diffrn_source.target                      ? 
_diffrn_source.type                        'SSRF BEAMLINE BL19U1' 
_diffrn_source.voltage                     ? 
_diffrn_source.take-off_angle              ? 
_diffrn_source.pdbx_wavelength_list        0.9778 
_diffrn_source.pdbx_wavelength             ? 
_diffrn_source.pdbx_synchrotron_beamline   BL19U1 
_diffrn_source.pdbx_synchrotron_site       SSRF 
# 
_reflns.B_iso_Wilson_estimate            12.390 
_reflns.entry_id                         5Y0X 
_reflns.data_reduction_details           ? 
_reflns.data_reduction_method            ? 
_reflns.d_resolution_high                1.600 
_reflns.d_resolution_low                 50.000 
_reflns.details                          ? 
_reflns.limit_h_max                      ? 
_reflns.limit_h_min                      ? 
_reflns.limit_k_max                      ? 
_reflns.limit_k_min                      ? 
_reflns.limit_l_max                      ? 
_reflns.limit_l_min                      ? 
_reflns.number_all                       ? 
_reflns.number_obs                       17836 
_reflns.observed_criterion               ? 
_reflns.observed_criterion_F_max         ? 
_reflns.observed_criterion_F_min         ? 
_reflns.observed_criterion_I_max         ? 
_reflns.observed_criterion_I_min         ? 
_reflns.observed_criterion_sigma_F       ? 
_reflns.observed_criterion_sigma_I       ? 
_reflns.percent_possible_obs             97.900 
_reflns.R_free_details                   ? 
_reflns.Rmerge_F_all                     ? 
_reflns.Rmerge_F_obs                     ? 
_reflns.Friedel_coverage                 ? 
_reflns.number_gt                        ? 
_reflns.threshold_expression             ? 
_reflns.pdbx_redundancy                  10.700 
_reflns.pdbx_Rmerge_I_obs                0.091 
_reflns.pdbx_Rmerge_I_all                ? 
_reflns.pdbx_Rsym_value                  ? 
_reflns.pdbx_netI_over_av_sigmaI         ? 
_reflns.pdbx_netI_over_sigmaI            9.500 
_reflns.pdbx_res_netI_over_av_sigmaI_2   ? 
_reflns.pdbx_res_netI_over_sigmaI_2      ? 
_reflns.pdbx_chi_squared                 0.894 
_reflns.pdbx_scaling_rejects             ? 
_reflns.pdbx_d_res_high_opt              ? 
_reflns.pdbx_d_res_low_opt               ? 
_reflns.pdbx_d_res_opt_method            ? 
_reflns.phase_calculation_details        ? 
_reflns.pdbx_Rrim_I_all                  0.095 
_reflns.pdbx_Rpim_I_all                  0.028 
_reflns.pdbx_d_opt                       ? 
_reflns.pdbx_number_measured_all         190676 
_reflns.pdbx_diffrn_id                   1 
_reflns.pdbx_ordinal                     1 
_reflns.pdbx_CC_half                     ? 
_reflns.pdbx_R_split                     ? 
# 
loop_
_reflns_shell.d_res_high 
_reflns_shell.d_res_low 
_reflns_shell.meanI_over_sigI_all 
_reflns_shell.meanI_over_sigI_obs 
_reflns_shell.number_measured_all 
_reflns_shell.number_measured_obs 
_reflns_shell.number_possible 
_reflns_shell.number_unique_all 
_reflns_shell.number_unique_obs 
_reflns_shell.percent_possible_all 
_reflns_shell.percent_possible_obs 
_reflns_shell.Rmerge_F_all 
_reflns_shell.Rmerge_F_obs 
_reflns_shell.Rmerge_I_all 
_reflns_shell.Rmerge_I_obs 
_reflns_shell.meanI_over_sigI_gt 
_reflns_shell.meanI_over_uI_all 
_reflns_shell.meanI_over_uI_gt 
_reflns_shell.number_measured_gt 
_reflns_shell.number_unique_gt 
_reflns_shell.percent_possible_gt 
_reflns_shell.Rmerge_F_gt 
_reflns_shell.Rmerge_I_gt 
_reflns_shell.pdbx_redundancy 
_reflns_shell.pdbx_Rsym_value 
_reflns_shell.pdbx_chi_squared 
_reflns_shell.pdbx_netI_over_sigmaI_all 
_reflns_shell.pdbx_netI_over_sigmaI_obs 
_reflns_shell.pdbx_Rrim_I_all 
_reflns_shell.pdbx_Rpim_I_all 
_reflns_shell.pdbx_rejects 
_reflns_shell.pdbx_ordinal 
_reflns_shell.pdbx_diffrn_id 
_reflns_shell.pdbx_CC_half 
_reflns_shell.pdbx_R_split 
1.600 1.630  ? ? ? ? ? 823  ? 90.800  ? ? ? ? 0.392 ? ? ? ? ? ? ? ? 7.500  ? 0.874 ? ? 0.414 0.131 ? 1  1 0.959 ? 
1.630 1.660  ? ? ? ? ? 828  ? 94.300  ? ? ? ? 0.418 ? ? ? ? ? ? ? ? 7.900  ? 0.869 ? ? 0.441 0.138 ? 2  1 0.976 ? 
1.660 1.690  ? ? ? ? ? 829  ? 91.800  ? ? ? ? 0.388 ? ? ? ? ? ? ? ? 8.200  ? 0.898 ? ? 0.409 0.127 ? 3  1 0.981 ? 
1.690 1.720  ? ? ? ? ? 798  ? 91.100  ? ? ? ? 0.370 ? ? ? ? ? ? ? ? 8.700  ? 0.965 ? ? 0.390 0.121 ? 4  1 0.976 ? 
1.720 1.760  ? ? ? ? ? 854  ? 96.000  ? ? ? ? 0.325 ? ? ? ? ? ? ? ? 9.400  ? 0.945 ? ? 0.342 0.102 ? 5  1 0.987 ? 
1.760 1.800  ? ? ? ? ? 875  ? 95.500  ? ? ? ? 0.321 ? ? ? ? ? ? ? ? 10.000 ? 0.868 ? ? 0.337 0.100 ? 6  1 0.985 ? 
1.800 1.850  ? ? ? ? ? 865  ? 98.700  ? ? ? ? 0.277 ? ? ? ? ? ? ? ? 10.400 ? 1.022 ? ? 0.290 0.085 ? 7  1 0.987 ? 
1.850 1.900  ? ? ? ? ? 889  ? 99.900  ? ? ? ? 0.245 ? ? ? ? ? ? ? ? 10.700 ? 1.029 ? ? 0.257 0.076 ? 8  1 0.987 ? 
1.900 1.950  ? ? ? ? ? 908  ? 100.000 ? ? ? ? 0.217 ? ? ? ? ? ? ? ? 11.000 ? 1.048 ? ? 0.227 0.066 ? 9  1 0.991 ? 
1.950 2.020  ? ? ? ? ? 899  ? 100.000 ? ? ? ? 0.183 ? ? ? ? ? ? ? ? 10.700 ? 1.048 ? ? 0.192 0.057 ? 10 1 0.991 ? 
2.020 2.090  ? ? ? ? ? 903  ? 99.900  ? ? ? ? 0.169 ? ? ? ? ? ? ? ? 11.300 ? 1.027 ? ? 0.177 0.052 ? 11 1 0.992 ? 
2.090 2.170  ? ? ? ? ? 912  ? 100.000 ? ? ? ? 0.155 ? ? ? ? ? ? ? ? 12.200 ? 0.980 ? ? 0.162 0.046 ? 12 1 0.994 ? 
2.170 2.270  ? ? ? ? ? 886  ? 99.900  ? ? ? ? 0.138 ? ? ? ? ? ? ? ? 12.700 ? 0.955 ? ? 0.144 0.041 ? 13 1 0.994 ? 
2.270 2.390  ? ? ? ? ? 905  ? 100.000 ? ? ? ? 0.122 ? ? ? ? ? ? ? ? 12.500 ? 0.939 ? ? 0.127 0.036 ? 14 1 0.995 ? 
2.390 2.540  ? ? ? ? ? 922  ? 100.000 ? ? ? ? 0.112 ? ? ? ? ? ? ? ? 12.200 ? 0.912 ? ? 0.117 0.034 ? 15 1 0.996 ? 
2.540 2.740  ? ? ? ? ? 925  ? 100.000 ? ? ? ? 0.098 ? ? ? ? ? ? ? ? 11.900 ? 0.909 ? ? 0.103 0.030 ? 16 1 0.995 ? 
2.740 3.010  ? ? ? ? ? 922  ? 100.000 ? ? ? ? 0.083 ? ? ? ? ? ? ? ? 12.700 ? 0.840 ? ? 0.087 0.024 ? 17 1 0.996 ? 
3.010 3.450  ? ? ? ? ? 922  ? 100.000 ? ? ? ? 0.066 ? ? ? ? ? ? ? ? 11.800 ? 0.725 ? ? 0.070 0.020 ? 18 1 0.997 ? 
3.450 4.340  ? ? ? ? ? 944  ? 99.800  ? ? ? ? 0.055 ? ? ? ? ? ? ? ? 10.800 ? 0.567 ? ? 0.058 0.017 ? 19 1 0.997 ? 
4.340 50.000 ? ? ? ? ? 1027 ? 99.600  ? ? ? ? 0.054 ? ? ? ? ? ? ? ? 10.200 ? 0.526 ? ? 0.057 0.018 ? 20 1 0.995 ? 
# 
_refine.aniso_B[1][1]                            ? 
_refine.aniso_B[1][2]                            ? 
_refine.aniso_B[1][3]                            ? 
_refine.aniso_B[2][2]                            ? 
_refine.aniso_B[2][3]                            ? 
_refine.aniso_B[3][3]                            ? 
_refine.B_iso_max                                44.620 
_refine.B_iso_mean                               15.4721 
_refine.B_iso_min                                4.860 
_refine.correlation_coeff_Fo_to_Fc               ? 
_refine.correlation_coeff_Fo_to_Fc_free          ? 
_refine.details                                  ? 
_refine.diff_density_max                         ? 
_refine.diff_density_max_esd                     ? 
_refine.diff_density_min                         ? 
_refine.diff_density_min_esd                     ? 
_refine.diff_density_rms                         ? 
_refine.diff_density_rms_esd                     ? 
_refine.entry_id                                 5Y0X 
_refine.pdbx_refine_id                           'X-RAY DIFFRACTION' 
_refine.ls_abs_structure_details                 ? 
_refine.ls_abs_structure_Flack                   ? 
_refine.ls_abs_structure_Flack_esd               ? 
_refine.ls_abs_structure_Rogers                  ? 
_refine.ls_abs_structure_Rogers_esd              ? 
_refine.ls_d_res_high                            1.6040 
_refine.ls_d_res_low                             43.9180 
_refine.ls_extinction_coef                       ? 
_refine.ls_extinction_coef_esd                   ? 
_refine.ls_extinction_expression                 ? 
_refine.ls_extinction_method                     ? 
_refine.ls_goodness_of_fit_all                   ? 
_refine.ls_goodness_of_fit_all_esd               ? 
_refine.ls_goodness_of_fit_obs                   ? 
_refine.ls_goodness_of_fit_obs_esd               ? 
_refine.ls_hydrogen_treatment                    ? 
_refine.ls_matrix_type                           ? 
_refine.ls_number_constraints                    ? 
_refine.ls_number_parameters                     ? 
_refine.ls_number_reflns_all                     ? 
_refine.ls_number_reflns_obs                     16646 
_refine.ls_number_reflns_R_free                  861 
_refine.ls_number_reflns_R_work                  ? 
_refine.ls_number_restraints                     ? 
_refine.ls_percent_reflns_obs                    91.4600 
_refine.ls_percent_reflns_R_free                 5.1700 
_refine.ls_R_factor_all                          ? 
_refine.ls_R_factor_obs                          0.1916 
_refine.ls_R_factor_R_free                       0.2321 
_refine.ls_R_factor_R_free_error                 ? 
_refine.ls_R_factor_R_free_error_details         ? 
_refine.ls_R_factor_R_work                       0.1894 
_refine.ls_R_Fsqd_factor_obs                     ? 
_refine.ls_R_I_factor_obs                        ? 
_refine.ls_redundancy_reflns_all                 ? 
_refine.ls_redundancy_reflns_obs                 ? 
_refine.ls_restrained_S_all                      ? 
_refine.ls_restrained_S_obs                      ? 
_refine.ls_shift_over_esd_max                    ? 
_refine.ls_shift_over_esd_mean                   ? 
_refine.ls_structure_factor_coef                 ? 
_refine.ls_weighting_details                     ? 
_refine.ls_weighting_scheme                      ? 
_refine.ls_wR_factor_all                         ? 
_refine.ls_wR_factor_obs                         ? 
_refine.ls_wR_factor_R_free                      ? 
_refine.ls_wR_factor_R_work                      ? 
_refine.occupancy_max                            ? 
_refine.occupancy_min                            ? 
_refine.solvent_model_details                    ? 
_refine.solvent_model_param_bsol                 ? 
_refine.solvent_model_param_ksol                 ? 
_refine.ls_R_factor_gt                           ? 
_refine.ls_goodness_of_fit_gt                    ? 
_refine.ls_goodness_of_fit_ref                   ? 
_refine.ls_shift_over_su_max                     ? 
_refine.ls_shift_over_su_max_lt                  ? 
_refine.ls_shift_over_su_mean                    ? 
_refine.ls_shift_over_su_mean_lt                 ? 
_refine.pdbx_ls_sigma_I                          ? 
_refine.pdbx_ls_sigma_F                          1.380 
_refine.pdbx_ls_sigma_Fsqd                       ? 
_refine.pdbx_data_cutoff_high_absF               ? 
_refine.pdbx_data_cutoff_high_rms_absF           ? 
_refine.pdbx_data_cutoff_low_absF                ? 
_refine.pdbx_isotropic_thermal_model             ? 
_refine.pdbx_ls_cross_valid_method               'FREE R-VALUE' 
_refine.pdbx_method_to_determine_struct          ? 
_refine.pdbx_starting_model                      ? 
_refine.pdbx_stereochemistry_target_values       ? 
_refine.pdbx_R_Free_selection_details            ? 
_refine.pdbx_stereochem_target_val_spec_case     ? 
_refine.pdbx_overall_ESU_R                       ? 
_refine.pdbx_overall_ESU_R_Free                  ? 
_refine.pdbx_solvent_vdw_probe_radii             1.1100 
_refine.pdbx_solvent_ion_probe_radii             ? 
_refine.pdbx_solvent_shrinkage_radii             0.9000 
_refine.pdbx_real_space_R                        ? 
_refine.pdbx_density_correlation                 ? 
_refine.pdbx_pd_number_of_powder_patterns        ? 
_refine.pdbx_pd_number_of_points                 ? 
_refine.pdbx_pd_meas_number_of_points            ? 
_refine.pdbx_pd_proc_ls_prof_R_factor            ? 
_refine.pdbx_pd_proc_ls_prof_wR_factor           ? 
_refine.pdbx_pd_Marquardt_correlation_coeff      ? 
_refine.pdbx_pd_Fsqrd_R_factor                   ? 
_refine.pdbx_pd_ls_matrix_band_width             ? 
_refine.pdbx_overall_phase_error                 22.1300 
_refine.pdbx_overall_SU_R_free_Cruickshank_DPI   ? 
_refine.pdbx_overall_SU_R_free_Blow_DPI          ? 
_refine.pdbx_overall_SU_R_Blow_DPI               ? 
_refine.pdbx_TLS_residual_ADP_flag               ? 
_refine.pdbx_diffrn_id                           1 
_refine.overall_SU_B                             ? 
_refine.overall_SU_ML                            0.1600 
_refine.overall_SU_R_Cruickshank_DPI             ? 
_refine.overall_SU_R_free                        ? 
_refine.overall_FOM_free_R_set                   ? 
_refine.overall_FOM_work_R_set                   ? 
_refine.pdbx_average_fsc_overall                 ? 
_refine.pdbx_average_fsc_work                    ? 
_refine.pdbx_average_fsc_free                    ? 
# 
_refine_hist.cycle_id                         final 
_refine_hist.pdbx_refine_id                   'X-RAY DIFFRACTION' 
_refine_hist.d_res_high                       1.6040 
_refine_hist.d_res_low                        43.9180 
_refine_hist.pdbx_number_atoms_ligand         26 
_refine_hist.number_atoms_solvent             118 
_refine_hist.number_atoms_total               1198 
_refine_hist.pdbx_number_residues_total       136 
_refine_hist.pdbx_B_iso_mean_ligand           21.44 
_refine_hist.pdbx_B_iso_mean_solvent          24.82 
_refine_hist.pdbx_number_atoms_protein        1054 
_refine_hist.pdbx_number_atoms_nucleic_acid   0 
# 
loop_
_refine_ls_restr.pdbx_refine_id 
_refine_ls_restr.criterion 
_refine_ls_restr.dev_ideal 
_refine_ls_restr.dev_ideal_target 
_refine_ls_restr.number 
_refine_ls_restr.rejects 
_refine_ls_restr.type 
_refine_ls_restr.weight 
_refine_ls_restr.pdbx_restraint_function 
'X-RAY DIFFRACTION' ? 0.006 ? 1100 ? f_bond_d           ? ? 
'X-RAY DIFFRACTION' ? 0.824 ? 1483 ? f_angle_d          ? ? 
'X-RAY DIFFRACTION' ? 0.055 ? 168  ? f_chiral_restr     ? ? 
'X-RAY DIFFRACTION' ? 0.004 ? 184  ? f_plane_restr      ? ? 
'X-RAY DIFFRACTION' ? 7.469 ? 906  ? f_dihedral_angle_d ? ? 
# 
loop_
_refine_ls_shell.pdbx_refine_id 
_refine_ls_shell.d_res_high 
_refine_ls_shell.d_res_low 
_refine_ls_shell.number_reflns_all 
_refine_ls_shell.number_reflns_obs 
_refine_ls_shell.number_reflns_R_free 
_refine_ls_shell.number_reflns_R_work 
_refine_ls_shell.percent_reflns_obs 
_refine_ls_shell.percent_reflns_R_free 
_refine_ls_shell.R_factor_all 
_refine_ls_shell.R_factor_obs 
_refine_ls_shell.R_factor_R_free 
_refine_ls_shell.R_factor_R_free_error 
_refine_ls_shell.R_factor_R_work 
_refine_ls_shell.redundancy_reflns_all 
_refine_ls_shell.redundancy_reflns_obs 
_refine_ls_shell.wR_factor_all 
_refine_ls_shell.wR_factor_obs 
_refine_ls_shell.wR_factor_R_free 
_refine_ls_shell.wR_factor_R_work 
_refine_ls_shell.pdbx_total_number_of_bins_used 
_refine_ls_shell.pdbx_phase_error 
_refine_ls_shell.pdbx_fsc_work 
_refine_ls_shell.pdbx_fsc_free 
'X-RAY DIFFRACTION' 1.6036 1.7041  2187 . 128 2059 74.0000  . . . 0.2479 0.0000 0.1981 . . . . . . 6 . . . 
'X-RAY DIFFRACTION' 1.7041 1.8356  2453 . 123 2330 82.0000  . . . 0.2483 0.0000 0.1902 . . . . . . 6 . . . 
'X-RAY DIFFRACTION' 1.8356 2.0204  2780 . 128 2652 93.0000  . . . 0.2138 0.0000 0.1864 . . . . . . 6 . . . 
'X-RAY DIFFRACTION' 2.0204 2.3127  2990 . 154 2836 100.0000 . . . 0.2323 0.0000 0.1823 . . . . . . 6 . . . 
'X-RAY DIFFRACTION' 2.3127 2.9137  3051 . 162 2889 100.0000 . . . 0.2436 0.0000 0.2048 . . . . . . 6 . . . 
'X-RAY DIFFRACTION' 2.9137 43.9346 3185 . 166 3019 100.0000 . . . 0.2256 0.0000 0.1841 . . . . . . 6 . . . 
# 
_struct.entry_id                     5Y0X 
_struct.title                        
'Crystal structure of human FABP4 complexed with ligand 2-fluoro-3-((4-methoxynaphthalene)-1-sulfonamido)benzoic acid' 
_struct.pdbx_model_details           ? 
_struct.pdbx_formula_weight          ? 
_struct.pdbx_formula_weight_method   ? 
_struct.pdbx_model_type_details      ? 
_struct.pdbx_CASP_flag               N 
# 
_struct_keywords.entry_id        5Y0X 
_struct_keywords.text            'lipid binding protein, FABP4, inhibitor' 
_struct_keywords.pdbx_keywords   'LIPID BINDING PROTEIN' 
# 
loop_
_struct_asym.id 
_struct_asym.pdbx_blank_PDB_chainid_flag 
_struct_asym.pdbx_modified 
_struct_asym.entity_id 
_struct_asym.details 
A N N 1 ? 
B N N 2 ? 
C N N 3 ? 
# 
_struct_ref.id                         1 
_struct_ref.db_name                    UNP 
_struct_ref.db_code                    FABP4_HUMAN 
_struct_ref.pdbx_db_accession          P15090 
_struct_ref.pdbx_db_isoform            ? 
_struct_ref.entity_id                  1 
_struct_ref.pdbx_seq_one_letter_code   
;MCDAFVGTWKLVSSENFDDYMKEVGVGFATRKVAGMAKPNMIISVNGDVITIKSESTFKNTEISFILGQEFDEVTADDRK
VKSTITLDGGVLVHVQKWDGKSTTIKRKREDDKLVVECVMKGVTSTRVYERA
;
_struct_ref.pdbx_align_begin           1 
# 
_struct_ref_seq.align_id                      1 
_struct_ref_seq.ref_id                        1 
_struct_ref_seq.pdbx_PDB_id_code              5Y0X 
_struct_ref_seq.pdbx_strand_id                A 
_struct_ref_seq.seq_align_beg                 21 
_struct_ref_seq.pdbx_seq_align_beg_ins_code   ? 
_struct_ref_seq.seq_align_end                 152 
_struct_ref_seq.pdbx_seq_align_end_ins_code   ? 
_struct_ref_seq.pdbx_db_accession             P15090 
_struct_ref_seq.db_align_beg                  1 
_struct_ref_seq.pdbx_db_align_beg_ins_code    ? 
_struct_ref_seq.db_align_end                  132 
_struct_ref_seq.pdbx_db_align_end_ins_code    ? 
_struct_ref_seq.pdbx_auth_seq_align_beg       0 
_struct_ref_seq.pdbx_auth_seq_align_end       131 
# 
loop_
_struct_ref_seq_dif.align_id 
_struct_ref_seq_dif.pdbx_pdb_id_code 
_struct_ref_seq_dif.mon_id 
_struct_ref_seq_dif.pdbx_pdb_strand_id 
_struct_ref_seq_dif.seq_num 
_struct_ref_seq_dif.pdbx_pdb_ins_code 
_struct_ref_seq_dif.pdbx_seq_db_name 
_struct_ref_seq_dif.pdbx_seq_db_accession_code 
_struct_ref_seq_dif.db_mon_id 
_struct_ref_seq_dif.pdbx_seq_db_seq_num 
_struct_ref_seq_dif.details 
_struct_ref_seq_dif.pdbx_auth_seq_num 
_struct_ref_seq_dif.pdbx_ordinal 
1 5Y0X MET A 1  ? UNP P15090 ? ? 'expression tag' -20 1  
1 5Y0X GLY A 2  ? UNP P15090 ? ? 'expression tag' -19 2  
1 5Y0X SER A 3  ? UNP P15090 ? ? 'expression tag' -18 3  
1 5Y0X SER A 4  ? UNP P15090 ? ? 'expression tag' -17 4  
1 5Y0X HIS A 5  ? UNP P15090 ? ? 'expression tag' -16 5  
1 5Y0X HIS A 6  ? UNP P15090 ? ? 'expression tag' -15 6  
1 5Y0X HIS A 7  ? UNP P15090 ? ? 'expression tag' -14 7  
1 5Y0X HIS A 8  ? UNP P15090 ? ? 'expression tag' -13 8  
1 5Y0X HIS A 9  ? UNP P15090 ? ? 'expression tag' -12 9  
1 5Y0X HIS A 10 ? UNP P15090 ? ? 'expression tag' -11 10 
1 5Y0X SER A 11 ? UNP P15090 ? ? 'expression tag' -10 11 
1 5Y0X SER A 12 ? UNP P15090 ? ? 'expression tag' -9  12 
1 5Y0X GLY A 13 ? UNP P15090 ? ? 'expression tag' -8  13 
1 5Y0X LEU A 14 ? UNP P15090 ? ? 'expression tag' -7  14 
1 5Y0X VAL A 15 ? UNP P15090 ? ? 'expression tag' -6  15 
1 5Y0X PRO A 16 ? UNP P15090 ? ? 'expression tag' -5  16 
1 5Y0X ARG A 17 ? UNP P15090 ? ? 'expression tag' -4  17 
1 5Y0X GLY A 18 ? UNP P15090 ? ? 'expression tag' -3  18 
1 5Y0X SER A 19 ? UNP P15090 ? ? 'expression tag' -2  19 
1 5Y0X HIS A 20 ? UNP P15090 ? ? 'expression tag' -1  20 
# 
_pdbx_struct_assembly.id                   1 
_pdbx_struct_assembly.details              author_defined_assembly 
_pdbx_struct_assembly.method_details       ? 
_pdbx_struct_assembly.oligomeric_details   monomeric 
_pdbx_struct_assembly.oligomeric_count     1 
# 
loop_
_pdbx_struct_assembly_prop.biol_id 
_pdbx_struct_assembly_prop.type 
_pdbx_struct_assembly_prop.value 
_pdbx_struct_assembly_prop.details 
1 'ABSA (A^2)' 0    ? 
1 MORE         0    ? 
1 'SSA (A^2)'  7230 ? 
# 
_pdbx_struct_assembly_gen.assembly_id       1 
_pdbx_struct_assembly_gen.oper_expression   1 
_pdbx_struct_assembly_gen.asym_id_list      A,B,C 
# 
_pdbx_struct_assembly_auth_evidence.id                     1 
_pdbx_struct_assembly_auth_evidence.assembly_id            1 
_pdbx_struct_assembly_auth_evidence.experimental_support   none 
_pdbx_struct_assembly_auth_evidence.details                ? 
# 
_pdbx_struct_oper_list.id                   1 
_pdbx_struct_oper_list.type                 'identity operation' 
_pdbx_struct_oper_list.name                 1_555 
_pdbx_struct_oper_list.symmetry_operation   x,y,z 
_pdbx_struct_oper_list.matrix[1][1]         1.0000000000 
_pdbx_struct_oper_list.matrix[1][2]         0.0000000000 
_pdbx_struct_oper_list.matrix[1][3]         0.0000000000 
_pdbx_struct_oper_list.vector[1]            0.0000000000 
_pdbx_struct_oper_list.matrix[2][1]         0.0000000000 
_pdbx_struct_oper_list.matrix[2][2]         1.0000000000 
_pdbx_struct_oper_list.matrix[2][3]         0.0000000000 
_pdbx_struct_oper_list.vector[2]            0.0000000000 
_pdbx_struct_oper_list.matrix[3][1]         0.0000000000 
_pdbx_struct_oper_list.matrix[3][2]         0.0000000000 
_pdbx_struct_oper_list.matrix[3][3]         1.0000000000 
_pdbx_struct_oper_list.vector[3]            0.0000000000 
# 
loop_
_struct_conf.conf_type_id 
_struct_conf.id 
_struct_conf.pdbx_PDB_helix_id 
_struct_conf.beg_label_comp_id 
_struct_conf.beg_label_asym_id 
_struct_conf.beg_label_seq_id 
_struct_conf.pdbx_beg_PDB_ins_code 
_struct_conf.end_label_comp_id 
_struct_conf.end_label_asym_id 
_struct_conf.end_label_seq_id 
_struct_conf.pdbx_end_PDB_ins_code 
_struct_conf.beg_auth_comp_id 
_struct_conf.beg_auth_asym_id 
_struct_conf.beg_auth_seq_id 
_struct_conf.end_auth_comp_id 
_struct_conf.end_auth_asym_id 
_struct_conf.end_auth_seq_id 
_struct_conf.pdbx_PDB_helix_class 
_struct_conf.details 
_struct_conf.pdbx_PDB_helix_length 
HELX_P HELX_P1 AA1 HIS A 20 ? VAL A 26 ? HIS A -1 VAL A 5  5 ? 7  
HELX_P HELX_P2 AA2 ASN A 36 ? GLY A 45 ? ASN A 15 GLY A 24 1 ? 10 
HELX_P HELX_P3 AA3 GLY A 47 ? ALA A 57 ? GLY A 26 ALA A 36 1 ? 11 
# 
_struct_conf_type.id          HELX_P 
_struct_conf_type.criteria    ? 
_struct_conf_type.reference   ? 
# 
_struct_sheet.id               AA1 
_struct_sheet.type             ? 
_struct_sheet.number_strands   10 
_struct_sheet.details          ? 
# 
loop_
_struct_sheet_order.sheet_id 
_struct_sheet_order.range_id_1 
_struct_sheet_order.range_id_2 
_struct_sheet_order.offset 
_struct_sheet_order.sense 
AA1 1 2  ? anti-parallel 
AA1 2 3  ? anti-parallel 
AA1 3 4  ? anti-parallel 
AA1 4 5  ? anti-parallel 
AA1 5 6  ? anti-parallel 
AA1 6 7  ? anti-parallel 
AA1 7 8  ? anti-parallel 
AA1 8 9  ? anti-parallel 
AA1 9 10 ? anti-parallel 
# 
loop_
_struct_sheet_range.sheet_id 
_struct_sheet_range.id 
_struct_sheet_range.beg_label_comp_id 
_struct_sheet_range.beg_label_asym_id 
_struct_sheet_range.beg_label_seq_id 
_struct_sheet_range.pdbx_beg_PDB_ins_code 
_struct_sheet_range.end_label_comp_id 
_struct_sheet_range.end_label_asym_id 
_struct_sheet_range.end_label_seq_id 
_struct_sheet_range.pdbx_end_PDB_ins_code 
_struct_sheet_range.beg_auth_comp_id 
_struct_sheet_range.beg_auth_asym_id 
_struct_sheet_range.beg_auth_seq_id 
_struct_sheet_range.end_auth_comp_id 
_struct_sheet_range.end_auth_asym_id 
_struct_sheet_range.end_auth_seq_id 
AA1 1  ASN A 80  ? ILE A 86  ? ASN A 59  ILE A 65  
AA1 2  VAL A 69  ? GLU A 75  ? VAL A 48  GLU A 54  
AA1 3  ASN A 60  ? ASN A 66  ? ASN A 39  ASN A 45  
AA1 4  GLY A 27  ? GLU A 35  ? GLY A 6   GLU A 14  
AA1 5  VAL A 143 ? ARG A 151 ? VAL A 122 ARG A 130 
AA1 6  LYS A 133 ? MET A 140 ? LYS A 112 MET A 119 
AA1 7  LYS A 121 ? GLU A 130 ? LYS A 100 GLU A 109 
AA1 8  VAL A 111 ? TRP A 118 ? VAL A 90  TRP A 97  
AA1 9  LYS A 100 ? ASP A 108 ? LYS A 79  ASP A 87  
AA1 10 PHE A 91  ? VAL A 94  ? PHE A 70  VAL A 73  
# 
loop_
_pdbx_struct_sheet_hbond.sheet_id 
_pdbx_struct_sheet_hbond.range_id_1 
_pdbx_struct_sheet_hbond.range_id_2 
_pdbx_struct_sheet_hbond.range_1_label_atom_id 
_pdbx_struct_sheet_hbond.range_1_label_comp_id 
_pdbx_struct_sheet_hbond.range_1_label_asym_id 
_pdbx_struct_sheet_hbond.range_1_label_seq_id 
_pdbx_struct_sheet_hbond.range_1_PDB_ins_code 
_pdbx_struct_sheet_hbond.range_1_auth_atom_id 
_pdbx_struct_sheet_hbond.range_1_auth_comp_id 
_pdbx_struct_sheet_hbond.range_1_auth_asym_id 
_pdbx_struct_sheet_hbond.range_1_auth_seq_id 
_pdbx_struct_sheet_hbond.range_2_label_atom_id 
_pdbx_struct_sheet_hbond.range_2_label_comp_id 
_pdbx_struct_sheet_hbond.range_2_label_asym_id 
_pdbx_struct_sheet_hbond.range_2_label_seq_id 
_pdbx_struct_sheet_hbond.range_2_PDB_ins_code 
_pdbx_struct_sheet_hbond.range_2_auth_atom_id 
_pdbx_struct_sheet_hbond.range_2_auth_comp_id 
_pdbx_struct_sheet_hbond.range_2_auth_asym_id 
_pdbx_struct_sheet_hbond.range_2_auth_seq_id 
AA1 1 2  O THR A 81  ? O THR A 60  N SER A 74  ? N SER A 53  
AA1 2 3  O LYS A 73  ? O LYS A 52  N ILE A 62  ? N ILE A 41  
AA1 3 4  O MET A 61  ? O MET A 40  N TRP A 29  ? N TRP A 8   
AA1 4 5  N VAL A 32  ? N VAL A 11  O VAL A 148 ? O VAL A 127 
AA1 5 6  O ARG A 147 ? O ARG A 126 N VAL A 136 ? N VAL A 115 
AA1 6 7  O VAL A 135 ? O VAL A 114 N LYS A 128 ? N LYS A 107 
AA1 7 8  O LYS A 121 ? O LYS A 100 N TRP A 118 ? N TRP A 97  
AA1 8 9  O VAL A 113 ? O VAL A 92  N THR A 106 ? N THR A 85  
AA1 9 10 O VAL A 101 ? O VAL A 80  N GLU A 93  ? N GLU A 72  
# 
_struct_site.id                   AC1 
_struct_site.pdbx_evidence_code   Software 
_struct_site.pdbx_auth_asym_id    A 
_struct_site.pdbx_auth_comp_id    8JR 
_struct_site.pdbx_auth_seq_id     200 
_struct_site.pdbx_auth_ins_code   ? 
_struct_site.pdbx_num_residues    13 
_struct_site.details              'binding site for residue 8JR A 200' 
# 
loop_
_struct_site_gen.id 
_struct_site_gen.site_id 
_struct_site_gen.pdbx_num_res 
_struct_site_gen.label_comp_id 
_struct_site_gen.label_asym_id 
_struct_site_gen.label_seq_id 
_struct_site_gen.pdbx_auth_ins_code 
_struct_site_gen.auth_comp_id 
_struct_site_gen.auth_asym_id 
_struct_site_gen.auth_seq_id 
_struct_site_gen.label_atom_id 
_struct_site_gen.label_alt_id 
_struct_site_gen.symmetry 
_struct_site_gen.details 
1  AC1 13 PHE A 37  ? PHE A 16  . ? 1_555 ? 
2  AC1 13 MET A 41  ? MET A 20  . ? 1_555 ? 
3  AC1 13 ALA A 54  ? ALA A 33  . ? 1_555 ? 
4  AC1 13 ASP A 97  ? ASP A 76  . ? 1_555 ? 
5  AC1 13 ARG A 99  ? ARG A 78  . ? 1_555 ? 
6  AC1 13 GLN A 116 ? GLN A 95  . ? 1_555 ? 
7  AC1 13 ILE A 125 ? ILE A 104 . ? 1_555 ? 
8  AC1 13 ARG A 127 ? ARG A 106 . ? 1_555 ? 
9  AC1 13 CYS A 138 ? CYS A 117 . ? 1_555 ? 
10 AC1 13 ARG A 147 ? ARG A 126 . ? 1_555 ? 
11 AC1 13 TYR A 149 ? TYR A 128 . ? 1_555 ? 
12 AC1 13 HOH C .   ? HOH A 301 . ? 1_555 ? 
13 AC1 13 HOH C .   ? HOH A 311 . ? 1_555 ? 
# 
loop_
_pdbx_validate_close_contact.id 
_pdbx_validate_close_contact.PDB_model_num 
_pdbx_validate_close_contact.auth_atom_id_1 
_pdbx_validate_close_contact.auth_asym_id_1 
_pdbx_validate_close_contact.auth_comp_id_1 
_pdbx_validate_close_contact.auth_seq_id_1 
_pdbx_validate_close_contact.PDB_ins_code_1 
_pdbx_validate_close_contact.label_alt_id_1 
_pdbx_validate_close_contact.auth_atom_id_2 
_pdbx_validate_close_contact.auth_asym_id_2 
_pdbx_validate_close_contact.auth_comp_id_2 
_pdbx_validate_close_contact.auth_seq_id_2 
_pdbx_validate_close_contact.PDB_ins_code_2 
_pdbx_validate_close_contact.label_alt_id_2 
_pdbx_validate_close_contact.dist 
1 1 O09 A 8JR 200 ? ? O A HOH 301 ? ? 2.04 
2 1 O   A HOH 377 ? ? O A HOH 407 ? ? 2.16 
# 
loop_
_pdbx_validate_torsion.id 
_pdbx_validate_torsion.PDB_model_num 
_pdbx_validate_torsion.auth_comp_id 
_pdbx_validate_torsion.auth_asym_id 
_pdbx_validate_torsion.auth_seq_id 
_pdbx_validate_torsion.PDB_ins_code 
_pdbx_validate_torsion.label_alt_id 
_pdbx_validate_torsion.phi 
_pdbx_validate_torsion.psi 
1 1 ASP A 77  ? ? 73.83 33.00   
2 1 ASP A 110 ? ? 51.10 -132.75 
3 1 LYS A 120 ? ? 58.83 -120.59 
# 
loop_
_pdbx_unobs_or_zero_occ_residues.id 
_pdbx_unobs_or_zero_occ_residues.PDB_model_num 
_pdbx_unobs_or_zero_occ_residues.polymer_flag 
_pdbx_unobs_or_zero_occ_residues.occupancy_flag 
_pdbx_unobs_or_zero_occ_residues.auth_asym_id 
_pdbx_unobs_or_zero_occ_residues.auth_comp_id 
_pdbx_unobs_or_zero_occ_residues.auth_seq_id 
_pdbx_unobs_or_zero_occ_residues.PDB_ins_code 
_pdbx_unobs_or_zero_occ_residues.label_asym_id 
_pdbx_unobs_or_zero_occ_residues.label_comp_id 
_pdbx_unobs_or_zero_occ_residues.label_seq_id 
1  1 Y 1 A MET -20 ? A MET 1  
2  1 Y 1 A GLY -19 ? A GLY 2  
3  1 Y 1 A SER -18 ? A SER 3  
4  1 Y 1 A SER -17 ? A SER 4  
5  1 Y 1 A HIS -16 ? A HIS 5  
6  1 Y 1 A HIS -15 ? A HIS 6  
7  1 Y 1 A HIS -14 ? A HIS 7  
8  1 Y 1 A HIS -13 ? A HIS 8  
9  1 Y 1 A HIS -12 ? A HIS 9  
10 1 Y 1 A HIS -11 ? A HIS 10 
11 1 Y 1 A SER -10 ? A SER 11 
12 1 Y 1 A SER -9  ? A SER 12 
13 1 Y 1 A GLY -8  ? A GLY 13 
14 1 Y 1 A LEU -7  ? A LEU 14 
15 1 Y 1 A VAL -6  ? A VAL 15 
16 1 Y 1 A PRO -5  ? A PRO 16 
# 
loop_
_chem_comp_atom.comp_id 
_chem_comp_atom.atom_id 
_chem_comp_atom.type_symbol 
_chem_comp_atom.pdbx_aromatic_flag 
_chem_comp_atom.pdbx_stereo_config 
_chem_comp_atom.pdbx_ordinal 
8JR C13  C Y N 1   
8JR C15  C Y N 2   
8JR C21  C Y N 3   
8JR C22  C Y N 4   
8JR C24  C Y N 5   
8JR C26  C Y N 6   
8JR C01  C N N 7   
8JR C03  C Y N 8   
8JR C04  C Y N 9   
8JR C05  C Y N 10  
8JR C06  C Y N 11  
8JR C11  C Y N 12  
8JR C12  C Y N 13  
8JR C14  C Y N 14  
8JR C16  C N N 15  
8JR C19  C Y N 16  
8JR C23  C Y N 17  
8JR C25  C Y N 18  
8JR F20  F N N 19  
8JR N10  N N N 20  
8JR O02  O N N 21  
8JR O08  O N N 22  
8JR O09  O N N 23  
8JR O17  O N N 24  
8JR O18  O N N 25  
8JR S07  S N N 26  
8JR H1   H N N 27  
8JR H2   H N N 28  
8JR H3   H N N 29  
8JR H4   H N N 30  
8JR H5   H N N 31  
8JR H6   H N N 32  
8JR H7   H N N 33  
8JR H8   H N N 34  
8JR H9   H N N 35  
8JR H10  H N N 36  
8JR H11  H N N 37  
8JR H12  H N N 38  
8JR H13  H N N 39  
8JR H14  H N N 40  
ALA N    N N N 41  
ALA CA   C N S 42  
ALA C    C N N 43  
ALA O    O N N 44  
ALA CB   C N N 45  
ALA OXT  O N N 46  
ALA H    H N N 47  
ALA H2   H N N 48  
ALA HA   H N N 49  
ALA HB1  H N N 50  
ALA HB2  H N N 51  
ALA HB3  H N N 52  
ALA HXT  H N N 53  
ARG N    N N N 54  
ARG CA   C N S 55  
ARG C    C N N 56  
ARG O    O N N 57  
ARG CB   C N N 58  
ARG CG   C N N 59  
ARG CD   C N N 60  
ARG NE   N N N 61  
ARG CZ   C N N 62  
ARG NH1  N N N 63  
ARG NH2  N N N 64  
ARG OXT  O N N 65  
ARG H    H N N 66  
ARG H2   H N N 67  
ARG HA   H N N 68  
ARG HB2  H N N 69  
ARG HB3  H N N 70  
ARG HG2  H N N 71  
ARG HG3  H N N 72  
ARG HD2  H N N 73  
ARG HD3  H N N 74  
ARG HE   H N N 75  
ARG HH11 H N N 76  
ARG HH12 H N N 77  
ARG HH21 H N N 78  
ARG HH22 H N N 79  
ARG HXT  H N N 80  
ASN N    N N N 81  
ASN CA   C N S 82  
ASN C    C N N 83  
ASN O    O N N 84  
ASN CB   C N N 85  
ASN CG   C N N 86  
ASN OD1  O N N 87  
ASN ND2  N N N 88  
ASN OXT  O N N 89  
ASN H    H N N 90  
ASN H2   H N N 91  
ASN HA   H N N 92  
ASN HB2  H N N 93  
ASN HB3  H N N 94  
ASN HD21 H N N 95  
ASN HD22 H N N 96  
ASN HXT  H N N 97  
ASP N    N N N 98  
ASP CA   C N S 99  
ASP C    C N N 100 
ASP O    O N N 101 
ASP CB   C N N 102 
ASP CG   C N N 103 
ASP OD1  O N N 104 
ASP OD2  O N N 105 
ASP OXT  O N N 106 
ASP H    H N N 107 
ASP H2   H N N 108 
ASP HA   H N N 109 
ASP HB2  H N N 110 
ASP HB3  H N N 111 
ASP HD2  H N N 112 
ASP HXT  H N N 113 
CYS N    N N N 114 
CYS CA   C N R 115 
CYS C    C N N 116 
CYS O    O N N 117 
CYS CB   C N N 118 
CYS SG   S N N 119 
CYS OXT  O N N 120 
CYS H    H N N 121 
CYS H2   H N N 122 
CYS HA   H N N 123 
CYS HB2  H N N 124 
CYS HB3  H N N 125 
CYS HG   H N N 126 
CYS HXT  H N N 127 
GLN N    N N N 128 
GLN CA   C N S 129 
GLN C    C N N 130 
GLN O    O N N 131 
GLN CB   C N N 132 
GLN CG   C N N 133 
GLN CD   C N N 134 
GLN OE1  O N N 135 
GLN NE2  N N N 136 
GLN OXT  O N N 137 
GLN H    H N N 138 
GLN H2   H N N 139 
GLN HA   H N N 140 
GLN HB2  H N N 141 
GLN HB3  H N N 142 
GLN HG2  H N N 143 
GLN HG3  H N N 144 
GLN HE21 H N N 145 
GLN HE22 H N N 146 
GLN HXT  H N N 147 
GLU N    N N N 148 
GLU CA   C N S 149 
GLU C    C N N 150 
GLU O    O N N 151 
GLU CB   C N N 152 
GLU CG   C N N 153 
GLU CD   C N N 154 
GLU OE1  O N N 155 
GLU OE2  O N N 156 
GLU OXT  O N N 157 
GLU H    H N N 158 
GLU H2   H N N 159 
GLU HA   H N N 160 
GLU HB2  H N N 161 
GLU HB3  H N N 162 
GLU HG2  H N N 163 
GLU HG3  H N N 164 
GLU HE2  H N N 165 
GLU HXT  H N N 166 
GLY N    N N N 167 
GLY CA   C N N 168 
GLY C    C N N 169 
GLY O    O N N 170 
GLY OXT  O N N 171 
GLY H    H N N 172 
GLY H2   H N N 173 
GLY HA2  H N N 174 
GLY HA3  H N N 175 
GLY HXT  H N N 176 
HIS N    N N N 177 
HIS CA   C N S 178 
HIS C    C N N 179 
HIS O    O N N 180 
HIS CB   C N N 181 
HIS CG   C Y N 182 
HIS ND1  N Y N 183 
HIS CD2  C Y N 184 
HIS CE1  C Y N 185 
HIS NE2  N Y N 186 
HIS OXT  O N N 187 
HIS H    H N N 188 
HIS H2   H N N 189 
HIS HA   H N N 190 
HIS HB2  H N N 191 
HIS HB3  H N N 192 
HIS HD1  H N N 193 
HIS HD2  H N N 194 
HIS HE1  H N N 195 
HIS HE2  H N N 196 
HIS HXT  H N N 197 
HOH O    O N N 198 
HOH H1   H N N 199 
HOH H2   H N N 200 
ILE N    N N N 201 
ILE CA   C N S 202 
ILE C    C N N 203 
ILE O    O N N 204 
ILE CB   C N S 205 
ILE CG1  C N N 206 
ILE CG2  C N N 207 
ILE CD1  C N N 208 
ILE OXT  O N N 209 
ILE H    H N N 210 
ILE H2   H N N 211 
ILE HA   H N N 212 
ILE HB   H N N 213 
ILE HG12 H N N 214 
ILE HG13 H N N 215 
ILE HG21 H N N 216 
ILE HG22 H N N 217 
ILE HG23 H N N 218 
ILE HD11 H N N 219 
ILE HD12 H N N 220 
ILE HD13 H N N 221 
ILE HXT  H N N 222 
LEU N    N N N 223 
LEU CA   C N S 224 
LEU C    C N N 225 
LEU O    O N N 226 
LEU CB   C N N 227 
LEU CG   C N N 228 
LEU CD1  C N N 229 
LEU CD2  C N N 230 
LEU OXT  O N N 231 
LEU H    H N N 232 
LEU H2   H N N 233 
LEU HA   H N N 234 
LEU HB2  H N N 235 
LEU HB3  H N N 236 
LEU HG   H N N 237 
LEU HD11 H N N 238 
LEU HD12 H N N 239 
LEU HD13 H N N 240 
LEU HD21 H N N 241 
LEU HD22 H N N 242 
LEU HD23 H N N 243 
LEU HXT  H N N 244 
LYS N    N N N 245 
LYS CA   C N S 246 
LYS C    C N N 247 
LYS O    O N N 248 
LYS CB   C N N 249 
LYS CG   C N N 250 
LYS CD   C N N 251 
LYS CE   C N N 252 
LYS NZ   N N N 253 
LYS OXT  O N N 254 
LYS H    H N N 255 
LYS H2   H N N 256 
LYS HA   H N N 257 
LYS HB2  H N N 258 
LYS HB3  H N N 259 
LYS HG2  H N N 260 
LYS HG3  H N N 261 
LYS HD2  H N N 262 
LYS HD3  H N N 263 
LYS HE2  H N N 264 
LYS HE3  H N N 265 
LYS HZ1  H N N 266 
LYS HZ2  H N N 267 
LYS HZ3  H N N 268 
LYS HXT  H N N 269 
MET N    N N N 270 
MET CA   C N S 271 
MET C    C N N 272 
MET O    O N N 273 
MET CB   C N N 274 
MET CG   C N N 275 
MET SD   S N N 276 
MET CE   C N N 277 
MET OXT  O N N 278 
MET H    H N N 279 
MET H2   H N N 280 
MET HA   H N N 281 
MET HB2  H N N 282 
MET HB3  H N N 283 
MET HG2  H N N 284 
MET HG3  H N N 285 
MET HE1  H N N 286 
MET HE2  H N N 287 
MET HE3  H N N 288 
MET HXT  H N N 289 
PHE N    N N N 290 
PHE CA   C N S 291 
PHE C    C N N 292 
PHE O    O N N 293 
PHE CB   C N N 294 
PHE CG   C Y N 295 
PHE CD1  C Y N 296 
PHE CD2  C Y N 297 
PHE CE1  C Y N 298 
PHE CE2  C Y N 299 
PHE CZ   C Y N 300 
PHE OXT  O N N 301 
PHE H    H N N 302 
PHE H2   H N N 303 
PHE HA   H N N 304 
PHE HB2  H N N 305 
PHE HB3  H N N 306 
PHE HD1  H N N 307 
PHE HD2  H N N 308 
PHE HE1  H N N 309 
PHE HE2  H N N 310 
PHE HZ   H N N 311 
PHE HXT  H N N 312 
PRO N    N N N 313 
PRO CA   C N S 314 
PRO C    C N N 315 
PRO O    O N N 316 
PRO CB   C N N 317 
PRO CG   C N N 318 
PRO CD   C N N 319 
PRO OXT  O N N 320 
PRO H    H N N 321 
PRO HA   H N N 322 
PRO HB2  H N N 323 
PRO HB3  H N N 324 
PRO HG2  H N N 325 
PRO HG3  H N N 326 
PRO HD2  H N N 327 
PRO HD3  H N N 328 
PRO HXT  H N N 329 
SER N    N N N 330 
SER CA   C N S 331 
SER C    C N N 332 
SER O    O N N 333 
SER CB   C N N 334 
SER OG   O N N 335 
SER OXT  O N N 336 
SER H    H N N 337 
SER H2   H N N 338 
SER HA   H N N 339 
SER HB2  H N N 340 
SER HB3  H N N 341 
SER HG   H N N 342 
SER HXT  H N N 343 
THR N    N N N 344 
THR CA   C N S 345 
THR C    C N N 346 
THR O    O N N 347 
THR CB   C N R 348 
THR OG1  O N N 349 
THR CG2  C N N 350 
THR OXT  O N N 351 
THR H    H N N 352 
THR H2   H N N 353 
THR HA   H N N 354 
THR HB   H N N 355 
THR HG1  H N N 356 
THR HG21 H N N 357 
THR HG22 H N N 358 
THR HG23 H N N 359 
THR HXT  H N N 360 
TRP N    N N N 361 
TRP CA   C N S 362 
TRP C    C N N 363 
TRP O    O N N 364 
TRP CB   C N N 365 
TRP CG   C Y N 366 
TRP CD1  C Y N 367 
TRP CD2  C Y N 368 
TRP NE1  N Y N 369 
TRP CE2  C Y N 370 
TRP CE3  C Y N 371 
TRP CZ2  C Y N 372 
TRP CZ3  C Y N 373 
TRP CH2  C Y N 374 
TRP OXT  O N N 375 
TRP H    H N N 376 
TRP H2   H N N 377 
TRP HA   H N N 378 
TRP HB2  H N N 379 
TRP HB3  H N N 380 
TRP HD1  H N N 381 
TRP HE1  H N N 382 
TRP HE3  H N N 383 
TRP HZ2  H N N 384 
TRP HZ3  H N N 385 
TRP HH2  H N N 386 
TRP HXT  H N N 387 
TYR N    N N N 388 
TYR CA   C N S 389 
TYR C    C N N 390 
TYR O    O N N 391 
TYR CB   C N N 392 
TYR CG   C Y N 393 
TYR CD1  C Y N 394 
TYR CD2  C Y N 395 
TYR CE1  C Y N 396 
TYR CE2  C Y N 397 
TYR CZ   C Y N 398 
TYR OH   O N N 399 
TYR OXT  O N N 400 
TYR H    H N N 401 
TYR H2   H N N 402 
TYR HA   H N N 403 
TYR HB2  H N N 404 
TYR HB3  H N N 405 
TYR HD1  H N N 406 
TYR HD2  H N N 407 
TYR HE1  H N N 408 
TYR HE2  H N N 409 
TYR HH   H N N 410 
TYR HXT  H N N 411 
VAL N    N N N 412 
VAL CA   C N S 413 
VAL C    C N N 414 
VAL O    O N N 415 
VAL CB   C N N 416 
VAL CG1  C N N 417 
VAL CG2  C N N 418 
VAL OXT  O N N 419 
VAL H    H N N 420 
VAL H2   H N N 421 
VAL HA   H N N 422 
VAL HB   H N N 423 
VAL HG11 H N N 424 
VAL HG12 H N N 425 
VAL HG13 H N N 426 
VAL HG21 H N N 427 
VAL HG22 H N N 428 
VAL HG23 H N N 429 
VAL HXT  H N N 430 
# 
loop_
_chem_comp_bond.comp_id 
_chem_comp_bond.atom_id_1 
_chem_comp_bond.atom_id_2 
_chem_comp_bond.value_order 
_chem_comp_bond.pdbx_aromatic_flag 
_chem_comp_bond.pdbx_stereo_config 
_chem_comp_bond.pdbx_ordinal 
8JR C24 C23  sing Y N 1   
8JR C24 C25  doub Y N 2   
8JR C23 C22  doub Y N 3   
8JR C25 C26  sing Y N 4   
8JR C22 C21  sing Y N 5   
8JR C26 C21  sing Y N 6   
8JR C26 C03  doub Y N 7   
8JR C21 C06  doub Y N 8   
8JR O08 S07  doub N N 9   
8JR O02 C03  sing N N 10  
8JR O02 C01  sing N N 11  
8JR C03 C04  sing Y N 12  
8JR C06 S07  sing N N 13  
8JR C06 C05  sing Y N 14  
8JR S07 O09  doub N N 15  
8JR S07 N10  sing N N 16  
8JR C04 C05  doub Y N 17  
8JR C12 C13  doub Y N 18  
8JR C12 C11  sing Y N 19  
8JR N10 C11  sing N N 20  
8JR C13 C14  sing Y N 21  
8JR C11 C19  doub Y N 22  
8JR C14 C15  doub Y N 23  
8JR C19 C15  sing Y N 24  
8JR C19 F20  sing N N 25  
8JR C15 C16  sing N N 26  
8JR C16 O18  doub N N 27  
8JR C16 O17  sing N N 28  
8JR C13 H1   sing N N 29  
8JR C22 H2   sing N N 30  
8JR C24 H3   sing N N 31  
8JR C01 H4   sing N N 32  
8JR C01 H5   sing N N 33  
8JR C01 H6   sing N N 34  
8JR C04 H7   sing N N 35  
8JR C05 H8   sing N N 36  
8JR C12 H9   sing N N 37  
8JR C14 H10  sing N N 38  
8JR C23 H11  sing N N 39  
8JR C25 H12  sing N N 40  
8JR N10 H13  sing N N 41  
8JR O17 H14  sing N N 42  
ALA N   CA   sing N N 43  
ALA N   H    sing N N 44  
ALA N   H2   sing N N 45  
ALA CA  C    sing N N 46  
ALA CA  CB   sing N N 47  
ALA CA  HA   sing N N 48  
ALA C   O    doub N N 49  
ALA C   OXT  sing N N 50  
ALA CB  HB1  sing N N 51  
ALA CB  HB2  sing N N 52  
ALA CB  HB3  sing N N 53  
ALA OXT HXT  sing N N 54  
ARG N   CA   sing N N 55  
ARG N   H    sing N N 56  
ARG N   H2   sing N N 57  
ARG CA  C    sing N N 58  
ARG CA  CB   sing N N 59  
ARG CA  HA   sing N N 60  
ARG C   O    doub N N 61  
ARG C   OXT  sing N N 62  
ARG CB  CG   sing N N 63  
ARG CB  HB2  sing N N 64  
ARG CB  HB3  sing N N 65  
ARG CG  CD   sing N N 66  
ARG CG  HG2  sing N N 67  
ARG CG  HG3  sing N N 68  
ARG CD  NE   sing N N 69  
ARG CD  HD2  sing N N 70  
ARG CD  HD3  sing N N 71  
ARG NE  CZ   sing N N 72  
ARG NE  HE   sing N N 73  
ARG CZ  NH1  sing N N 74  
ARG CZ  NH2  doub N N 75  
ARG NH1 HH11 sing N N 76  
ARG NH1 HH12 sing N N 77  
ARG NH2 HH21 sing N N 78  
ARG NH2 HH22 sing N N 79  
ARG OXT HXT  sing N N 80  
ASN N   CA   sing N N 81  
ASN N   H    sing N N 82  
ASN N   H2   sing N N 83  
ASN CA  C    sing N N 84  
ASN CA  CB   sing N N 85  
ASN CA  HA   sing N N 86  
ASN C   O    doub N N 87  
ASN C   OXT  sing N N 88  
ASN CB  CG   sing N N 89  
ASN CB  HB2  sing N N 90  
ASN CB  HB3  sing N N 91  
ASN CG  OD1  doub N N 92  
ASN CG  ND2  sing N N 93  
ASN ND2 HD21 sing N N 94  
ASN ND2 HD22 sing N N 95  
ASN OXT HXT  sing N N 96  
ASP N   CA   sing N N 97  
ASP N   H    sing N N 98  
ASP N   H2   sing N N 99  
ASP CA  C    sing N N 100 
ASP CA  CB   sing N N 101 
ASP CA  HA   sing N N 102 
ASP C   O    doub N N 103 
ASP C   OXT  sing N N 104 
ASP CB  CG   sing N N 105 
ASP CB  HB2  sing N N 106 
ASP CB  HB3  sing N N 107 
ASP CG  OD1  doub N N 108 
ASP CG  OD2  sing N N 109 
ASP OD2 HD2  sing N N 110 
ASP OXT HXT  sing N N 111 
CYS N   CA   sing N N 112 
CYS N   H    sing N N 113 
CYS N   H2   sing N N 114 
CYS CA  C    sing N N 115 
CYS CA  CB   sing N N 116 
CYS CA  HA   sing N N 117 
CYS C   O    doub N N 118 
CYS C   OXT  sing N N 119 
CYS CB  SG   sing N N 120 
CYS CB  HB2  sing N N 121 
CYS CB  HB3  sing N N 122 
CYS SG  HG   sing N N 123 
CYS OXT HXT  sing N N 124 
GLN N   CA   sing N N 125 
GLN N   H    sing N N 126 
GLN N   H2   sing N N 127 
GLN CA  C    sing N N 128 
GLN CA  CB   sing N N 129 
GLN CA  HA   sing N N 130 
GLN C   O    doub N N 131 
GLN C   OXT  sing N N 132 
GLN CB  CG   sing N N 133 
GLN CB  HB2  sing N N 134 
GLN CB  HB3  sing N N 135 
GLN CG  CD   sing N N 136 
GLN CG  HG2  sing N N 137 
GLN CG  HG3  sing N N 138 
GLN CD  OE1  doub N N 139 
GLN CD  NE2  sing N N 140 
GLN NE2 HE21 sing N N 141 
GLN NE2 HE22 sing N N 142 
GLN OXT HXT  sing N N 143 
GLU N   CA   sing N N 144 
GLU N   H    sing N N 145 
GLU N   H2   sing N N 146 
GLU CA  C    sing N N 147 
GLU CA  CB   sing N N 148 
GLU CA  HA   sing N N 149 
GLU C   O    doub N N 150 
GLU C   OXT  sing N N 151 
GLU CB  CG   sing N N 152 
GLU CB  HB2  sing N N 153 
GLU CB  HB3  sing N N 154 
GLU CG  CD   sing N N 155 
GLU CG  HG2  sing N N 156 
GLU CG  HG3  sing N N 157 
GLU CD  OE1  doub N N 158 
GLU CD  OE2  sing N N 159 
GLU OE2 HE2  sing N N 160 
GLU OXT HXT  sing N N 161 
GLY N   CA   sing N N 162 
GLY N   H    sing N N 163 
GLY N   H2   sing N N 164 
GLY CA  C    sing N N 165 
GLY CA  HA2  sing N N 166 
GLY CA  HA3  sing N N 167 
GLY C   O    doub N N 168 
GLY C   OXT  sing N N 169 
GLY OXT HXT  sing N N 170 
HIS N   CA   sing N N 171 
HIS N   H    sing N N 172 
HIS N   H2   sing N N 173 
HIS CA  C    sing N N 174 
HIS CA  CB   sing N N 175 
HIS CA  HA   sing N N 176 
HIS C   O    doub N N 177 
HIS C   OXT  sing N N 178 
HIS CB  CG   sing N N 179 
HIS CB  HB2  sing N N 180 
HIS CB  HB3  sing N N 181 
HIS CG  ND1  sing Y N 182 
HIS CG  CD2  doub Y N 183 
HIS ND1 CE1  doub Y N 184 
HIS ND1 HD1  sing N N 185 
HIS CD2 NE2  sing Y N 186 
HIS CD2 HD2  sing N N 187 
HIS CE1 NE2  sing Y N 188 
HIS CE1 HE1  sing N N 189 
HIS NE2 HE2  sing N N 190 
HIS OXT HXT  sing N N 191 
HOH O   H1   sing N N 192 
HOH O   H2   sing N N 193 
ILE N   CA   sing N N 194 
ILE N   H    sing N N 195 
ILE N   H2   sing N N 196 
ILE CA  C    sing N N 197 
ILE CA  CB   sing N N 198 
ILE CA  HA   sing N N 199 
ILE C   O    doub N N 200 
ILE C   OXT  sing N N 201 
ILE CB  CG1  sing N N 202 
ILE CB  CG2  sing N N 203 
ILE CB  HB   sing N N 204 
ILE CG1 CD1  sing N N 205 
ILE CG1 HG12 sing N N 206 
ILE CG1 HG13 sing N N 207 
ILE CG2 HG21 sing N N 208 
ILE CG2 HG22 sing N N 209 
ILE CG2 HG23 sing N N 210 
ILE CD1 HD11 sing N N 211 
ILE CD1 HD12 sing N N 212 
ILE CD1 HD13 sing N N 213 
ILE OXT HXT  sing N N 214 
LEU N   CA   sing N N 215 
LEU N   H    sing N N 216 
LEU N   H2   sing N N 217 
LEU CA  C    sing N N 218 
LEU CA  CB   sing N N 219 
LEU CA  HA   sing N N 220 
LEU C   O    doub N N 221 
LEU C   OXT  sing N N 222 
LEU CB  CG   sing N N 223 
LEU CB  HB2  sing N N 224 
LEU CB  HB3  sing N N 225 
LEU CG  CD1  sing N N 226 
LEU CG  CD2  sing N N 227 
LEU CG  HG   sing N N 228 
LEU CD1 HD11 sing N N 229 
LEU CD1 HD12 sing N N 230 
LEU CD1 HD13 sing N N 231 
LEU CD2 HD21 sing N N 232 
LEU CD2 HD22 sing N N 233 
LEU CD2 HD23 sing N N 234 
LEU OXT HXT  sing N N 235 
LYS N   CA   sing N N 236 
LYS N   H    sing N N 237 
LYS N   H2   sing N N 238 
LYS CA  C    sing N N 239 
LYS CA  CB   sing N N 240 
LYS CA  HA   sing N N 241 
LYS C   O    doub N N 242 
LYS C   OXT  sing N N 243 
LYS CB  CG   sing N N 244 
LYS CB  HB2  sing N N 245 
LYS CB  HB3  sing N N 246 
LYS CG  CD   sing N N 247 
LYS CG  HG2  sing N N 248 
LYS CG  HG3  sing N N 249 
LYS CD  CE   sing N N 250 
LYS CD  HD2  sing N N 251 
LYS CD  HD3  sing N N 252 
LYS CE  NZ   sing N N 253 
LYS CE  HE2  sing N N 254 
LYS CE  HE3  sing N N 255 
LYS NZ  HZ1  sing N N 256 
LYS NZ  HZ2  sing N N 257 
LYS NZ  HZ3  sing N N 258 
LYS OXT HXT  sing N N 259 
MET N   CA   sing N N 260 
MET N   H    sing N N 261 
MET N   H2   sing N N 262 
MET CA  C    sing N N 263 
MET CA  CB   sing N N 264 
MET CA  HA   sing N N 265 
MET C   O    doub N N 266 
MET C   OXT  sing N N 267 
MET CB  CG   sing N N 268 
MET CB  HB2  sing N N 269 
MET CB  HB3  sing N N 270 
MET CG  SD   sing N N 271 
MET CG  HG2  sing N N 272 
MET CG  HG3  sing N N 273 
MET SD  CE   sing N N 274 
MET CE  HE1  sing N N 275 
MET CE  HE2  sing N N 276 
MET CE  HE3  sing N N 277 
MET OXT HXT  sing N N 278 
PHE N   CA   sing N N 279 
PHE N   H    sing N N 280 
PHE N   H2   sing N N 281 
PHE CA  C    sing N N 282 
PHE CA  CB   sing N N 283 
PHE CA  HA   sing N N 284 
PHE C   O    doub N N 285 
PHE C   OXT  sing N N 286 
PHE CB  CG   sing N N 287 
PHE CB  HB2  sing N N 288 
PHE CB  HB3  sing N N 289 
PHE CG  CD1  doub Y N 290 
PHE CG  CD2  sing Y N 291 
PHE CD1 CE1  sing Y N 292 
PHE CD1 HD1  sing N N 293 
PHE CD2 CE2  doub Y N 294 
PHE CD2 HD2  sing N N 295 
PHE CE1 CZ   doub Y N 296 
PHE CE1 HE1  sing N N 297 
PHE CE2 CZ   sing Y N 298 
PHE CE2 HE2  sing N N 299 
PHE CZ  HZ   sing N N 300 
PHE OXT HXT  sing N N 301 
PRO N   CA   sing N N 302 
PRO N   CD   sing N N 303 
PRO N   H    sing N N 304 
PRO CA  C    sing N N 305 
PRO CA  CB   sing N N 306 
PRO CA  HA   sing N N 307 
PRO C   O    doub N N 308 
PRO C   OXT  sing N N 309 
PRO CB  CG   sing N N 310 
PRO CB  HB2  sing N N 311 
PRO CB  HB3  sing N N 312 
PRO CG  CD   sing N N 313 
PRO CG  HG2  sing N N 314 
PRO CG  HG3  sing N N 315 
PRO CD  HD2  sing N N 316 
PRO CD  HD3  sing N N 317 
PRO OXT HXT  sing N N 318 
SER N   CA   sing N N 319 
SER N   H    sing N N 320 
SER N   H2   sing N N 321 
SER CA  C    sing N N 322 
SER CA  CB   sing N N 323 
SER CA  HA   sing N N 324 
SER C   O    doub N N 325 
SER C   OXT  sing N N 326 
SER CB  OG   sing N N 327 
SER CB  HB2  sing N N 328 
SER CB  HB3  sing N N 329 
SER OG  HG   sing N N 330 
SER OXT HXT  sing N N 331 
THR N   CA   sing N N 332 
THR N   H    sing N N 333 
THR N   H2   sing N N 334 
THR CA  C    sing N N 335 
THR CA  CB   sing N N 336 
THR CA  HA   sing N N 337 
THR C   O    doub N N 338 
THR C   OXT  sing N N 339 
THR CB  OG1  sing N N 340 
THR CB  CG2  sing N N 341 
THR CB  HB   sing N N 342 
THR OG1 HG1  sing N N 343 
THR CG2 HG21 sing N N 344 
THR CG2 HG22 sing N N 345 
THR CG2 HG23 sing N N 346 
THR OXT HXT  sing N N 347 
TRP N   CA   sing N N 348 
TRP N   H    sing N N 349 
TRP N   H2   sing N N 350 
TRP CA  C    sing N N 351 
TRP CA  CB   sing N N 352 
TRP CA  HA   sing N N 353 
TRP C   O    doub N N 354 
TRP C   OXT  sing N N 355 
TRP CB  CG   sing N N 356 
TRP CB  HB2  sing N N 357 
TRP CB  HB3  sing N N 358 
TRP CG  CD1  doub Y N 359 
TRP CG  CD2  sing Y N 360 
TRP CD1 NE1  sing Y N 361 
TRP CD1 HD1  sing N N 362 
TRP CD2 CE2  doub Y N 363 
TRP CD2 CE3  sing Y N 364 
TRP NE1 CE2  sing Y N 365 
TRP NE1 HE1  sing N N 366 
TRP CE2 CZ2  sing Y N 367 
TRP CE3 CZ3  doub Y N 368 
TRP CE3 HE3  sing N N 369 
TRP CZ2 CH2  doub Y N 370 
TRP CZ2 HZ2  sing N N 371 
TRP CZ3 CH2  sing Y N 372 
TRP CZ3 HZ3  sing N N 373 
TRP CH2 HH2  sing N N 374 
TRP OXT HXT  sing N N 375 
TYR N   CA   sing N N 376 
TYR N   H    sing N N 377 
TYR N   H2   sing N N 378 
TYR CA  C    sing N N 379 
TYR CA  CB   sing N N 380 
TYR CA  HA   sing N N 381 
TYR C   O    doub N N 382 
TYR C   OXT  sing N N 383 
TYR CB  CG   sing N N 384 
TYR CB  HB2  sing N N 385 
TYR CB  HB3  sing N N 386 
TYR CG  CD1  doub Y N 387 
TYR CG  CD2  sing Y N 388 
TYR CD1 CE1  sing Y N 389 
TYR CD1 HD1  sing N N 390 
TYR CD2 CE2  doub Y N 391 
TYR CD2 HD2  sing N N 392 
TYR CE1 CZ   doub Y N 393 
TYR CE1 HE1  sing N N 394 
TYR CE2 CZ   sing Y N 395 
TYR CE2 HE2  sing N N 396 
TYR CZ  OH   sing N N 397 
TYR OH  HH   sing N N 398 
TYR OXT HXT  sing N N 399 
VAL N   CA   sing N N 400 
VAL N   H    sing N N 401 
VAL N   H2   sing N N 402 
VAL CA  C    sing N N 403 
VAL CA  CB   sing N N 404 
VAL CA  HA   sing N N 405 
VAL C   O    doub N N 406 
VAL C   OXT  sing N N 407 
VAL CB  CG1  sing N N 408 
VAL CB  CG2  sing N N 409 
VAL CB  HB   sing N N 410 
VAL CG1 HG11 sing N N 411 
VAL CG1 HG12 sing N N 412 
VAL CG1 HG13 sing N N 413 
VAL CG2 HG21 sing N N 414 
VAL CG2 HG22 sing N N 415 
VAL CG2 HG23 sing N N 416 
VAL OXT HXT  sing N N 417 
# 
_pdbx_entity_instance_feature.ordinal        1 
_pdbx_entity_instance_feature.comp_id        8JR 
_pdbx_entity_instance_feature.asym_id        ? 
_pdbx_entity_instance_feature.seq_num        ? 
_pdbx_entity_instance_feature.auth_comp_id   8JR 
_pdbx_entity_instance_feature.auth_asym_id   ? 
_pdbx_entity_instance_feature.auth_seq_num   ? 
_pdbx_entity_instance_feature.feature_type   'SUBJECT OF INVESTIGATION' 
_pdbx_entity_instance_feature.details        ? 
# 
_atom_sites.entry_id                    5Y0X 
_atom_sites.fract_transf_matrix[1][1]   0.01959388 
_atom_sites.fract_transf_matrix[1][2]   -0.02257884 
_atom_sites.fract_transf_matrix[1][3]   0.00627168 
_atom_sites.fract_transf_matrix[2][1]   -0.00401467 
_atom_sites.fract_transf_matrix[2][2]   0.00152051 
_atom_sites.fract_transf_matrix[2][3]   0.01801660 
_atom_sites.fract_transf_matrix[3][1]   -0.00974773 
_atom_sites.fract_transf_matrix[3][2]   -0.00885484 
_atom_sites.fract_transf_matrix[3][3]   -0.00142480 
_atom_sites.fract_transf_vector[1]      -0.238033 
_atom_sites.fract_transf_vector[2]      0.184612 
_atom_sites.fract_transf_vector[3]      -0.191481 
# 
loop_
_atom_type.symbol 
C 
F 
N 
O 
S 
# 
loop_
_atom_site.group_PDB 
_atom_site.id 
_atom_site.type_symbol 
_atom_site.label_atom_id 
_atom_site.label_alt_id 
_atom_site.label_comp_id 
_atom_site.label_asym_id 
_atom_site.label_entity_id 
_atom_site.label_seq_id 
_atom_site.pdbx_PDB_ins_code 
_atom_site.Cartn_x 
_atom_site.Cartn_y 
_atom_site.Cartn_z 
_atom_site.occupancy 
_atom_site.B_iso_or_equiv 
_atom_site.pdbx_formal_charge 
_atom_site.auth_seq_id 
_atom_site.auth_comp_id 
_atom_site.auth_asym_id 
_atom_site.auth_atom_id 
_atom_site.pdbx_PDB_model_num 
ATOM   1    N N   . ARG A 1 17  ? -17.127 -15.784 13.498  1.00 44.62 ?  -4  ARG A N   1 
ATOM   2    C CA  . ARG A 1 17  ? -17.410 -14.505 12.855  1.00 38.95 ?  -4  ARG A CA  1 
ATOM   3    C C   . ARG A 1 17  ? -17.723 -14.695 11.374  1.00 40.03 ?  -4  ARG A C   1 
ATOM   4    O O   . ARG A 1 17  ? -17.177 -15.584 10.722  1.00 39.45 ?  -4  ARG A O   1 
ATOM   5    C CB  . ARG A 1 17  ? -16.233 -13.545 13.024  1.00 40.04 ?  -4  ARG A CB  1 
ATOM   6    N N   . GLY A 1 18  ? -18.603 -13.848 10.843  1.00 38.66 ?  -3  GLY A N   1 
ATOM   7    C CA  . GLY A 1 18  ? -19.053 -13.961 9.473   1.00 32.36 ?  -3  GLY A CA  1 
ATOM   8    C C   . GLY A 1 18  ? -18.201 -13.164 8.502   1.00 30.67 ?  -3  GLY A C   1 
ATOM   9    O O   . GLY A 1 18  ? -17.154 -12.611 8.844   1.00 31.90 ?  -3  GLY A O   1 
ATOM   10   N N   . SER A 1 19  ? -18.677 -13.111 7.263   1.00 27.48 ?  -2  SER A N   1 
ATOM   11   C CA  . SER A 1 19  ? -17.975 -12.402 6.206   1.00 26.67 ?  -2  SER A CA  1 
ATOM   12   C C   . SER A 1 19  ? -18.005 -10.896 6.448   1.00 26.88 ?  -2  SER A C   1 
ATOM   13   O O   . SER A 1 19  ? -18.902 -10.354 7.098   1.00 29.14 ?  -2  SER A O   1 
ATOM   14   C CB  . SER A 1 19  ? -18.594 -12.716 4.843   1.00 27.43 ?  -2  SER A CB  1 
ATOM   15   O OG  . SER A 1 19  ? -18.638 -14.112 4.599   1.00 29.91 ?  -2  SER A OG  1 
ATOM   16   N N   . HIS A 1 20  ? -16.997 -10.222 5.902   1.00 22.47 ?  -1  HIS A N   1 
ATOM   17   C CA  . HIS A 1 20  ? -16.926 -8.770  5.902   1.00 23.65 ?  -1  HIS A CA  1 
ATOM   18   C C   . HIS A 1 20  ? -16.736 -8.292  4.470   1.00 22.19 ?  -1  HIS A C   1 
ATOM   19   O O   . HIS A 1 20  ? -16.188 -9.011  3.632   1.00 21.33 ?  -1  HIS A O   1 
ATOM   20   C CB  . HIS A 1 20  ? -15.773 -8.272  6.781   1.00 25.50 ?  -1  HIS A CB  1 
ATOM   21   C CG  . HIS A 1 20  ? -15.980 -8.515  8.245   1.00 33.16 ?  -1  HIS A CG  1 
ATOM   22   N ND1 . HIS A 1 20  ? -17.137 -8.157  8.903   1.00 38.38 ?  -1  HIS A ND1 1 
ATOM   23   C CD2 . HIS A 1 20  ? -15.176 -9.079  9.179   1.00 40.17 ?  -1  HIS A CD2 1 
ATOM   24   C CE1 . HIS A 1 20  ? -17.040 -8.491  10.177  1.00 33.24 ?  -1  HIS A CE1 1 
ATOM   25   N NE2 . HIS A 1 20  ? -15.859 -9.052  10.371  1.00 41.75 ?  -1  HIS A NE2 1 
ATOM   26   N N   . MET A 1 21  ? -17.204 -7.069  4.196   1.00 21.29 ?  0   MET A N   1 
ATOM   27   C CA  . MET A 1 21  ? -16.962 -6.463  2.891   1.00 18.19 ?  0   MET A CA  1 
ATOM   28   C C   . MET A 1 21  ? -15.474 -6.447  2.562   1.00 21.10 ?  0   MET A C   1 
ATOM   29   O O   . MET A 1 21  ? -15.087 -6.661  1.406   1.00 19.88 ?  0   MET A O   1 
ATOM   30   C CB  . MET A 1 21  ? -17.544 -5.044  2.861   1.00 20.78 ?  0   MET A CB  1 
ATOM   31   C CG  . MET A 1 21  ? -17.379 -4.300  1.542   1.00 18.63 ?  0   MET A CG  1 
ATOM   32   S SD  . MET A 1 21  ? -15.824 -3.375  1.516   1.00 26.46 ?  0   MET A SD  1 
ATOM   33   C CE  . MET A 1 21  ? -15.352 -3.513  -0.212  1.00 22.29 ?  0   MET A CE  1 
ATOM   34   N N   . CYS A 1 22  ? -14.627 -6.225  3.576   1.00 19.17 ?  1   CYS A N   1 
ATOM   35   C CA  A CYS A 1 22  ? -13.177 -6.135  3.404   0.45 19.97 ?  1   CYS A CA  1 
ATOM   36   C CA  B CYS A 1 22  ? -13.194 -6.116  3.317   0.55 19.92 ?  1   CYS A CA  1 
ATOM   37   C C   . CYS A 1 22  ? -12.561 -7.444  2.916   1.00 20.28 ?  1   CYS A C   1 
ATOM   38   O O   . CYS A 1 22  ? -11.404 -7.452  2.471   1.00 16.90 ?  1   CYS A O   1 
ATOM   39   C CB  A CYS A 1 22  ? -12.529 -5.715  4.734   0.45 22.03 ?  1   CYS A CB  1 
ATOM   40   C CB  B CYS A 1 22  ? -12.473 -5.542  4.536   0.55 22.13 ?  1   CYS A CB  1 
ATOM   41   S SG  A CYS A 1 22  ? -11.249 -4.419  4.644   0.45 25.24 ?  1   CYS A SG  1 
ATOM   42   S SG  B CYS A 1 22  ? -12.812 -6.411  6.055   0.55 25.85 ?  1   CYS A SG  1 
ATOM   43   N N   . ASP A 1 23  ? -13.291 -8.555  3.022   1.00 16.85 ?  2   ASP A N   1 
ATOM   44   C CA  . ASP A 1 23  ? -12.788 -9.824  2.517   1.00 16.57 ?  2   ASP A CA  1 
ATOM   45   C C   . ASP A 1 23  ? -12.539 -9.794  1.012   1.00 16.50 ?  2   ASP A C   1 
ATOM   46   O O   . ASP A 1 23  ? -11.844 -10.682 0.504   1.00 13.90 ?  2   ASP A O   1 
ATOM   47   C CB  . ASP A 1 23  ? -13.764 -10.958 2.865   1.00 17.63 ?  2   ASP A CB  1 
ATOM   48   C CG  . ASP A 1 23  ? -13.903 -11.181 4.366   1.00 20.69 ?  2   ASP A CG  1 
ATOM   49   O OD1 . ASP A 1 23  ? -13.017 -10.747 5.131   1.00 23.81 ?  2   ASP A OD1 1 
ATOM   50   O OD2 . ASP A 1 23  ? -14.903 -11.808 4.784   1.00 27.71 ?  2   ASP A OD2 1 
ATOM   51   N N   . ALA A 1 24  ? -13.065 -8.794  0.290   1.00 11.64 ?  3   ALA A N   1 
ATOM   52   C CA  . ALA A 1 24  ? -12.782 -8.668  -1.137  1.00 13.80 ?  3   ALA A CA  1 
ATOM   53   C C   . ALA A 1 24  ? -11.315 -8.380  -1.423  1.00 14.59 ?  3   ALA A C   1 
ATOM   54   O O   . ALA A 1 24  ? -10.869 -8.569  -2.559  1.00 13.29 ?  3   ALA A O   1 
ATOM   55   C CB  . ALA A 1 24  ? -13.632 -7.556  -1.753  1.00 18.57 ?  3   ALA A CB  1 
ATOM   56   N N   . PHE A 1 25  ? -10.566 -7.902  -0.438  1.00 11.29 ?  4   PHE A N   1 
ATOM   57   C CA  . PHE A 1 25  ? -9.144  -7.639  -0.614  1.00 10.39 ?  4   PHE A CA  1 
ATOM   58   C C   . PHE A 1 25  ? -8.282  -8.851  -0.288  1.00 9.76  ?  4   PHE A C   1 
ATOM   59   O O   . PHE A 1 25  ? -7.101  -8.876  -0.657  1.00 9.62  ?  4   PHE A O   1 
ATOM   60   C CB  . PHE A 1 25  ? -8.707  -6.455  0.267   1.00 9.52  ?  4   PHE A CB  1 
ATOM   61   C CG  . PHE A 1 25  ? -9.287  -5.127  -0.142  1.00 9.43  ?  4   PHE A CG  1 
ATOM   62   C CD1 . PHE A 1 25  ? -8.690  -4.362  -1.142  1.00 10.25 ?  4   PHE A CD1 1 
ATOM   63   C CD2 . PHE A 1 25  ? -10.417 -4.631  0.492   1.00 13.53 ?  4   PHE A CD2 1 
ATOM   64   C CE1 . PHE A 1 25  ? -9.219  -3.125  -1.514  1.00 12.91 ?  4   PHE A CE1 1 
ATOM   65   C CE2 . PHE A 1 25  ? -10.951 -3.397  0.130   1.00 16.41 ?  4   PHE A CE2 1 
ATOM   66   C CZ  . PHE A 1 25  ? -10.356 -2.646  -0.872  1.00 11.74 ?  4   PHE A CZ  1 
ATOM   67   N N   . VAL A 1 26  ? -8.847  -9.863  0.366   1.00 9.46  ?  5   VAL A N   1 
ATOM   68   C CA  . VAL A 1 26  ? -8.059  -10.973 0.878   1.00 9.35  ?  5   VAL A CA  1 
ATOM   69   C C   . VAL A 1 26  ? -7.543  -11.814 -0.276  1.00 9.84  ?  5   VAL A C   1 
ATOM   70   O O   . VAL A 1 26  ? -8.279  -12.105 -1.226  1.00 12.02 ?  5   VAL A O   1 
ATOM   71   C CB  . VAL A 1 26  ? -8.919  -11.800 1.850   1.00 11.86 ?  5   VAL A CB  1 
ATOM   72   C CG1 . VAL A 1 26  ? -8.218  -13.101 2.241   1.00 10.22 ?  5   VAL A CG1 1 
ATOM   73   C CG2 . VAL A 1 26  ? -9.243  -10.955 3.078   1.00 10.17 ?  5   VAL A CG2 1 
ATOM   74   N N   . GLY A 1 27  ? -6.274  -12.193 -0.217  1.00 9.97  ?  6   GLY A N   1 
ATOM   75   C CA  . GLY A 1 27  ? -5.714  -13.070 -1.222  1.00 12.38 ?  6   GLY A CA  1 
ATOM   76   C C   . GLY A 1 27  ? -4.246  -12.771 -1.447  1.00 10.39 ?  6   GLY A C   1 
ATOM   77   O O   . GLY A 1 27  ? -3.629  -12.013 -0.708  1.00 11.42 ?  6   GLY A O   1 
ATOM   78   N N   . THR A 1 28  ? -3.701  -13.393 -2.490  1.00 9.50  ?  7   THR A N   1 
ATOM   79   C CA  . THR A 1 28  ? -2.318  -13.201 -2.905  1.00 11.79 ?  7   THR A CA  1 
ATOM   80   C C   . THR A 1 28  ? -2.311  -12.493 -4.253  1.00 10.84 ?  7   THR A C   1 
ATOM   81   O O   . THR A 1 28  ? -2.967  -12.951 -5.192  1.00 12.40 ?  7   THR A O   1 
ATOM   82   C CB  . THR A 1 28  ? -1.601  -14.548 -3.009  1.00 14.73 ?  7   THR A CB  1 
ATOM   83   O OG1 . THR A 1 28  ? -1.823  -15.302 -1.810  1.00 17.43 ?  7   THR A OG1 1 
ATOM   84   C CG2 . THR A 1 28  ? -0.096  -14.357 -3.231  1.00 17.80 ?  7   THR A CG2 1 
ATOM   85   N N   . TRP A 1 29  ? -1.601  -11.366 -4.339  1.00 8.87  ?  8   TRP A N   1 
ATOM   86   C CA  . TRP A 1 29  ? -1.678  -10.462 -5.476  1.00 8.93  ?  8   TRP A CA  1 
ATOM   87   C C   . TRP A 1 29  ? -0.280  -10.241 -6.033  1.00 11.50 ?  8   TRP A C   1 
ATOM   88   O O   . TRP A 1 29  ? 0.706   -10.274 -5.288  1.00 12.73 ?  8   TRP A O   1 
ATOM   89   C CB  . TRP A 1 29  ? -2.305  -9.112  -5.059  1.00 9.43  ?  8   TRP A CB  1 
ATOM   90   C CG  . TRP A 1 29  ? -3.665  -9.215  -4.468  1.00 7.87  ?  8   TRP A CG  1 
ATOM   91   C CD1 . TRP A 1 29  ? -3.984  -9.349  -3.147  1.00 9.30  ?  8   TRP A CD1 1 
ATOM   92   C CD2 . TRP A 1 29  ? -4.904  -9.147  -5.174  1.00 7.05  ?  8   TRP A CD2 1 
ATOM   93   N NE1 . TRP A 1 29  ? -5.358  -9.389  -2.990  1.00 9.16  ?  8   TRP A NE1 1 
ATOM   94   C CE2 . TRP A 1 29  ? -5.940  -9.268  -4.220  1.00 7.94  ?  8   TRP A CE2 1 
ATOM   95   C CE3 . TRP A 1 29  ? -5.241  -9.009  -6.523  1.00 9.81  ?  8   TRP A CE3 1 
ATOM   96   C CZ2 . TRP A 1 29  ? -7.288  -9.261  -4.580  1.00 8.40  ?  8   TRP A CZ2 1 
ATOM   97   C CZ3 . TRP A 1 29  ? -6.576  -9.003  -6.870  1.00 9.76  ?  8   TRP A CZ3 1 
ATOM   98   C CH2 . TRP A 1 29  ? -7.583  -9.120  -5.902  1.00 9.15  ?  8   TRP A CH2 1 
ATOM   99   N N   . LYS A 1 30  ? -0.194  -10.004 -7.344  1.00 8.81  ?  9   LYS A N   1 
ATOM   100  C CA  . LYS A 1 30  ? 1.090   -9.776  -7.995  1.00 8.97  ?  9   LYS A CA  1 
ATOM   101  C C   . LYS A 1 30  ? 1.018   -8.518  -8.853  1.00 9.85  ?  9   LYS A C   1 
ATOM   102  O O   . LYS A 1 30  ? 0.025   -8.285  -9.545  1.00 9.47  ?  9   LYS A O   1 
ATOM   103  C CB  . LYS A 1 30  ? 1.500   -10.987 -8.845  1.00 12.01 ?  9   LYS A CB  1 
ATOM   104  C CG  . LYS A 1 30  ? 0.614   -11.259 -10.041 1.00 18.06 ?  9   LYS A CG  1 
ATOM   105  C CD  . LYS A 1 30  ? 0.896   -12.641 -10.644 1.00 24.78 ?  9   LYS A CD  1 
ATOM   106  C CE  . LYS A 1 30  ? 1.619   -12.542 -11.980 1.00 33.82 ?  9   LYS A CE  1 
ATOM   107  N NZ  . LYS A 1 30  ? 1.826   -13.884 -12.609 1.00 38.04 ?  9   LYS A NZ  1 
ATOM   108  N N   . LEU A 1 31  ? 2.061   -7.692  -8.771  1.00 8.35  ?  10  LEU A N   1 
ATOM   109  C CA  . LEU A 1 31  ? 2.104   -6.440  -9.523  1.00 7.86  ?  10  LEU A CA  1 
ATOM   110  C C   . LEU A 1 31  ? 2.154   -6.733  -11.016 1.00 11.90 ?  10  LEU A C   1 
ATOM   111  O O   . LEU A 1 31  ? 3.015   -7.492  -11.466 1.00 14.06 ?  10  LEU A O   1 
ATOM   112  C CB  . LEU A 1 31  ? 3.332   -5.621  -9.129  1.00 10.63 ?  10  LEU A CB  1 
ATOM   113  C CG  . LEU A 1 31  ? 3.430   -4.277  -9.838  1.00 10.92 ?  10  LEU A CG  1 
ATOM   114  C CD1 . LEU A 1 31  ? 2.385   -3.359  -9.235  1.00 9.80  ?  10  LEU A CD1 1 
ATOM   115  C CD2 . LEU A 1 31  ? 4.820   -3.679  -9.694  1.00 14.06 ?  10  LEU A CD2 1 
ATOM   116  N N   . VAL A 1 32  ? 1.245   -6.133  -11.784 1.00 8.75  ?  11  VAL A N   1 
ATOM   117  C CA  . VAL A 1 32  ? 1.259   -6.298  -13.234 1.00 10.56 ?  11  VAL A CA  1 
ATOM   118  C C   . VAL A 1 32  ? 1.451   -4.994  -14.001 1.00 16.38 ?  11  VAL A C   1 
ATOM   119  O O   . VAL A 1 32  ? 1.817   -5.043  -15.190 1.00 15.19 ?  11  VAL A O   1 
ATOM   120  C CB  . VAL A 1 32  ? -0.013  -7.015  -13.727 1.00 12.37 ?  11  VAL A CB  1 
ATOM   121  C CG1 . VAL A 1 32  ? -0.081  -8.426  -13.154 1.00 14.70 ?  11  VAL A CG1 1 
ATOM   122  C CG2 . VAL A 1 32  ? -1.251  -6.211  -13.370 1.00 13.29 ?  11  VAL A CG2 1 
ATOM   123  N N   . SER A 1 33  ? 1.218   -3.831  -13.401 1.00 11.28 ?  12  SER A N   1 
ATOM   124  C CA  . SER A 1 33  ? 1.513   -2.598  -14.111 1.00 12.37 ?  12  SER A CA  1 
ATOM   125  C C   . SER A 1 33  ? 1.770   -1.483  -13.110 1.00 12.30 ?  12  SER A C   1 
ATOM   126  O O   . SER A 1 33  ? 1.309   -1.532  -11.966 1.00 11.98 ?  12  SER A O   1 
ATOM   127  C CB  . SER A 1 33  ? 0.383   -2.220  -15.067 1.00 15.89 ?  12  SER A CB  1 
ATOM   128  O OG  . SER A 1 33  ? -0.722  -1.717  -14.364 1.00 20.69 ?  12  SER A OG  1 
ATOM   129  N N   . SER A 1 34  ? 2.532   -0.486  -13.556 1.00 12.95 ?  13  SER A N   1 
ATOM   130  C CA  . SER A 1 34  ? 2.914   0.639   -12.713 1.00 12.62 ?  13  SER A CA  1 
ATOM   131  C C   . SER A 1 34  ? 3.087   1.866   -13.593 1.00 14.80 ?  13  SER A C   1 
ATOM   132  O O   . SER A 1 34  ? 3.728   1.790   -14.649 1.00 13.75 ?  13  SER A O   1 
ATOM   133  C CB  . SER A 1 34  ? 4.207   0.330   -11.940 1.00 12.40 ?  13  SER A CB  1 
ATOM   134  O OG  . SER A 1 34  ? 4.620   1.396   -11.097 1.00 13.77 ?  13  SER A OG  1 
ATOM   135  N N   . GLU A 1 35  ? 2.492   2.983   -13.182 1.00 10.63 ?  14  GLU A N   1 
ATOM   136  C CA  . GLU A 1 35  ? 2.591   4.239   -13.915 1.00 11.06 ?  14  GLU A CA  1 
ATOM   137  C C   . GLU A 1 35  ? 3.006   5.340   -12.953 1.00 10.51 ?  14  GLU A C   1 
ATOM   138  O O   . GLU A 1 35  ? 2.412   5.480   -11.874 1.00 10.43 ?  14  GLU A O   1 
ATOM   139  C CB  . GLU A 1 35  ? 1.262   4.650   -14.571 1.00 15.69 ?  14  GLU A CB  1 
ATOM   140  C CG  . GLU A 1 35  ? 0.311   3.538   -14.955 1.00 26.43 ?  14  GLU A CG  1 
ATOM   141  C CD  . GLU A 1 35  ? -1.116  4.048   -15.163 1.00 29.92 ?  14  GLU A CD  1 
ATOM   142  O OE1 . GLU A 1 35  ? -2.073  3.233   -15.085 1.00 32.03 ?  14  GLU A OE1 1 
ATOM   143  O OE2 . GLU A 1 35  ? -1.280  5.271   -15.381 1.00 34.89 ?  14  GLU A OE2 1 
ATOM   144  N N   . ASN A 1 36  ? 4.000   6.129   -13.359 1.00 11.36 ?  15  ASN A N   1 
ATOM   145  C CA  . ASN A 1 36  ? 4.434   7.350   -12.672 1.00 11.19 ?  15  ASN A CA  1 
ATOM   146  C C   . ASN A 1 36  ? 5.000   7.082   -11.275 1.00 9.34  ?  15  ASN A C   1 
ATOM   147  O O   . ASN A 1 36  ? 5.128   8.012   -10.473 1.00 10.57 ?  15  ASN A O   1 
ATOM   148  C CB  . ASN A 1 36  ? 3.296   8.385   -12.602 1.00 11.53 ?  15  ASN A CB  1 
ATOM   149  C CG  . ASN A 1 36  ? 3.794   9.828   -12.724 1.00 15.95 ?  15  ASN A CG  1 
ATOM   150  O OD1 . ASN A 1 36  ? 4.735   10.121  -13.471 1.00 17.66 ?  15  ASN A OD1 1 
ATOM   151  N ND2 . ASN A 1 36  ? 3.157   10.738  -11.992 1.00 15.33 ?  15  ASN A ND2 1 
ATOM   152  N N   . PHE A 1 37  ? 5.394   5.840   -10.972 1.00 11.17 ?  16  PHE A N   1 
ATOM   153  C CA  . PHE A 1 37  ? 5.896   5.536   -9.631  1.00 11.37 ?  16  PHE A CA  1 
ATOM   154  C C   . PHE A 1 37  ? 7.204   6.262   -9.336  1.00 10.17 ?  16  PHE A C   1 
ATOM   155  O O   . PHE A 1 37  ? 7.435   6.677   -8.193  1.00 10.26 ?  16  PHE A O   1 
ATOM   156  C CB  . PHE A 1 37  ? 6.069   4.018   -9.450  1.00 12.51 ?  16  PHE A CB  1 
ATOM   157  C CG  . PHE A 1 37  ? 6.256   3.577   -8.007  1.00 13.37 ?  16  PHE A CG  1 
ATOM   158  C CD1 . PHE A 1 37  ? 5.358   3.959   -7.029  1.00 11.98 ?  16  PHE A CD1 1 
ATOM   159  C CD2 . PHE A 1 37  ? 7.315   2.749   -7.644  1.00 15.64 ?  16  PHE A CD2 1 
ATOM   160  C CE1 . PHE A 1 37  ? 5.522   3.550   -5.710  1.00 14.91 ?  16  PHE A CE1 1 
ATOM   161  C CE2 . PHE A 1 37  ? 7.473   2.334   -6.315  1.00 13.46 ?  16  PHE A CE2 1 
ATOM   162  C CZ  . PHE A 1 37  ? 6.576   2.741   -5.355  1.00 12.68 ?  16  PHE A CZ  1 
ATOM   163  N N   . ASP A 1 38  ? 8.077   6.439   -10.336 1.00 12.06 ?  17  ASP A N   1 
ATOM   164  C CA  . ASP A 1 38  ? 9.329   7.142   -10.065 1.00 11.67 ?  17  ASP A CA  1 
ATOM   165  C C   . ASP A 1 38  ? 9.072   8.586   -9.659  1.00 11.29 ?  17  ASP A C   1 
ATOM   166  O O   . ASP A 1 38  ? 9.703   9.097   -8.726  1.00 11.10 ?  17  ASP A O   1 
ATOM   167  C CB  . ASP A 1 38  ? 10.247  7.084   -11.289 1.00 13.72 ?  17  ASP A CB  1 
ATOM   168  C CG  . ASP A 1 38  ? 11.632  7.646   -11.009 1.00 19.61 ?  17  ASP A CG  1 
ATOM   169  O OD1 . ASP A 1 38  ? 12.335  7.098   -10.134 1.00 20.59 ?  17  ASP A OD1 1 
ATOM   170  O OD2 . ASP A 1 38  ? 12.029  8.623   -11.679 1.00 26.71 ?  17  ASP A OD2 1 
ATOM   171  N N   . ASP A 1 39  ? 8.152   9.262   -10.351 1.00 11.76 ?  18  ASP A N   1 
ATOM   172  C CA  . ASP A 1 39  ? 7.846   10.645  -10.000 1.00 11.73 ?  18  ASP A CA  1 
ATOM   173  C C   . ASP A 1 39  ? 7.162   10.732  -8.639  1.00 10.28 ?  18  ASP A C   1 
ATOM   174  O O   . ASP A 1 39  ? 7.413   11.669  -7.871  1.00 10.48 ?  18  ASP A O   1 
ATOM   175  C CB  . ASP A 1 39  ? 6.975   11.287  -11.082 1.00 14.14 ?  18  ASP A CB  1 
ATOM   176  C CG  . ASP A 1 39  ? 7.799   11.903  -12.218 1.00 27.24 ?  18  ASP A CG  1 
ATOM   177  O OD1 . ASP A 1 39  ? 8.735   11.243  -12.713 1.00 29.99 ?  18  ASP A OD1 1 
ATOM   178  O OD2 . ASP A 1 39  ? 7.514   13.056  -12.612 1.00 32.83 ?  18  ASP A OD2 1 
ATOM   179  N N   . TYR A 1 40  ? 6.304   9.762   -8.312  1.00 9.76  ?  19  TYR A N   1 
ATOM   180  C CA  . TYR A 1 40  ? 5.731   9.727   -6.973  1.00 8.11  ?  19  TYR A CA  1 
ATOM   181  C C   . TYR A 1 40  ? 6.822   9.603   -5.919  1.00 9.69  ?  19  TYR A C   1 
ATOM   182  O O   . TYR A 1 40  ? 6.838   10.353  -4.939  1.00 7.39  ?  19  TYR A O   1 
ATOM   183  C CB  . TYR A 1 40  ? 4.734   8.571   -6.864  1.00 9.07  ?  19  TYR A CB  1 
ATOM   184  C CG  . TYR A 1 40  ? 4.302   8.295   -5.452  1.00 9.00  ?  19  TYR A CG  1 
ATOM   185  C CD1 . TYR A 1 40  ? 3.358   9.100   -4.828  1.00 7.14  ?  19  TYR A CD1 1 
ATOM   186  C CD2 . TYR A 1 40  ? 4.865   7.251   -4.724  1.00 9.33  ?  19  TYR A CD2 1 
ATOM   187  C CE1 . TYR A 1 40  ? 2.961   8.852   -3.520  1.00 8.79  ?  19  TYR A CE1 1 
ATOM   188  C CE2 . TYR A 1 40  ? 4.482   6.992   -3.422  1.00 10.60 ?  19  TYR A CE2 1 
ATOM   189  C CZ  . TYR A 1 40  ? 3.537   7.800   -2.815  1.00 9.61  ?  19  TYR A CZ  1 
ATOM   190  O OH  . TYR A 1 40  ? 3.162   7.537   -1.521  1.00 11.04 ?  19  TYR A OH  1 
ATOM   191  N N   . MET A 1 41  ? 7.759   8.665   -6.120  1.00 8.20  ?  20  MET A N   1 
ATOM   192  C CA  . MET A 1 41  ? 8.843   8.476   -5.159  1.00 8.16  ?  20  MET A CA  1 
ATOM   193  C C   . MET A 1 41  ? 9.719   9.724   -5.053  1.00 7.10  ?  20  MET A C   1 
ATOM   194  O O   . MET A 1 41  ? 10.164  10.080  -3.959  1.00 8.21  ?  20  MET A O   1 
ATOM   195  C CB  . MET A 1 41  ? 9.702   7.272   -5.547  1.00 9.09  ?  20  MET A CB  1 
ATOM   196  C CG  . MET A 1 41  ? 9.024   5.926   -5.335  1.00 10.81 ?  20  MET A CG  1 
ATOM   197  S SD  . MET A 1 41  ? 10.236  4.594   -5.500  1.00 10.76 ?  20  MET A SD  1 
ATOM   198  C CE  . MET A 1 41  ? 10.504  4.593   -7.251  1.00 12.36 ?  20  MET A CE  1 
ATOM   199  N N   . LYS A 1 42  ? 9.943   10.415  -6.171  1.00 8.84  ?  21  LYS A N   1 
ATOM   200  C CA  . LYS A 1 42  ? 10.679  11.671  -6.111  1.00 11.34 ?  21  LYS A CA  1 
ATOM   201  C C   . LYS A 1 42  ? 9.964   12.678  -5.225  1.00 12.27 ?  21  LYS A C   1 
ATOM   202  O O   . LYS A 1 42  ? 10.596  13.359  -4.407  1.00 13.31 ?  21  LYS A O   1 
ATOM   203  C CB  . LYS A 1 42  ? 10.874  12.234  -7.522  1.00 13.38 ?  21  LYS A CB  1 
ATOM   204  C CG  . LYS A 1 42  ? 12.002  11.562  -8.298  1.00 12.09 ?  21  LYS A CG  1 
ATOM   205  C CD  . LYS A 1 42  ? 12.341  12.332  -9.559  1.00 16.95 ?  21  LYS A CD  1 
ATOM   206  C CE  . LYS A 1 42  ? 11.530  11.842  -10.731 1.00 23.41 ?  21  LYS A CE  1 
ATOM   207  N NZ  . LYS A 1 42  ? 11.859  12.622  -11.965 1.00 32.56 ?  21  LYS A NZ  1 
ATOM   208  N N   . GLU A 1 43  ? 8.639   12.779  -5.366  1.00 10.45 ?  22  GLU A N   1 
ATOM   209  C CA  . GLU A 1 43  ? 7.895   13.747  -4.568  1.00 13.74 ?  22  GLU A CA  1 
ATOM   210  C C   . GLU A 1 43  ? 7.927   13.383  -3.090  1.00 12.68 ?  22  GLU A C   1 
ATOM   211  O O   . GLU A 1 43  ? 7.956   14.273  -2.232  1.00 15.78 ?  22  GLU A O   1 
ATOM   212  C CB  . GLU A 1 43  ? 6.456   13.833  -5.079  1.00 15.48 ?  22  GLU A CB  1 
ATOM   213  C CG  . GLU A 1 43  ? 5.746   15.145  -4.781  1.00 19.21 ?  22  GLU A CG  1 
ATOM   214  C CD  . GLU A 1 43  ? 6.203   16.295  -5.665  1.00 22.75 ?  22  GLU A CD  1 
ATOM   215  O OE1 . GLU A 1 43  ? 7.127   16.114  -6.481  1.00 23.34 ?  22  GLU A OE1 1 
ATOM   216  O OE2 . GLU A 1 43  ? 5.624   17.395  -5.540  1.00 30.91 ?  22  GLU A OE2 1 
ATOM   217  N N   . VAL A 1 44  ? 7.925   12.086  -2.779  1.00 10.22 ?  23  VAL A N   1 
ATOM   218  C CA  . VAL A 1 44  ? 7.983   11.631  -1.396  1.00 9.81  ?  23  VAL A CA  1 
ATOM   219  C C   . VAL A 1 44  ? 9.345   11.948  -0.789  1.00 11.88 ?  23  VAL A C   1 
ATOM   220  O O   . VAL A 1 44  ? 9.463   12.122  0.429   1.00 13.46 ?  23  VAL A O   1 
ATOM   221  C CB  . VAL A 1 44  ? 7.645   10.124  -1.350  1.00 11.60 ?  23  VAL A CB  1 
ATOM   222  C CG1 . VAL A 1 44  ? 7.995   9.515   0.008   1.00 11.83 ?  23  VAL A CG1 1 
ATOM   223  C CG2 . VAL A 1 44  ? 6.166   9.904   -1.666  1.00 12.04 ?  23  VAL A CG2 1 
ATOM   224  N N   . GLY A 1 45  ? 10.374  12.069  -1.618  1.00 10.30 ?  24  GLY A N   1 
ATOM   225  C CA  . GLY A 1 45  ? 11.723  12.332  -1.176  1.00 11.94 ?  24  GLY A CA  1 
ATOM   226  C C   . GLY A 1 45  ? 12.662  11.144  -1.208  1.00 10.38 ?  24  GLY A C   1 
ATOM   227  O O   . GLY A 1 45  ? 13.724  11.205  -0.574  1.00 13.03 ?  24  GLY A O   1 
ATOM   228  N N   . VAL A 1 46  ? 12.310  10.076  -1.923  1.00 10.11 ?  25  VAL A N   1 
ATOM   229  C CA  . VAL A 1 46  ? 13.149  8.884   -1.989  1.00 10.40 ?  25  VAL A CA  1 
ATOM   230  C C   . VAL A 1 46  ? 14.415  9.202   -2.773  1.00 13.26 ?  25  VAL A C   1 
ATOM   231  O O   . VAL A 1 46  ? 14.360  9.833   -3.837  1.00 13.60 ?  25  VAL A O   1 
ATOM   232  C CB  . VAL A 1 46  ? 12.357  7.730   -2.626  1.00 10.31 ?  25  VAL A CB  1 
ATOM   233  C CG1 . VAL A 1 46  ? 13.167  6.430   -2.627  1.00 10.70 ?  25  VAL A CG1 1 
ATOM   234  C CG2 . VAL A 1 46  ? 11.007  7.542   -1.901  1.00 10.60 ?  25  VAL A CG2 1 
ATOM   235  N N   . GLY A 1 47  ? 15.561  8.760   -2.253  1.00 12.99 ?  26  GLY A N   1 
ATOM   236  C CA  . GLY A 1 47  ? 16.827  9.026   -2.906  1.00 14.32 ?  26  GLY A CA  1 
ATOM   237  C C   . GLY A 1 47  ? 17.043  8.179   -4.150  1.00 14.61 ?  26  GLY A C   1 
ATOM   238  O O   . GLY A 1 47  ? 16.331  7.210   -4.428  1.00 12.95 ?  26  GLY A O   1 
ATOM   239  N N   . PHE A 1 48  ? 18.082  8.556   -4.903  1.00 13.08 ?  27  PHE A N   1 
ATOM   240  C CA  . PHE A 1 48  ? 18.311  7.988   -6.228  1.00 12.12 ?  27  PHE A CA  1 
ATOM   241  C C   . PHE A 1 48  ? 18.402  6.466   -6.191  1.00 12.44 ?  27  PHE A C   1 
ATOM   242  O O   . PHE A 1 48  ? 17.694  5.775   -6.932  1.00 10.51 ?  27  PHE A O   1 
ATOM   243  C CB  . PHE A 1 48  ? 19.587  8.584   -6.828  1.00 14.51 ?  27  PHE A CB  1 
ATOM   244  C CG  . PHE A 1 48  ? 19.963  7.995   -8.149  1.00 14.49 ?  27  PHE A CG  1 
ATOM   245  C CD1 . PHE A 1 48  ? 19.449  8.521   -9.316  1.00 14.31 ?  27  PHE A CD1 1 
ATOM   246  C CD2 . PHE A 1 48  ? 20.817  6.904   -8.229  1.00 15.22 ?  27  PHE A CD2 1 
ATOM   247  C CE1 . PHE A 1 48  ? 19.784  7.978   -10.551 1.00 18.00 ?  27  PHE A CE1 1 
ATOM   248  C CE2 . PHE A 1 48  ? 21.150  6.352   -9.458  1.00 12.54 ?  27  PHE A CE2 1 
ATOM   249  C CZ  . PHE A 1 48  ? 20.632  6.892   -10.617 1.00 14.23 ?  27  PHE A CZ  1 
ATOM   250  N N   . ALA A 1 49  ? 19.289  5.922   -5.353  1.00 12.03 ?  28  ALA A N   1 
ATOM   251  C CA  . ALA A 1 49  ? 19.560  4.488   -5.412  1.00 10.65 ?  28  ALA A CA  1 
ATOM   252  C C   . ALA A 1 49  ? 18.342  3.673   -4.995  1.00 12.89 ?  28  ALA A C   1 
ATOM   253  O O   . ALA A 1 49  ? 18.029  2.648   -5.615  1.00 11.79 ?  28  ALA A O   1 
ATOM   254  C CB  . ALA A 1 49  ? 20.764  4.148   -4.536  1.00 13.71 ?  28  ALA A CB  1 
ATOM   255  N N   . THR A 1 50  ? 17.643  4.116   -3.949  1.00 11.77 ?  29  THR A N   1 
ATOM   256  C CA  . THR A 1 50  ? 16.427  3.428   -3.531  1.00 9.54  ?  29  THR A CA  1 
ATOM   257  C C   . THR A 1 50  ? 15.353  3.499   -4.612  1.00 10.87 ?  29  THR A C   1 
ATOM   258  O O   . THR A 1 50  ? 14.666  2.507   -4.871  1.00 9.70  ?  29  THR A O   1 
ATOM   259  C CB  . THR A 1 50  ? 15.935  4.018   -2.211  1.00 14.00 ?  29  THR A CB  1 
ATOM   260  O OG1 . THR A 1 50  ? 16.987  3.906   -1.239  1.00 16.35 ?  29  THR A OG1 1 
ATOM   261  C CG2 . THR A 1 50  ? 14.715  3.267   -1.711  1.00 15.04 ?  29  THR A CG2 1 
ATOM   262  N N   . ARG A 1 51  ? 15.191  4.662   -5.253  1.00 10.69 ?  30  ARG A N   1 
ATOM   263  C CA  . ARG A 1 51  ? 14.223  4.766   -6.341  1.00 9.31  ?  30  ARG A CA  1 
ATOM   264  C C   . ARG A 1 51  ? 14.536  3.762   -7.436  1.00 10.52 ?  30  ARG A C   1 
ATOM   265  O O   . ARG A 1 51  ? 13.637  3.113   -7.980  1.00 11.84 ?  30  ARG A O   1 
ATOM   266  C CB  . ARG A 1 51  ? 14.210  6.179   -6.941  1.00 11.49 ?  30  ARG A CB  1 
ATOM   267  C CG  . ARG A 1 51  ? 13.482  7.209   -6.111  1.00 13.58 ?  30  ARG A CG  1 
ATOM   268  C CD  . ARG A 1 51  ? 12.949  8.334   -6.982  1.00 12.41 ?  30  ARG A CD  1 
ATOM   269  N NE  . ARG A 1 51  ? 13.896  8.776   -8.002  1.00 14.50 ?  30  ARG A NE  1 
ATOM   270  C CZ  . ARG A 1 51  ? 14.934  9.583   -7.778  1.00 14.80 ?  30  ARG A CZ  1 
ATOM   271  N NH1 . ARG A 1 51  ? 15.188  10.049  -6.556  1.00 14.11 ?  30  ARG A NH1 1 
ATOM   272  N NH2 . ARG A 1 51  ? 15.722  9.926   -8.788  1.00 14.39 ?  30  ARG A NH2 1 
ATOM   273  N N   . LYS A 1 52  ? 15.814  3.621   -7.777  1.00 9.74  ?  31  LYS A N   1 
ATOM   274  C CA  . LYS A 1 52  ? 16.160  2.766   -8.906  1.00 11.58 ?  31  LYS A CA  1 
ATOM   275  C C   . LYS A 1 52  ? 15.873  1.305   -8.583  1.00 10.16 ?  31  LYS A C   1 
ATOM   276  O O   . LYS A 1 52  ? 15.268  0.585   -9.388  1.00 12.39 ?  31  LYS A O   1 
ATOM   277  C CB  . LYS A 1 52  ? 17.634  2.973   -9.279  1.00 12.99 ?  31  LYS A CB  1 
ATOM   278  C CG  . LYS A 1 52  ? 17.919  4.324   -9.920  1.00 14.45 ?  31  LYS A CG  1 
ATOM   279  C CD  . LYS A 1 52  ? 17.201  4.430   -11.245 1.00 17.88 ?  31  LYS A CD  1 
ATOM   280  C CE  . LYS A 1 52  ? 17.375  5.788   -11.864 1.00 24.46 ?  31  LYS A CE  1 
ATOM   281  N NZ  . LYS A 1 52  ? 16.469  6.777   -11.223 1.00 26.93 ?  31  LYS A NZ  1 
ATOM   282  N N   . VAL A 1 53  ? 16.286  0.858   -7.399  1.00 9.56  ?  32  VAL A N   1 
ATOM   283  C CA  . VAL A 1 53  ? 16.090  -0.538  -7.025  1.00 9.22  ?  32  VAL A CA  1 
ATOM   284  C C   . VAL A 1 53  ? 14.621  -0.804  -6.728  1.00 10.89 ?  32  VAL A C   1 
ATOM   285  O O   . VAL A 1 53  ? 14.058  -1.816  -7.168  1.00 12.86 ?  32  VAL A O   1 
ATOM   286  C CB  . VAL A 1 53  ? 17.007  -0.899  -5.840  1.00 14.33 ?  32  VAL A CB  1 
ATOM   287  C CG1 . VAL A 1 53  ? 16.733  -2.320  -5.356  1.00 20.99 ?  32  VAL A CG1 1 
ATOM   288  C CG2 . VAL A 1 53  ? 18.467  -0.748  -6.252  1.00 16.30 ?  32  VAL A CG2 1 
ATOM   289  N N   . ALA A 1 54  ? 13.962  0.106   -6.012  1.00 11.46 ?  33  ALA A N   1 
ATOM   290  C CA  . ALA A 1 54  ? 12.551  -0.107  -5.700  1.00 9.15  ?  33  ALA A CA  1 
ATOM   291  C C   . ALA A 1 54  ? 11.689  -0.090  -6.950  1.00 10.61 ?  33  ALA A C   1 
ATOM   292  O O   . ALA A 1 54  ? 10.689  -0.808  -7.020  1.00 12.36 ?  33  ALA A O   1 
ATOM   293  C CB  . ALA A 1 54  ? 12.059  0.944   -4.705  1.00 10.36 ?  33  ALA A CB  1 
ATOM   294  N N   . GLY A 1 55  ? 12.058  0.711   -7.952  1.00 11.42 ?  34  GLY A N   1 
ATOM   295  C CA  . GLY A 1 55  ? 11.286  0.745   -9.180  1.00 13.84 ?  34  GLY A CA  1 
ATOM   296  C C   . GLY A 1 55  ? 11.389  -0.517  -10.006 1.00 14.24 ?  34  GLY A C   1 
ATOM   297  O O   . GLY A 1 55  ? 10.523  -0.762  -10.853 1.00 18.43 ?  34  GLY A O   1 
ATOM   298  N N   . MET A 1 56  ? 12.426  -1.330  -9.780  1.00 10.67 ?  35  MET A N   1 
ATOM   299  C CA  . MET A 1 56  ? 12.548  -2.589  -10.506 1.00 13.65 ?  35  MET A CA  1 
ATOM   300  C C   . MET A 1 56  ? 11.649  -3.674  -9.928  1.00 11.30 ?  35  MET A C   1 
ATOM   301  O O   . MET A 1 56  ? 11.239  -4.582  -10.658 1.00 12.38 ?  35  MET A O   1 
ATOM   302  C CB  . MET A 1 56  ? 13.998  -3.085  -10.494 1.00 14.74 ?  35  MET A CB  1 
ATOM   303  C CG  . MET A 1 56  ? 14.982  -2.230  -11.281 1.00 11.45 ?  35  MET A CG  1 
ATOM   304  S SD  . MET A 1 56  ? 14.664  -2.251  -13.051 1.00 12.49 ?  35  MET A SD  1 
ATOM   305  C CE  . MET A 1 56  ? 14.917  -3.962  -13.456 1.00 15.90 ?  35  MET A CE  1 
ATOM   306  N N   . ALA A 1 57  ? 11.309  -3.573  -8.648  1.00 12.24 ?  36  ALA A N   1 
ATOM   307  C CA  . ALA A 1 57  ? 10.655  -4.669  -7.946  1.00 10.73 ?  36  ALA A CA  1 
ATOM   308  C C   . ALA A 1 57  ? 9.263   -4.951  -8.503  1.00 12.19 ?  36  ALA A C   1 
ATOM   309  O O   . ALA A 1 57  ? 8.523   -4.035  -8.882  1.00 13.57 ?  36  ALA A O   1 
ATOM   310  C CB  . ALA A 1 57  ? 10.560  -4.345  -6.455  1.00 11.70 ?  36  ALA A CB  1 
ATOM   311  N N   . LYS A 1 58  ? 8.902   -6.235  -8.535  1.00 10.66 ?  37  LYS A N   1 
ATOM   312  C CA  . LYS A 1 58  ? 7.560   -6.694  -8.889  1.00 10.11 ?  37  LYS A CA  1 
ATOM   313  C C   . LYS A 1 58  ? 7.023   -7.440  -7.669  1.00 10.51 ?  37  LYS A C   1 
ATOM   314  O O   . LYS A 1 58  ? 7.096   -8.673  -7.599  1.00 12.82 ?  37  LYS A O   1 
ATOM   315  C CB  . LYS A 1 58  ? 7.573   -7.583  -10.133 1.00 14.62 ?  37  LYS A CB  1 
ATOM   316  C CG  . LYS A 1 58  ? 8.191   -6.922  -11.349 1.00 20.08 ?  37  LYS A CG  1 
ATOM   317  C CD  . LYS A 1 58  ? 7.292   -5.825  -11.881 1.00 20.58 ?  37  LYS A CD  1 
ATOM   318  C CE  . LYS A 1 58  ? 7.906   -5.151  -13.122 1.00 19.41 ?  37  LYS A CE  1 
ATOM   319  N NZ  . LYS A 1 58  ? 7.714   -3.667  -13.120 1.00 34.05 ?  37  LYS A NZ  1 
ATOM   320  N N   . PRO A 1 59  ? 6.522   -6.721  -6.671  1.00 10.06 ?  38  PRO A N   1 
ATOM   321  C CA  . PRO A 1 59  ? 6.166   -7.373  -5.407  1.00 9.28  ?  38  PRO A CA  1 
ATOM   322  C C   . PRO A 1 59  ? 4.910   -8.222  -5.518  1.00 11.94 ?  38  PRO A C   1 
ATOM   323  O O   . PRO A 1 59  ? 4.055   -8.036  -6.388  1.00 9.49  ?  38  PRO A O   1 
ATOM   324  C CB  . PRO A 1 59  ? 5.940   -6.198  -4.446  1.00 11.77 ?  38  PRO A CB  1 
ATOM   325  C CG  . PRO A 1 59  ? 6.497   -4.987  -5.144  1.00 16.79 ?  38  PRO A CG  1 
ATOM   326  C CD  . PRO A 1 59  ? 6.338   -5.264  -6.605  1.00 12.42 ?  38  PRO A CD  1 
ATOM   327  N N   . ASN A 1 60  ? 4.824   -9.175  -4.601  1.00 9.97  ?  39  ASN A N   1 
ATOM   328  C CA  . ASN A 1 60  ? 3.587   -9.868  -4.291  1.00 10.46 ?  39  ASN A CA  1 
ATOM   329  C C   . ASN A 1 60  ? 3.025   -9.250  -3.027  1.00 12.14 ?  39  ASN A C   1 
ATOM   330  O O   . ASN A 1 60  ? 3.769   -8.916  -2.097  1.00 14.85 ?  39  ASN A O   1 
ATOM   331  C CB  . ASN A 1 60  ? 3.809   -11.360 -4.082  1.00 14.54 ?  39  ASN A CB  1 
ATOM   332  C CG  . ASN A 1 60  ? 4.230   -12.070 -5.351  1.00 20.48 ?  39  ASN A CG  1 
ATOM   333  O OD1 . ASN A 1 60  ? 3.943   -11.612 -6.458  1.00 20.02 ?  39  ASN A OD1 1 
ATOM   334  N ND2 . ASN A 1 60  ? 4.937   -13.185 -5.196  1.00 31.26 ?  39  ASN A ND2 1 
ATOM   335  N N   . MET A 1 61  ? 1.717   -9.080  -3.002  1.00 8.07  ?  40  MET A N   1 
ATOM   336  C CA  . MET A 1 61  ? 1.031   -8.517  -1.852  1.00 11.49 ?  40  MET A CA  1 
ATOM   337  C C   . MET A 1 61  ? 0.087   -9.581  -1.327  1.00 9.87  ?  40  MET A C   1 
ATOM   338  O O   . MET A 1 61  ? -0.689  -10.150 -2.095  1.00 11.20 ?  40  MET A O   1 
ATOM   339  C CB  . MET A 1 61  ? 0.263   -7.250  -2.229  1.00 14.14 ?  40  MET A CB  1 
ATOM   340  C CG  . MET A 1 61  ? -0.476  -6.619  -1.080  1.00 14.53 ?  40  MET A CG  1 
ATOM   341  S SD  . MET A 1 61  ? -1.220  -5.059  -1.559  1.00 20.74 ?  40  MET A SD  1 
ATOM   342  C CE  . MET A 1 61  ? -1.914  -5.483  -3.153  1.00 21.09 ?  40  MET A CE  1 
ATOM   343  N N   . ILE A 1 62  ? 0.188   -9.882  -0.038  1.00 8.21  ?  41  ILE A N   1 
ATOM   344  C CA  . ILE A 1 62  ? -0.637  -10.903 0.595   1.00 9.54  ?  41  ILE A CA  1 
ATOM   345  C C   . ILE A 1 62  ? -1.488  -10.191 1.635   1.00 8.77  ?  41  ILE A C   1 
ATOM   346  O O   . ILE A 1 62  ? -0.947  -9.578  2.562   1.00 9.98  ?  41  ILE A O   1 
ATOM   347  C CB  . ILE A 1 62  ? 0.220   -12.013 1.225   1.00 11.23 ?  41  ILE A CB  1 
ATOM   348  C CG1 . ILE A 1 62  ? 1.068   -12.715 0.149   1.00 15.76 ?  41  ILE A CG1 1 
ATOM   349  C CG2 . ILE A 1 62  ? -0.646  -13.045 1.910   1.00 18.73 ?  41  ILE A CG2 1 
ATOM   350  C CD1 . ILE A 1 62  ? 2.508   -12.219 0.043   1.00 24.64 ?  41  ILE A CD1 1 
ATOM   351  N N   . ILE A 1 63  ? -2.814  -10.255 1.476   1.00 7.66  ?  42  ILE A N   1 
ATOM   352  C CA  . ILE A 1 63  ? -3.737  -9.558  2.367   1.00 6.54  ?  42  ILE A CA  1 
ATOM   353  C C   . ILE A 1 63  ? -4.602  -10.584 3.083   1.00 7.27  ?  42  ILE A C   1 
ATOM   354  O O   . ILE A 1 63  ? -5.188  -11.470 2.443   1.00 7.49  ?  42  ILE A O   1 
ATOM   355  C CB  . ILE A 1 63  ? -4.608  -8.544  1.601   1.00 7.46  ?  42  ILE A CB  1 
ATOM   356  C CG1 . ILE A 1 63  ? -3.726  -7.509  0.910   1.00 9.77  ?  42  ILE A CG1 1 
ATOM   357  C CG2 . ILE A 1 63  ? -5.618  -7.873  2.550   1.00 6.69  ?  42  ILE A CG2 1 
ATOM   358  C CD1 . ILE A 1 63  ? -4.497  -6.504  0.065   1.00 11.08 ?  42  ILE A CD1 1 
ATOM   359  N N   . SER A 1 64  ? -4.683  -10.469 4.406   1.00 6.88  ?  43  SER A N   1 
ATOM   360  C CA  . SER A 1 64  ? -5.499  -11.377 5.184   1.00 7.97  ?  43  SER A CA  1 
ATOM   361  C C   . SER A 1 64  ? -6.232  -10.601 6.267   1.00 6.97  ?  43  SER A C   1 
ATOM   362  O O   . SER A 1 64  ? -5.803  -9.516  6.688   1.00 6.72  ?  43  SER A O   1 
ATOM   363  C CB  . SER A 1 64  ? -4.652  -12.503 5.797   1.00 10.86 ?  43  SER A CB  1 
ATOM   364  O OG  . SER A 1 64  ? -3.610  -11.985 6.595   1.00 14.07 ?  43  SER A OG  1 
ATOM   365  N N   . VAL A 1 65  ? -7.361  -11.159 6.693   1.00 9.32  ?  44  VAL A N   1 
ATOM   366  C CA  . VAL A 1 65  ? -8.172  -10.576 7.754   1.00 8.42  ?  44  VAL A CA  1 
ATOM   367  C C   . VAL A 1 65  ? -8.401  -11.638 8.820   1.00 10.59 ?  44  VAL A C   1 
ATOM   368  O O   . VAL A 1 65  ? -8.752  -12.780 8.504   1.00 13.14 ?  44  VAL A O   1 
ATOM   369  C CB  . VAL A 1 65  ? -9.513  -10.035 7.226   1.00 11.88 ?  44  VAL A CB  1 
ATOM   370  C CG1 . VAL A 1 65  ? -10.325 -9.403  8.359   1.00 13.74 ?  44  VAL A CG1 1 
ATOM   371  C CG2 . VAL A 1 65  ? -9.268  -9.028  6.119   1.00 10.87 ?  44  VAL A CG2 1 
ATOM   372  N N   . ASN A 1 66  ? -8.175  -11.270 10.080  1.00 9.56  ?  45  ASN A N   1 
ATOM   373  C CA  . ASN A 1 66  ? -8.400  -12.179 11.203  1.00 9.41  ?  45  ASN A CA  1 
ATOM   374  C C   . ASN A 1 66  ? -9.094  -11.345 12.275  1.00 9.96  ?  45  ASN A C   1 
ATOM   375  O O   . ASN A 1 66  ? -8.455  -10.539 12.954  1.00 11.69 ?  45  ASN A O   1 
ATOM   376  C CB  . ASN A 1 66  ? -7.086  -12.784 11.690  1.00 10.94 ?  45  ASN A CB  1 
ATOM   377  C CG  . ASN A 1 66  ? -7.278  -13.817 12.772  1.00 13.04 ?  45  ASN A CG  1 
ATOM   378  O OD1 . ASN A 1 66  ? -8.192  -13.712 13.587  1.00 14.39 ?  45  ASN A OD1 1 
ATOM   379  N ND2 . ASN A 1 66  ? -6.391  -14.807 12.808  1.00 12.43 ?  45  ASN A ND2 1 
ATOM   380  N N   . GLY A 1 67  ? -10.404 -11.532 12.410  1.00 15.61 ?  46  GLY A N   1 
ATOM   381  C CA  . GLY A 1 67  ? -11.166 -10.668 13.301  1.00 13.31 ?  46  GLY A CA  1 
ATOM   382  C C   . GLY A 1 67  ? -11.137 -9.233  12.813  1.00 16.84 ?  46  GLY A C   1 
ATOM   383  O O   . GLY A 1 67  ? -11.420 -8.942  11.643  1.00 18.27 ?  46  GLY A O   1 
ATOM   384  N N   . ASP A 1 68  ? -10.787 -8.319  13.718  1.00 11.81 ?  47  ASP A N   1 
ATOM   385  C CA  . ASP A 1 68  ? -10.672 -6.905  13.400  1.00 12.48 ?  47  ASP A CA  1 
ATOM   386  C C   . ASP A 1 68  ? -9.314  -6.532  12.821  1.00 10.41 ?  47  ASP A C   1 
ATOM   387  O O   . ASP A 1 68  ? -9.127  -5.361  12.463  1.00 12.07 ?  47  ASP A O   1 
ATOM   388  C CB  . ASP A 1 68  ? -10.911 -6.059  14.653  1.00 18.50 ?  47  ASP A CB  1 
ATOM   389  C CG  . ASP A 1 68  ? -12.340 -6.144  15.161  1.00 29.12 ?  47  ASP A CG  1 
ATOM   390  O OD1 . ASP A 1 68  ? -13.269 -6.283  14.336  1.00 28.21 ?  47  ASP A OD1 1 
ATOM   391  O OD2 . ASP A 1 68  ? -12.531 -6.054  16.393  1.00 34.50 ?  47  ASP A OD2 1 
ATOM   392  N N   . VAL A 1 69  ? -8.367  -7.473  12.738  1.00 9.77  ?  48  VAL A N   1 
ATOM   393  C CA  . VAL A 1 69  ? -6.986  -7.175  12.360  1.00 7.68  ?  48  VAL A CA  1 
ATOM   394  C C   . VAL A 1 69  ? -6.801  -7.519  10.890  1.00 7.03  ?  48  VAL A C   1 
ATOM   395  O O   . VAL A 1 69  ? -7.011  -8.665  10.479  1.00 7.77  ?  48  VAL A O   1 
ATOM   396  C CB  . VAL A 1 69  ? -5.973  -7.955  13.216  1.00 9.40  ?  48  VAL A CB  1 
ATOM   397  C CG1 . VAL A 1 69  ? -4.534  -7.582  12.838  1.00 10.60 ?  48  VAL A CG1 1 
ATOM   398  C CG2 . VAL A 1 69  ? -6.203  -7.695  14.688  1.00 12.87 ?  48  VAL A CG2 1 
ATOM   399  N N   . ILE A 1 70  ? -6.374  -6.531  10.109  1.00 6.55  ?  49  ILE A N   1 
ATOM   400  C CA  . ILE A 1 70  ? -5.998  -6.708  8.714   1.00 6.14  ?  49  ILE A CA  1 
ATOM   401  C C   . ILE A 1 70  ? -4.478  -6.767  8.628   1.00 6.49  ?  49  ILE A C   1 
ATOM   402  O O   . ILE A 1 70  ? -3.781  -5.932  9.225   1.00 7.28  ?  49  ILE A O   1 
ATOM   403  C CB  . ILE A 1 70  ? -6.541  -5.555  7.852   1.00 6.88  ?  49  ILE A CB  1 
ATOM   404  C CG1 . ILE A 1 70  ? -8.055  -5.440  8.019   1.00 9.55  ?  49  ILE A CG1 1 
ATOM   405  C CG2 . ILE A 1 70  ? -6.124  -5.737  6.404   1.00 7.48  ?  49  ILE A CG2 1 
ATOM   406  C CD1 . ILE A 1 70  ? -8.653  -4.199  7.343   1.00 16.22 ?  49  ILE A CD1 1 
ATOM   407  N N   . THR A 1 71  ? -3.956  -7.723  7.872   1.00 6.07  ?  50  THR A N   1 
ATOM   408  C CA  . THR A 1 71  ? -2.514  -7.827  7.680   1.00 6.87  ?  50  THR A CA  1 
ATOM   409  C C   . THR A 1 71  ? -2.211  -7.724  6.194   1.00 6.35  ?  50  THR A C   1 
ATOM   410  O O   . THR A 1 71  ? -2.822  -8.420  5.379   1.00 7.15  ?  50  THR A O   1 
ATOM   411  C CB  . THR A 1 71  ? -1.953  -9.140  8.250   1.00 9.13  ?  50  THR A CB  1 
ATOM   412  O OG1 . THR A 1 71  ? -2.192  -9.225  9.657   1.00 11.62 ?  50  THR A OG1 1 
ATOM   413  C CG2 . THR A 1 71  ? -0.468  -9.168  8.072   1.00 12.22 ?  50  THR A CG2 1 
ATOM   414  N N   . ILE A 1 72  ? -1.295  -6.828  5.836   1.00 6.59  ?  51  ILE A N   1 
ATOM   415  C CA  . ILE A 1 72  ? -0.831  -6.683  4.459   1.00 6.38  ?  51  ILE A CA  1 
ATOM   416  C C   . ILE A 1 72  ? 0.660   -6.970  4.448   1.00 7.12  ?  51  ILE A C   1 
ATOM   417  O O   . ILE A 1 72  ? 1.437   -6.247  5.083   1.00 7.00  ?  51  ILE A O   1 
ATOM   418  C CB  . ILE A 1 72  ? -1.100  -5.284  3.893   1.00 6.97  ?  51  ILE A CB  1 
ATOM   419  C CG1 . ILE A 1 72  ? -2.590  -4.973  3.938   1.00 7.10  ?  51  ILE A CG1 1 
ATOM   420  C CG2 . ILE A 1 72  ? -0.617  -5.210  2.454   1.00 7.77  ?  51  ILE A CG2 1 
ATOM   421  C CD1 . ILE A 1 72  ? -2.938  -3.593  3.413   1.00 12.25 ?  51  ILE A CD1 1 
ATOM   422  N N   . LYS A 1 73  ? 1.048   -8.030  3.753   1.00 8.41  ?  52  LYS A N   1 
ATOM   423  C CA  . LYS A 1 73  ? 2.446   -8.392  3.571   1.00 10.15 ?  52  LYS A CA  1 
ATOM   424  C C   . LYS A 1 73  ? 2.851   -8.057  2.145   1.00 11.31 ?  52  LYS A C   1 
ATOM   425  O O   . LYS A 1 73  ? 2.065   -8.226  1.206   1.00 11.64 ?  52  LYS A O   1 
ATOM   426  C CB  . LYS A 1 73  ? 2.698   -9.888  3.803   1.00 11.62 ?  52  LYS A CB  1 
ATOM   427  C CG  . LYS A 1 73  ? 2.471   -10.431 5.197   1.00 18.96 ?  52  LYS A CG  1 
ATOM   428  C CD  . LYS A 1 73  ? 1.008   -10.459 5.569   1.00 23.38 ?  52  LYS A CD  1 
ATOM   429  C CE  . LYS A 1 73  ? 0.241   -11.699 5.099   1.00 28.80 ?  52  LYS A CE  1 
ATOM   430  N NZ  . LYS A 1 73  ? -1.249  -11.427 5.085   1.00 15.74 ?  52  LYS A NZ  1 
ATOM   431  N N   . SER A 1 74  ? 4.091   -7.619  1.977   1.00 9.24  ?  53  SER A N   1 
ATOM   432  C CA  . SER A 1 74  ? 4.659   -7.428  0.653   1.00 9.33  ?  53  SER A CA  1 
ATOM   433  C C   . SER A 1 74  ? 5.980   -8.169  0.576   1.00 10.69 ?  53  SER A C   1 
ATOM   434  O O   . SER A 1 74  ? 6.848   -7.980  1.429   1.00 14.08 ?  53  SER A O   1 
ATOM   435  C CB  . SER A 1 74  ? 4.866   -5.950  0.345   1.00 13.66 ?  53  SER A CB  1 
ATOM   436  O OG  . SER A 1 74  ? 5.227   -5.776  -1.023  1.00 20.19 ?  53  SER A OG  1 
ATOM   437  N N   . GLU A 1 75  ? 6.127   -9.015  -0.435  1.00 11.99 ?  54  GLU A N   1 
ATOM   438  C CA  . GLU A 1 75  ? 7.373   -9.728  -0.670  1.00 10.78 ?  54  GLU A CA  1 
ATOM   439  C C   . GLU A 1 75  ? 7.935   -9.299  -2.010  1.00 11.86 ?  54  GLU A C   1 
ATOM   440  O O   . GLU A 1 75  ? 7.232   -9.352  -3.026  1.00 10.59 ?  54  GLU A O   1 
ATOM   441  C CB  . GLU A 1 75  ? 7.147   -11.234 -0.664  1.00 16.28 ?  54  GLU A CB  1 
ATOM   442  C CG  . GLU A 1 75  ? 6.709   -11.774 0.676   1.00 23.10 ?  54  GLU A CG  1 
ATOM   443  C CD  . GLU A 1 75  ? 6.724   -13.276 0.688   1.00 26.24 ?  54  GLU A CD  1 
ATOM   444  O OE1 . GLU A 1 75  ? 7.095   -13.862 1.728   1.00 36.79 ?  54  GLU A OE1 1 
ATOM   445  O OE2 . GLU A 1 75  ? 6.365   -13.861 -0.359  1.00 30.05 ?  54  GLU A OE2 1 
ATOM   446  N N   . SER A 1 76  ? 9.198   -8.889  -2.025  1.00 11.13 ?  55  SER A N   1 
ATOM   447  C CA  . SER A 1 76  ? 9.839   -8.620  -3.303  1.00 14.71 ?  55  SER A CA  1 
ATOM   448  C C   . SER A 1 76  ? 11.342  -8.782  -3.152  1.00 13.91 ?  55  SER A C   1 
ATOM   449  O O   . SER A 1 76  ? 11.855  -9.060  -2.064  1.00 16.14 ?  55  SER A O   1 
ATOM   450  C CB  . SER A 1 76  ? 9.483   -7.227  -3.843  1.00 17.66 ?  55  SER A CB  1 
ATOM   451  O OG  . SER A 1 76  ? 10.213  -6.211  -3.189  1.00 14.81 ?  55  SER A OG  1 
ATOM   452  N N   . THR A 1 77  ? 12.046  -8.633  -4.277  1.00 14.49 ?  56  THR A N   1 
ATOM   453  C CA  . THR A 1 77  ? 13.502  -8.617  -4.250  1.00 16.08 ?  56  THR A CA  1 
ATOM   454  C C   . THR A 1 77  ? 14.048  -7.366  -3.586  1.00 18.32 ?  56  THR A C   1 
ATOM   455  O O   . THR A 1 77  ? 15.209  -7.361  -3.168  1.00 20.57 ?  56  THR A O   1 
ATOM   456  C CB  . THR A 1 77  ? 14.056  -8.721  -5.674  1.00 17.22 ?  56  THR A CB  1 
ATOM   457  O OG1 . THR A 1 77  ? 13.489  -7.674  -6.473  1.00 20.22 ?  56  THR A OG1 1 
ATOM   458  C CG2 . THR A 1 77  ? 13.689  -10.059 -6.284  1.00 15.20 ?  56  THR A CG2 1 
ATOM   459  N N   . PHE A 1 78  ? 13.241  -6.306  -3.490  1.00 13.02 ?  57  PHE A N   1 
ATOM   460  C CA  . PHE A 1 78  ? 13.675  -5.062  -2.864  1.00 15.83 ?  57  PHE A CA  1 
ATOM   461  C C   . PHE A 1 78  ? 13.614  -5.172  -1.347  1.00 18.65 ?  57  PHE A C   1 
ATOM   462  O O   . PHE A 1 78  ? 14.639  -5.098  -0.664  1.00 20.57 ?  57  PHE A O   1 
ATOM   463  C CB  . PHE A 1 78  ? 12.808  -3.905  -3.361  1.00 15.53 ?  57  PHE A CB  1 
ATOM   464  C CG  . PHE A 1 78  ? 13.027  -2.614  -2.630  1.00 16.58 ?  57  PHE A CG  1 
ATOM   465  C CD1 . PHE A 1 78  ? 14.286  -2.032  -2.570  1.00 18.84 ?  57  PHE A CD1 1 
ATOM   466  C CD2 . PHE A 1 78  ? 11.962  -1.950  -2.046  1.00 18.16 ?  57  PHE A CD2 1 
ATOM   467  C CE1 . PHE A 1 78  ? 14.485  -0.828  -1.899  1.00 17.49 ?  57  PHE A CE1 1 
ATOM   468  C CE2 . PHE A 1 78  ? 12.146  -0.748  -1.383  1.00 18.97 ?  57  PHE A CE2 1 
ATOM   469  C CZ  . PHE A 1 78  ? 13.415  -0.184  -1.306  1.00 18.00 ?  57  PHE A CZ  1 
ATOM   470  N N   . LYS A 1 79  ? 12.417  -5.369  -0.807  1.00 20.10 ?  58  LYS A N   1 
ATOM   471  C CA  . LYS A 1 79  ? 12.243  -5.534  0.625   1.00 18.55 ?  58  LYS A CA  1 
ATOM   472  C C   . LYS A 1 79  ? 11.064  -6.459  0.862   1.00 18.74 ?  58  LYS A C   1 
ATOM   473  O O   . LYS A 1 79  ? 10.211  -6.654  -0.010  1.00 19.24 ?  58  LYS A O   1 
ATOM   474  C CB  . LYS A 1 79  ? 12.001  -4.193  1.328   1.00 21.36 ?  58  LYS A CB  1 
ATOM   475  C CG  . LYS A 1 79  ? 13.246  -3.404  1.647   1.00 27.50 ?  58  LYS A CG  1 
ATOM   476  C CD  . LYS A 1 79  ? 13.495  -3.349  3.152   1.00 30.92 ?  58  LYS A CD  1 
ATOM   477  C CE  . LYS A 1 79  ? 13.546  -4.735  3.776   1.00 34.47 ?  58  LYS A CE  1 
ATOM   478  N NZ  . LYS A 1 79  ? 13.985  -4.696  5.201   1.00 42.98 ?  58  LYS A NZ  1 
ATOM   479  N N   . ASN A 1 80  ? 11.043  -7.051  2.047   1.00 13.02 ?  59  ASN A N   1 
ATOM   480  C CA  . ASN A 1 80  ? 9.860   -7.719  2.567   1.00 13.58 ?  59  ASN A CA  1 
ATOM   481  C C   . ASN A 1 80  ? 9.313   -6.856  3.692   1.00 17.85 ?  59  ASN A C   1 
ATOM   482  O O   . ASN A 1 80  ? 10.072  -6.416  4.561   1.00 18.67 ?  59  ASN A O   1 
ATOM   483  C CB  . ASN A 1 80  ? 10.189  -9.125  3.070   1.00 16.18 ?  59  ASN A CB  1 
ATOM   484  C CG  . ASN A 1 80  ? 10.639  -10.059 1.957   1.00 19.98 ?  59  ASN A CG  1 
ATOM   485  O OD1 . ASN A 1 80  ? 10.278  -9.891  0.792   1.00 15.47 ?  59  ASN A OD1 1 
ATOM   486  N ND2 . ASN A 1 80  ? 11.451  -11.050 2.318   1.00 33.07 ?  59  ASN A ND2 1 
ATOM   487  N N   . THR A 1 81  ? 8.012   -6.570  3.652   1.00 13.61 ?  60  THR A N   1 
ATOM   488  C CA  . THR A 1 81  ? 7.380   -5.760  4.682   1.00 12.18 ?  60  THR A CA  1 
ATOM   489  C C   . THR A 1 81  ? 6.101   -6.440  5.143   1.00 10.22 ?  60  THR A C   1 
ATOM   490  O O   . THR A 1 81  ? 5.512   -7.246  4.426   1.00 11.57 ?  60  THR A O   1 
ATOM   491  C CB  . THR A 1 81  ? 7.032   -4.351  4.192   1.00 14.06 ?  60  THR A CB  1 
ATOM   492  O OG1 . THR A 1 81  ? 6.014   -4.441  3.180   1.00 15.17 ?  60  THR A OG1 1 
ATOM   493  C CG2 . THR A 1 81  ? 8.260   -3.645  3.628   1.00 19.03 ?  60  THR A CG2 1 
ATOM   494  N N   . GLU A 1 82  ? 5.672   -6.088  6.352   1.00 11.13 ?  61  GLU A N   1 
ATOM   495  C CA  . GLU A 1 82  ? 4.399   -6.574  6.870   1.00 11.02 ?  61  GLU A CA  1 
ATOM   496  C C   . GLU A 1 82  ? 3.832   -5.541  7.827   1.00 12.40 ?  61  GLU A C   1 
ATOM   497  O O   . GLU A 1 82  ? 4.550   -5.058  8.715   1.00 11.90 ?  61  GLU A O   1 
ATOM   498  C CB  . GLU A 1 82  ? 4.569   -7.917  7.579   1.00 15.36 ?  61  GLU A CB  1 
ATOM   499  C CG  . GLU A 1 82  ? 3.294   -8.432  8.235   1.00 18.09 ?  61  GLU A CG  1 
ATOM   500  C CD  . GLU A 1 82  ? 3.521   -9.733  8.994   1.00 27.98 ?  61  GLU A CD  1 
ATOM   501  O OE1 . GLU A 1 82  ? 4.390   -10.520 8.560   1.00 33.01 ?  61  GLU A OE1 1 
ATOM   502  O OE2 . GLU A 1 82  ? 2.854   -9.956  10.030  1.00 27.79 ?  61  GLU A OE2 1 
ATOM   503  N N   . ILE A 1 83  ? 2.560   -5.196  7.638   1.00 8.24  ?  62  ILE A N   1 
ATOM   504  C CA  . ILE A 1 83  ? 1.839   -4.337  8.566   1.00 8.20  ?  62  ILE A CA  1 
ATOM   505  C C   . ILE A 1 83  ? 0.567   -5.046  8.996   1.00 6.88  ?  62  ILE A C   1 
ATOM   506  O O   . ILE A 1 83  ? -0.077  -5.732  8.196   1.00 8.13  ?  62  ILE A O   1 
ATOM   507  C CB  . ILE A 1 83  ? 1.521   -2.947  7.972   1.00 8.23  ?  62  ILE A CB  1 
ATOM   508  C CG1 . ILE A 1 83  ? 0.660   -3.045  6.721   1.00 8.91  ?  62  ILE A CG1 1 
ATOM   509  C CG2 . ILE A 1 83  ? 2.824   -2.194  7.647   1.00 11.95 ?  62  ILE A CG2 1 
ATOM   510  C CD1 . ILE A 1 83  ? 0.124   -1.709  6.248   1.00 11.78 ?  62  ILE A CD1 1 
ATOM   511  N N   . SER A 1 84  ? 0.219   -4.887  10.274  1.00 6.18  ?  63  SER A N   1 
ATOM   512  C CA  . SER A 1 84  ? -1.053  -5.342  10.818  1.00 6.29  ?  63  SER A CA  1 
ATOM   513  C C   . SER A 1 84  ? -1.712  -4.161  11.509  1.00 8.94  ?  63  SER A C   1 
ATOM   514  O O   . SER A 1 84  ? -1.031  -3.363  12.162  1.00 8.47  ?  63  SER A O   1 
ATOM   515  C CB  . SER A 1 84  ? -0.871  -6.496  11.800  1.00 9.97  ?  63  SER A CB  1 
ATOM   516  O OG  . SER A 1 84  ? -0.368  -7.629  11.128  1.00 9.97  ?  63  SER A OG  1 
ATOM   517  N N   . PHE A 1 85  ? -3.032  -4.045  11.368  1.00 6.54  ?  64  PHE A N   1 
ATOM   518  C CA  . PHE A 1 85  ? -3.689  -2.833  11.843  1.00 5.71  ?  64  PHE A CA  1 
ATOM   519  C C   . PHE A 1 85  ? -5.180  -3.071  12.008  1.00 5.45  ?  64  PHE A C   1 
ATOM   520  O O   . PHE A 1 85  ? -5.750  -4.021  11.464  1.00 6.33  ?  64  PHE A O   1 
ATOM   521  C CB  . PHE A 1 85  ? -3.456  -1.662  10.880  1.00 6.28  ?  64  PHE A CB  1 
ATOM   522  C CG  . PHE A 1 85  ? -3.930  -1.932  9.472   1.00 7.44  ?  64  PHE A CG  1 
ATOM   523  C CD1 . PHE A 1 85  ? -3.102  -2.563  8.546   1.00 6.93  ?  64  PHE A CD1 1 
ATOM   524  C CD2 . PHE A 1 85  ? -5.207  -1.552  9.072   1.00 9.08  ?  64  PHE A CD2 1 
ATOM   525  C CE1 . PHE A 1 85  ? -3.550  -2.817  7.271   1.00 6.85  ?  64  PHE A CE1 1 
ATOM   526  C CE2 . PHE A 1 85  ? -5.662  -1.814  7.791   1.00 7.11  ?  64  PHE A CE2 1 
ATOM   527  C CZ  . PHE A 1 85  ? -4.834  -2.430  6.892   1.00 7.29  ?  64  PHE A CZ  1 
ATOM   528  N N   . ILE A 1 86  ? -5.792  -2.186  12.790  1.00 7.14  ?  65  ILE A N   1 
ATOM   529  C CA  . ILE A 1 86  ? -7.236  -2.134  12.961  1.00 7.90  ?  65  ILE A CA  1 
ATOM   530  C C   . ILE A 1 86  ? -7.722  -0.841  12.320  1.00 5.49  ?  65  ILE A C   1 
ATOM   531  O O   . ILE A 1 86  ? -7.064  0.198   12.442  1.00 7.23  ?  65  ILE A O   1 
ATOM   532  C CB  . ILE A 1 86  ? -7.590  -2.216  14.459  1.00 8.47  ?  65  ILE A CB  1 
ATOM   533  C CG1 . ILE A 1 86  ? -7.190  -3.593  15.000  1.00 8.66  ?  65  ILE A CG1 1 
ATOM   534  C CG2 . ILE A 1 86  ? -9.064  -1.992  14.680  1.00 8.89  ?  65  ILE A CG2 1 
ATOM   535  C CD1 . ILE A 1 86  ? -7.336  -3.715  16.507  1.00 14.57 ?  65  ILE A CD1 1 
ATOM   536  N N   . LEU A 1 87  ? -8.851  -0.903  11.610  1.00 6.69  ?  66  LEU A N   1 
ATOM   537  C CA  . LEU A 1 87  ? -9.305  0.279   10.883  1.00 7.73  ?  66  LEU A CA  1 
ATOM   538  C C   . LEU A 1 87  ? -9.520  1.457   11.834  1.00 8.70  ?  66  LEU A C   1 
ATOM   539  O O   . LEU A 1 87  ? -10.110 1.316   12.913  1.00 9.33  ?  66  LEU A O   1 
ATOM   540  C CB  . LEU A 1 87  ? -10.585 -0.039  10.101  1.00 8.46  ?  66  LEU A CB  1 
ATOM   541  C CG  . LEU A 1 87  ? -10.428 -0.996  8.909   1.00 10.81 ?  66  LEU A CG  1 
ATOM   542  C CD1 . LEU A 1 87  ? -11.793 -1.363  8.322   1.00 12.32 ?  66  LEU A CD1 1 
ATOM   543  C CD2 . LEU A 1 87  ? -9.549  -0.399  7.841   1.00 9.33  ?  66  LEU A CD2 1 
ATOM   544  N N   . GLY A 1 88  ? -9.001  2.624   11.443  1.00 7.68  ?  67  GLY A N   1 
ATOM   545  C CA  . GLY A 1 88  ? -9.176  3.857   12.181  1.00 8.25  ?  67  GLY A CA  1 
ATOM   546  C C   . GLY A 1 88  ? -8.220  4.069   13.336  1.00 8.71  ?  67  GLY A C   1 
ATOM   547  O O   . GLY A 1 88  ? -8.300  5.114   13.992  1.00 9.37  ?  67  GLY A O   1 
ATOM   548  N N   . GLN A 1 89  ? -7.312  3.131   13.592  1.00 6.27  ?  68  GLN A N   1 
ATOM   549  C CA  . GLN A 1 89  ? -6.429  3.172   14.755  1.00 6.48  ?  68  GLN A CA  1 
ATOM   550  C C   . GLN A 1 89  ? -4.993  3.355   14.290  1.00 8.42  ?  68  GLN A C   1 
ATOM   551  O O   . GLN A 1 89  ? -4.443  2.484   13.611  1.00 8.03  ?  68  GLN A O   1 
ATOM   552  C CB  . GLN A 1 89  ? -6.573  1.900   15.595  1.00 8.60  ?  68  GLN A CB  1 
ATOM   553  C CG  . GLN A 1 89  ? -8.014  1.663   16.031  1.00 11.15 ?  68  GLN A CG  1 
ATOM   554  C CD  . GLN A 1 89  ? -8.166  0.639   17.139  1.00 15.34 ?  68  GLN A CD  1 
ATOM   555  O OE1 . GLN A 1 89  ? -7.192  0.084   17.640  1.00 18.85 ?  68  GLN A OE1 1 
ATOM   556  N NE2 . GLN A 1 89  ? -9.413  0.401   17.542  1.00 18.71 ?  68  GLN A NE2 1 
ATOM   557  N N   . GLU A 1 90  ? -4.378  4.464   14.699  1.00 8.18  ?  69  GLU A N   1 
ATOM   558  C CA  . GLU A 1 90  ? -3.040  4.812   14.237  1.00 6.81  ?  69  GLU A CA  1 
ATOM   559  C C   . GLU A 1 90  ? -2.004  3.778   14.683  1.00 10.10 ?  69  GLU A C   1 
ATOM   560  O O   . GLU A 1 90  ? -2.095  3.212   15.780  1.00 9.80  ?  69  GLU A O   1 
ATOM   561  C CB  . GLU A 1 90  ? -2.658  6.199   14.769  1.00 12.68 ?  69  GLU A CB  1 
ATOM   562  C CG  . GLU A 1 90  ? -1.344  6.743   14.222  1.00 12.07 ?  69  GLU A CG  1 
ATOM   563  C CD  . GLU A 1 90  ? -1.024  8.131   14.750  1.00 22.60 ?  69  GLU A CD  1 
ATOM   564  O OE1 . GLU A 1 90  ? -0.878  8.271   15.985  1.00 28.07 ?  69  GLU A OE1 1 
ATOM   565  O OE2 . GLU A 1 90  ? -0.904  9.077   13.939  1.00 25.47 ?  69  GLU A OE2 1 
ATOM   566  N N   . PHE A 1 91  ? -0.999  3.547   13.830  1.00 8.20  ?  70  PHE A N   1 
ATOM   567  C CA  . PHE A 1 91  ? 0.100   2.647   14.159  1.00 7.62  ?  70  PHE A CA  1 
ATOM   568  C C   . PHE A 1 91  ? 1.415   3.178   13.606  1.00 8.91  ?  70  PHE A C   1 
ATOM   569  O O   . PHE A 1 91  ? 1.451   4.080   12.769  1.00 9.21  ?  70  PHE A O   1 
ATOM   570  C CB  . PHE A 1 91  ? -0.146  1.228   13.632  1.00 8.00  ?  70  PHE A CB  1 
ATOM   571  C CG  . PHE A 1 91  ? -0.367  1.139   12.141  1.00 8.27  ?  70  PHE A CG  1 
ATOM   572  C CD1 . PHE A 1 91  ? -1.611  1.408   11.594  1.00 7.98  ?  70  PHE A CD1 1 
ATOM   573  C CD2 . PHE A 1 91  ? 0.664   0.742   11.287  1.00 8.85  ?  70  PHE A CD2 1 
ATOM   574  C CE1 . PHE A 1 91  ? -1.814  1.317   10.218  1.00 7.98  ?  70  PHE A CE1 1 
ATOM   575  C CE2 . PHE A 1 91  ? 0.469   0.636   9.912   1.00 9.36  ?  70  PHE A CE2 1 
ATOM   576  C CZ  . PHE A 1 91  ? -0.782  0.914   9.368   1.00 8.68  ?  70  PHE A CZ  1 
ATOM   577  N N   . ASP A 1 92  ? 2.512   2.593   14.105  1.00 9.55  ?  71  ASP A N   1 
ATOM   578  C CA  . ASP A 1 92  ? 3.855   2.877   13.613  1.00 11.52 ?  71  ASP A CA  1 
ATOM   579  C C   . ASP A 1 92  ? 4.193   1.983   12.430  1.00 10.80 ?  71  ASP A C   1 
ATOM   580  O O   . ASP A 1 92  ? 3.942   0.774   12.454  1.00 13.33 ?  71  ASP A O   1 
ATOM   581  C CB  . ASP A 1 92  ? 4.895   2.649   14.712  1.00 13.34 ?  71  ASP A CB  1 
ATOM   582  C CG  . ASP A 1 92  ? 4.737   3.603   15.857  1.00 17.25 ?  71  ASP A CG  1 
ATOM   583  O OD1 . ASP A 1 92  ? 4.710   4.817   15.586  1.00 19.32 ?  71  ASP A OD1 1 
ATOM   584  O OD2 . ASP A 1 92  ? 4.634   3.136   17.021  1.00 17.35 ?  71  ASP A OD2 1 
ATOM   585  N N   . GLU A 1 93  ? 4.786   2.576   11.396  1.00 9.68  ?  72  GLU A N   1 
ATOM   586  C CA  . GLU A 1 93  ? 5.157   1.822   10.209  1.00 12.11 ?  72  GLU A CA  1 
ATOM   587  C C   . GLU A 1 93  ? 6.544   2.275   9.777   1.00 12.30 ?  72  GLU A C   1 
ATOM   588  O O   . GLU A 1 93  ? 6.816   3.476   9.730   1.00 14.22 ?  72  GLU A O   1 
ATOM   589  C CB  . GLU A 1 93  ? 4.134   2.029   9.071   1.00 10.86 ?  72  GLU A CB  1 
ATOM   590  C CG  . GLU A 1 93  ? 4.424   1.252   7.779   1.00 11.54 ?  72  GLU A CG  1 
ATOM   591  C CD  . GLU A 1 93  ? 3.463   1.584   6.636   1.00 13.11 ?  72  GLU A CD  1 
ATOM   592  O OE1 . GLU A 1 93  ? 2.616   2.494   6.795   1.00 14.49 ?  72  GLU A OE1 1 
ATOM   593  O OE2 . GLU A 1 93  ? 3.559   0.935   5.571   1.00 16.10 ?  72  GLU A OE2 1 
ATOM   594  N N   . VAL A 1 94  ? 7.425   1.320   9.506   1.00 12.45 ?  73  VAL A N   1 
ATOM   595  C CA  . VAL A 1 94  ? 8.670   1.599   8.798   1.00 14.03 ?  73  VAL A CA  1 
ATOM   596  C C   . VAL A 1 94  ? 8.463   1.121   7.367   1.00 13.36 ?  73  VAL A C   1 
ATOM   597  O O   . VAL A 1 94  ? 8.307   -0.074  7.107   1.00 15.26 ?  73  VAL A O   1 
ATOM   598  C CB  . VAL A 1 94  ? 9.880   0.929   9.458   1.00 19.20 ?  73  VAL A CB  1 
ATOM   599  C CG1 . VAL A 1 94  ? 11.134  1.274   8.674   1.00 19.96 ?  73  VAL A CG1 1 
ATOM   600  C CG2 . VAL A 1 94  ? 10.008  1.376   10.917  1.00 21.46 ?  73  VAL A CG2 1 
ATOM   601  N N   . THR A 1 95  ? 8.431   2.068   6.438   1.00 11.28 ?  74  THR A N   1 
ATOM   602  C CA  . THR A 1 95  ? 8.093   1.776   5.055   1.00 12.46 ?  74  THR A CA  1 
ATOM   603  C C   . THR A 1 95  ? 9.253   1.083   4.341   1.00 13.83 ?  74  THR A C   1 
ATOM   604  O O   . THR A 1 95  ? 10.382  1.033   4.831   1.00 15.17 ?  74  THR A O   1 
ATOM   605  C CB  . THR A 1 95  ? 7.738   3.064   4.336   1.00 13.14 ?  74  THR A CB  1 
ATOM   606  O OG1 . THR A 1 95  ? 8.896   3.912   4.301   1.00 12.76 ?  74  THR A OG1 1 
ATOM   607  C CG2 . THR A 1 95  ? 6.627   3.783   5.074   1.00 10.66 ?  74  THR A CG2 1 
ATOM   608  N N   . ALA A 1 96  ? 8.961   0.571   3.143   1.00 14.92 ?  75  ALA A N   1 
ATOM   609  C CA  . ALA A 1 96  ? 9.978   -0.149  2.380   1.00 16.22 ?  75  ALA A CA  1 
ATOM   610  C C   . ALA A 1 96  ? 11.164  0.742   2.046   1.00 17.35 ?  75  ALA A C   1 
ATOM   611  O O   . ALA A 1 96  ? 12.301  0.258   1.966   1.00 19.42 ?  75  ALA A O   1 
ATOM   612  C CB  . ALA A 1 96  ? 9.377   -0.721  1.102   1.00 15.46 ?  75  ALA A CB  1 
ATOM   613  N N   . ASP A 1 97  ? 10.929  2.036   1.841   1.00 13.68 ?  76  ASP A N   1 
ATOM   614  C CA  . ASP A 1 97  ? 12.009  2.977   1.577   1.00 14.67 ?  76  ASP A CA  1 
ATOM   615  C C   . ASP A 1 97  ? 12.625  3.543   2.856   1.00 17.73 ?  76  ASP A C   1 
ATOM   616  O O   . ASP A 1 97  ? 13.401  4.501   2.783   1.00 22.33 ?  76  ASP A O   1 
ATOM   617  C CB  . ASP A 1 97  ? 11.507  4.109   0.680   1.00 18.86 ?  76  ASP A CB  1 
ATOM   618  C CG  . ASP A 1 97  ? 10.325  4.842   1.269   1.00 18.26 ?  76  ASP A CG  1 
ATOM   619  O OD1 . ASP A 1 97  ? 9.341   4.180   1.688   1.00 14.11 ?  76  ASP A OD1 1 
ATOM   620  O OD2 . ASP A 1 97  ? 10.373  6.090   1.301   1.00 16.36 ?  76  ASP A OD2 1 
ATOM   621  N N   . ASP A 1 98  ? 12.273  2.974   4.015   1.00 17.96 ?  77  ASP A N   1 
ATOM   622  C CA  . ASP A 1 98  ? 12.871  3.238   5.322   1.00 19.73 ?  77  ASP A CA  1 
ATOM   623  C C   . ASP A 1 98  ? 12.472  4.581   5.916   1.00 21.24 ?  77  ASP A C   1 
ATOM   624  O O   . ASP A 1 98  ? 13.259  5.210   6.632   1.00 22.53 ?  77  ASP A O   1 
ATOM   625  C CB  . ASP A 1 98  ? 14.399  3.137   5.262   1.00 24.94 ?  77  ASP A CB  1 
ATOM   626  C CG  . ASP A 1 98  ? 14.985  2.563   6.538   1.00 30.21 ?  77  ASP A CG  1 
ATOM   627  O OD1 . ASP A 1 98  ? 14.506  1.496   6.977   1.00 38.41 ?  77  ASP A OD1 1 
ATOM   628  O OD2 . ASP A 1 98  ? 15.915  3.167   7.110   1.00 40.52 ?  77  ASP A OD2 1 
ATOM   629  N N   . ARG A 1 99  ? 11.255  5.036   5.645   1.00 13.54 ?  78  ARG A N   1 
ATOM   630  C CA  . ARG A 1 99  ? 10.700  6.138   6.407   1.00 11.80 ?  78  ARG A CA  1 
ATOM   631  C C   . ARG A 1 99  ? 10.029  5.566   7.642   1.00 13.94 ?  78  ARG A C   1 
ATOM   632  O O   . ARG A 1 99  ? 9.449   4.479   7.594   1.00 13.52 ?  78  ARG A O   1 
ATOM   633  C CB  . ARG A 1 99  ? 9.680   6.942   5.599   1.00 12.62 ?  78  ARG A CB  1 
ATOM   634  C CG  . ARG A 1 99  ? 10.248  7.813   4.500   1.00 14.22 ?  78  ARG A CG  1 
ATOM   635  C CD  . ARG A 1 99  ? 9.116   8.370   3.637   1.00 13.67 ?  78  ARG A CD  1 
ATOM   636  N NE  . ARG A 1 99  ? 8.528   7.301   2.843   1.00 12.71 ?  78  ARG A NE  1 
ATOM   637  C CZ  . ARG A 1 99  ? 7.225   7.027   2.768   1.00 14.10 ?  78  ARG A CZ  1 
ATOM   638  N NH1 . ARG A 1 99  ? 6.330   7.757   3.429   1.00 11.69 ?  78  ARG A NH1 1 
ATOM   639  N NH2 . ARG A 1 99  ? 6.819   6.016   2.011   1.00 14.71 ?  78  ARG A NH2 1 
ATOM   640  N N   . LYS A 1 100 ? 10.130  6.287   8.748   1.00 11.75 ?  79  LYS A N   1 
ATOM   641  C CA  . LYS A 1 100 ? 9.425   5.940   9.980   1.00 12.78 ?  79  LYS A CA  1 
ATOM   642  C C   . LYS A 1 100 ? 8.203   6.843   10.050  1.00 12.11 ?  79  LYS A C   1 
ATOM   643  O O   . LYS A 1 100 ? 8.328   8.052   10.263  1.00 15.51 ?  79  LYS A O   1 
ATOM   644  C CB  . LYS A 1 100 ? 10.326  6.120   11.201  1.00 15.89 ?  79  LYS A CB  1 
ATOM   645  C CG  . LYS A 1 100 ? 11.214  4.920   11.500  1.00 21.65 ?  79  LYS A CG  1 
ATOM   646  C CD  . LYS A 1 100 ? 12.269  4.700   10.419  1.00 25.45 ?  79  LYS A CD  1 
ATOM   647  C CE  . LYS A 1 100 ? 13.524  4.034   10.980  1.00 28.62 ?  79  LYS A CE  1 
ATOM   648  N NZ  . LYS A 1 100 ? 14.137  3.080   10.003  1.00 32.66 ?  79  LYS A NZ  1 
ATOM   649  N N   . VAL A 1 101 ? 7.019   6.265   9.858   1.00 10.77 ?  80  VAL A N   1 
ATOM   650  C CA  . VAL A 1 101 ? 5.820   7.065   9.676   1.00 10.24 ?  80  VAL A CA  1 
ATOM   651  C C   . VAL A 1 101 ? 4.766   6.664   10.702  1.00 8.72  ?  80  VAL A C   1 
ATOM   652  O O   . VAL A 1 101 ? 4.828   5.600   11.325  1.00 10.24 ?  80  VAL A O   1 
ATOM   653  C CB  . VAL A 1 101 ? 5.260   6.935   8.241   1.00 8.70  ?  80  VAL A CB  1 
ATOM   654  C CG1 . VAL A 1 101 ? 6.353   7.190   7.208   1.00 10.61 ?  80  VAL A CG1 1 
ATOM   655  C CG2 . VAL A 1 101 ? 4.651   5.546   8.012   1.00 8.54  ?  80  VAL A CG2 1 
ATOM   656  N N   . LYS A 1 102 ? 3.796   7.552   10.875  1.00 8.11  ?  81  LYS A N   1 
ATOM   657  C CA  . LYS A 1 102 ? 2.570   7.266   11.606  1.00 9.02  ?  81  LYS A CA  1 
ATOM   658  C C   . LYS A 1 102 ? 1.466   7.050   10.580  1.00 10.97 ?  81  LYS A C   1 
ATOM   659  O O   . LYS A 1 102 ? 1.202   7.938   9.764   1.00 10.89 ?  81  LYS A O   1 
ATOM   660  C CB  . LYS A 1 102 ? 2.206   8.407   12.555  1.00 11.00 ?  81  LYS A CB  1 
ATOM   661  C CG  . LYS A 1 102 ? 3.262   8.707   13.599  1.00 17.73 ?  81  LYS A CG  1 
ATOM   662  C CD  . LYS A 1 102 ? 3.253   7.682   14.708  1.00 16.37 ?  81  LYS A CD  1 
ATOM   663  C CE  . LYS A 1 102 ? 4.182   8.128   15.839  1.00 21.74 ?  81  LYS A CE  1 
ATOM   664  N NZ  . LYS A 1 102 ? 4.421   7.030   16.813  1.00 28.52 ?  81  LYS A NZ  1 
ATOM   665  N N   . SER A 1 103 ? 0.841   5.872   10.612  1.00 7.66  ?  82  SER A N   1 
ATOM   666  C CA  . SER A 1 103 ? -0.127  5.465   9.597   1.00 5.37  ?  82  SER A CA  1 
ATOM   667  C C   . SER A 1 103 ? -1.507  5.274   10.205  1.00 7.10  ?  82  SER A C   1 
ATOM   668  O O   . SER A 1 103 ? -1.629  4.773   11.318  1.00 7.30  ?  82  SER A O   1 
ATOM   669  C CB  . SER A 1 103 ? 0.287   4.161   8.939   1.00 7.90  ?  82  SER A CB  1 
ATOM   670  O OG  . SER A 1 103 ? 1.429   4.374   8.122   1.00 10.96 ?  82  SER A OG  1 
ATOM   671  N N   . THR A 1 104 ? -2.544  5.667   9.471   1.00 6.27  ?  83  THR A N   1 
ATOM   672  C CA  . THR A 1 104 ? -3.925  5.347   9.811   1.00 6.88  ?  83  THR A CA  1 
ATOM   673  C C   . THR A 1 104 ? -4.615  4.866   8.549   1.00 9.28  ?  83  THR A C   1 
ATOM   674  O O   . THR A 1 104 ? -4.498  5.509   7.501   1.00 7.65  ?  83  THR A O   1 
ATOM   675  C CB  . THR A 1 104 ? -4.666  6.559   10.368  1.00 8.81  ?  83  THR A CB  1 
ATOM   676  O OG1 . THR A 1 104 ? -3.909  7.117   11.456  1.00 12.25 ?  83  THR A OG1 1 
ATOM   677  C CG2 . THR A 1 104 ? -6.043  6.160   10.882  1.00 10.97 ?  83  THR A CG2 1 
ATOM   678  N N   . ILE A 1 105 ? -5.336  3.753   8.643   1.00 6.51  ?  84  ILE A N   1 
ATOM   679  C CA  . ILE A 1 105 ? -6.024  3.172   7.497   1.00 4.86  ?  84  ILE A CA  1 
ATOM   680  C C   . ILE A 1 105 ? -7.501  3.069   7.831   1.00 8.04  ?  84  ILE A C   1 
ATOM   681  O O   . ILE A 1 105 ? -7.869  2.561   8.898   1.00 7.07  ?  84  ILE A O   1 
ATOM   682  C CB  . ILE A 1 105 ? -5.448  1.796   7.124   1.00 5.90  ?  84  ILE A CB  1 
ATOM   683  C CG1 . ILE A 1 105 ? -3.976  1.959   6.743   1.00 6.63  ?  84  ILE A CG1 1 
ATOM   684  C CG2 . ILE A 1 105 ? -6.210  1.206   5.965   1.00 6.72  ?  84  ILE A CG2 1 
ATOM   685  C CD1 . ILE A 1 105 ? -3.282  0.644   6.385   1.00 7.82  ?  84  ILE A CD1 1 
ATOM   686  N N   . THR A 1 106 ? -8.338  3.576   6.933   1.00 5.46  ?  85  THR A N   1 
ATOM   687  C CA  . THR A 1 106 ? -9.776  3.532   7.109   1.00 6.58  ?  85  THR A CA  1 
ATOM   688  C C   . THR A 1 106 ? -10.424 2.970   5.851   1.00 7.23  ?  85  THR A C   1 
ATOM   689  O O   . THR A 1 106 ? -9.799  2.875   4.799   1.00 8.92  ?  85  THR A O   1 
ATOM   690  C CB  . THR A 1 106 ? -10.333 4.922   7.406   1.00 12.33 ?  85  THR A CB  1 
ATOM   691  O OG1 . THR A 1 106 ? -9.917  5.816   6.371   1.00 13.53 ?  85  THR A OG1 1 
ATOM   692  C CG2 . THR A 1 106 ? -9.787  5.446   8.752   1.00 13.76 ?  85  THR A CG2 1 
ATOM   693  N N   . LEU A 1 107 ? -11.690 2.597   5.971   1.00 9.95  ?  86  LEU A N   1 
ATOM   694  C CA  . LEU A 1 107 ? -12.490 2.140   4.844   1.00 11.01 ?  86  LEU A CA  1 
ATOM   695  C C   . LEU A 1 107 ? -13.472 3.249   4.511   1.00 14.58 ?  86  LEU A C   1 
ATOM   696  O O   . LEU A 1 107 ? -14.274 3.637   5.368   1.00 17.98 ?  86  LEU A O   1 
ATOM   697  C CB  . LEU A 1 107 ? -13.244 0.854   5.179   1.00 15.35 ?  86  LEU A CB  1 
ATOM   698  C CG  . LEU A 1 107 ? -12.778 -0.496  4.650   1.00 18.41 ?  86  LEU A CG  1 
ATOM   699  C CD1 . LEU A 1 107 ? -13.765 -1.585  5.070   1.00 18.11 ?  86  LEU A CD1 1 
ATOM   700  C CD2 . LEU A 1 107 ? -12.626 -0.484  3.156   1.00 13.19 ?  86  LEU A CD2 1 
ATOM   701  N N   . ASP A 1 108 ? -13.401 3.757   3.283   1.00 12.57 ?  87  ASP A N   1 
ATOM   702  C CA  . ASP A 1 108 ? -14.307 4.786   2.788   1.00 16.99 ?  87  ASP A CA  1 
ATOM   703  C C   . ASP A 1 108 ? -14.990 4.251   1.536   1.00 14.67 ?  87  ASP A C   1 
ATOM   704  O O   . ASP A 1 108 ? -14.359 4.126   0.478   1.00 15.13 ?  87  ASP A O   1 
ATOM   705  C CB  . ASP A 1 108 ? -13.559 6.086   2.512   1.00 20.19 ?  87  ASP A CB  1 
ATOM   706  C CG  . ASP A 1 108 ? -14.424 7.128   1.834   1.00 31.12 ?  87  ASP A CG  1 
ATOM   707  O OD1 . ASP A 1 108 ? -15.612 7.248   2.211   1.00 34.63 ?  87  ASP A OD1 1 
ATOM   708  O OD2 . ASP A 1 108 ? -13.911 7.843   0.943   1.00 36.77 ?  87  ASP A OD2 1 
ATOM   709  N N   . GLY A 1 109 ? -16.273 3.931   1.655   1.00 15.30 ?  88  GLY A N   1 
ATOM   710  C CA  . GLY A 1 109 ? -17.034 3.427   0.526   1.00 15.98 ?  88  GLY A CA  1 
ATOM   711  C C   . GLY A 1 109 ? -16.332 2.343   -0.265  1.00 16.96 ?  88  GLY A C   1 
ATOM   712  O O   . GLY A 1 109 ? -16.206 2.438   -1.489  1.00 19.66 ?  88  GLY A O   1 
ATOM   713  N N   . GLY A 1 110 ? -15.847 1.314   0.424   1.00 15.25 ?  89  GLY A N   1 
ATOM   714  C CA  . GLY A 1 110 ? -15.198 0.205   -0.245  1.00 12.55 ?  89  GLY A CA  1 
ATOM   715  C C   . GLY A 1 110 ? -13.719 0.388   -0.529  1.00 14.57 ?  89  GLY A C   1 
ATOM   716  O O   . GLY A 1 110 ? -13.068 -0.571  -0.960  1.00 15.97 ?  89  GLY A O   1 
ATOM   717  N N   . VAL A 1 111 ? -13.165 1.576   -0.299  1.00 9.22  ?  90  VAL A N   1 
ATOM   718  C CA  . VAL A 1 111 ? -11.767 1.870   -0.614  1.00 8.38  ?  90  VAL A CA  1 
ATOM   719  C C   . VAL A 1 111 ? -10.958 1.894   0.674   1.00 9.21  ?  90  VAL A C   1 
ATOM   720  O O   . VAL A 1 111 ? -11.318 2.595   1.629   1.00 9.52  ?  90  VAL A O   1 
ATOM   721  C CB  . VAL A 1 111 ? -11.637 3.207   -1.358  1.00 9.76  ?  90  VAL A CB  1 
ATOM   722  C CG1 . VAL A 1 111 ? -10.158 3.513   -1.649  1.00 8.82  ?  90  VAL A CG1 1 
ATOM   723  C CG2 . VAL A 1 111 ? -12.446 3.176   -2.639  1.00 12.65 ?  90  VAL A CG2 1 
ATOM   724  N N   . LEU A 1 112 ? -9.855  1.144   0.714   1.00 6.00  ?  91  LEU A N   1 
ATOM   725  C CA  . LEU A 1 112 ? -8.932  1.274   1.839   1.00 8.35  ?  91  LEU A CA  1 
ATOM   726  C C   . LEU A 1 112 ? -8.090  2.527   1.649   1.00 7.64  ?  91  LEU A C   1 
ATOM   727  O O   . LEU A 1 112 ? -7.365  2.648   0.660   1.00 8.53  ?  91  LEU A O   1 
ATOM   728  C CB  . LEU A 1 112 ? -8.014  0.061   1.961   1.00 10.26 ?  91  LEU A CB  1 
ATOM   729  C CG  . LEU A 1 112 ? -8.565  -1.219  2.569   1.00 10.09 ?  91  LEU A CG  1 
ATOM   730  C CD1 . LEU A 1 112 ? -7.538  -2.323  2.342   1.00 14.30 ?  91  LEU A CD1 1 
ATOM   731  C CD2 . LEU A 1 112 ? -8.882  -1.041  4.055   1.00 9.82  ?  91  LEU A CD2 1 
ATOM   732  N N   . VAL A 1 113 ? -8.178  3.453   2.596   1.00 7.28  ?  92  VAL A N   1 
ATOM   733  C CA  . VAL A 1 113 ? -7.487  4.734   2.521   1.00 6.76  ?  92  VAL A CA  1 
ATOM   734  C C   . VAL A 1 113 ? -6.411  4.746   3.593   1.00 7.26  ?  92  VAL A C   1 
ATOM   735  O O   . VAL A 1 113 ? -6.721  4.715   4.789   1.00 8.15  ?  92  VAL A O   1 
ATOM   736  C CB  . VAL A 1 113 ? -8.455  5.910   2.709   1.00 9.25  ?  92  VAL A CB  1 
ATOM   737  C CG1 . VAL A 1 113 ? -7.725  7.231   2.574   1.00 12.07 ?  92  VAL A CG1 1 
ATOM   738  C CG2 . VAL A 1 113 ? -9.586  5.813   1.698   1.00 9.11  ?  92  VAL A CG2 1 
ATOM   739  N N   . HIS A 1 114 ? -5.152  4.813   3.160   1.00 5.53  ?  93  HIS A N   1 
ATOM   740  C CA  . HIS A 1 114 ? -3.981  4.682   4.025   1.00 8.02  ?  93  HIS A CA  1 
ATOM   741  C C   . HIS A 1 114 ? -3.227  6.009   3.995   1.00 7.24  ?  93  HIS A C   1 
ATOM   742  O O   . HIS A 1 114 ? -2.717  6.411   2.945   1.00 7.95  ?  93  HIS A O   1 
ATOM   743  C CB  . HIS A 1 114 ? -3.137  3.509   3.525   1.00 6.32  ?  93  HIS A CB  1 
ATOM   744  C CG  . HIS A 1 114 ? -1.867  3.281   4.277   1.00 6.41  ?  93  HIS A CG  1 
ATOM   745  N ND1 . HIS A 1 114 ? -1.016  2.240   3.966   1.00 9.72  ?  93  HIS A ND1 1 
ATOM   746  C CD2 . HIS A 1 114 ? -1.308  3.929   5.323   1.00 9.59  ?  93  HIS A CD2 1 
ATOM   747  C CE1 . HIS A 1 114 ? 0.015   2.263   4.794   1.00 8.92  ?  93  HIS A CE1 1 
ATOM   748  N NE2 . HIS A 1 114 ? -0.130  3.283   5.619   1.00 9.30  ?  93  HIS A NE2 1 
ATOM   749  N N   . VAL A 1 115 ? -3.172  6.707   5.129   1.00 6.18  ?  94  VAL A N   1 
ATOM   750  C CA  . VAL A 1 115 ? -2.456  7.973   5.231   1.00 6.29  ?  94  VAL A CA  1 
ATOM   751  C C   . VAL A 1 115 ? -1.192  7.745   6.043   1.00 7.73  ?  94  VAL A C   1 
ATOM   752  O O   . VAL A 1 115 ? -1.265  7.220   7.159   1.00 9.24  ?  94  VAL A O   1 
ATOM   753  C CB  . VAL A 1 115 ? -3.320  9.068   5.879   1.00 9.03  ?  94  VAL A CB  1 
ATOM   754  C CG1 . VAL A 1 115 ? -2.580  10.403  5.862   1.00 15.10 ?  94  VAL A CG1 1 
ATOM   755  C CG2 . VAL A 1 115 ? -4.665  9.172   5.167   1.00 12.47 ?  94  VAL A CG2 1 
ATOM   756  N N   . GLN A 1 116 ? -0.048  8.148   5.496   1.00 6.30  ?  95  GLN A N   1 
ATOM   757  C CA  . GLN A 1 116 ? 1.241   8.093   6.182   1.00 6.97  ?  95  GLN A CA  1 
ATOM   758  C C   . GLN A 1 116 ? 1.689   9.517   6.472   1.00 8.76  ?  95  GLN A C   1 
ATOM   759  O O   . GLN A 1 116 ? 1.722   10.347  5.561   1.00 9.95  ?  95  GLN A O   1 
ATOM   760  C CB  . GLN A 1 116 ? 2.307   7.392   5.335   1.00 8.94  ?  95  GLN A CB  1 
ATOM   761  C CG  . GLN A 1 116 ? 2.044   5.931   5.000   1.00 8.76  ?  95  GLN A CG  1 
ATOM   762  C CD  . GLN A 1 116 ? 3.085   5.358   4.046   1.00 10.30 ?  95  GLN A CD  1 
ATOM   763  O OE1 . GLN A 1 116 ? 3.785   6.099   3.350   1.00 10.08 ?  95  GLN A OE1 1 
ATOM   764  N NE2 . GLN A 1 116 ? 3.185   4.031   4.000   1.00 10.53 ?  95  GLN A NE2 1 
ATOM   765  N N   . LYS A 1 117 ? 2.059   9.791   7.723   1.00 8.04  ?  96  LYS A N   1 
ATOM   766  C CA  . LYS A 1 117 ? 2.541   11.104  8.140   1.00 11.05 ?  96  LYS A CA  1 
ATOM   767  C C   . LYS A 1 117 ? 3.960   10.980  8.672   1.00 11.53 ?  96  LYS A C   1 
ATOM   768  O O   . LYS A 1 117 ? 4.250   10.089  9.472   1.00 10.87 ?  96  LYS A O   1 
ATOM   769  C CB  . LYS A 1 117 ? 1.659   11.714  9.235   1.00 14.93 ?  96  LYS A CB  1 
ATOM   770  C CG  . LYS A 1 117 ? 0.174   11.618  9.005   1.00 20.85 ?  96  LYS A CG  1 
ATOM   771  C CD  . LYS A 1 117 ? -0.390  12.973  8.588   1.00 28.09 ?  96  LYS A CD  1 
ATOM   772  C CE  . LYS A 1 117 ? -1.853  12.866  8.211   1.00 27.10 ?  96  LYS A CE  1 
ATOM   773  N NZ  . LYS A 1 117 ? -2.259  13.927  7.243   1.00 33.98 ?  96  LYS A NZ  1 
ATOM   774  N N   . TRP A 1 118 ? 4.840   11.879  8.241   1.00 10.95 ?  97  TRP A N   1 
ATOM   775  C CA  . TRP A 1 118 ? 6.198   11.908  8.765   1.00 13.36 ?  97  TRP A CA  1 
ATOM   776  C C   . TRP A 1 118 ? 6.802   13.268  8.440   1.00 18.92 ?  97  TRP A C   1 
ATOM   777  O O   . TRP A 1 118 ? 6.509   13.841  7.387   1.00 16.71 ?  97  TRP A O   1 
ATOM   778  C CB  . TRP A 1 118 ? 7.054   10.782  8.167   1.00 15.62 ?  97  TRP A CB  1 
ATOM   779  C CG  . TRP A 1 118 ? 7.517   11.080  6.775   1.00 13.33 ?  97  TRP A CG  1 
ATOM   780  C CD1 . TRP A 1 118 ? 8.778   11.439  6.394   1.00 17.06 ?  97  TRP A CD1 1 
ATOM   781  C CD2 . TRP A 1 118 ? 6.726   11.056  5.577   1.00 12.93 ?  97  TRP A CD2 1 
ATOM   782  N NE1 . TRP A 1 118 ? 8.821   11.639  5.033   1.00 15.73 ?  97  TRP A NE1 1 
ATOM   783  C CE2 . TRP A 1 118 ? 7.575   11.410  4.509   1.00 13.10 ?  97  TRP A CE2 1 
ATOM   784  C CE3 . TRP A 1 118 ? 5.384   10.767  5.306   1.00 11.08 ?  97  TRP A CE3 1 
ATOM   785  C CZ2 . TRP A 1 118 ? 7.131   11.491  3.191   1.00 13.17 ?  97  TRP A CZ2 1 
ATOM   786  C CZ3 . TRP A 1 118 ? 4.939   10.844  3.989   1.00 10.51 ?  97  TRP A CZ3 1 
ATOM   787  C CH2 . TRP A 1 118 ? 5.816   11.204  2.950   1.00 10.61 ?  97  TRP A CH2 1 
ATOM   788  N N   . ASP A 1 119 ? 7.614   13.791  9.363   1.00 21.70 ?  98  ASP A N   1 
ATOM   789  C CA  . ASP A 1 119 ? 8.400   15.008  9.119   1.00 21.31 ?  98  ASP A CA  1 
ATOM   790  C C   . ASP A 1 119 ? 7.547   16.145  8.559   1.00 20.21 ?  98  ASP A C   1 
ATOM   791  O O   . ASP A 1 119 ? 7.981   16.901  7.687   1.00 26.35 ?  98  ASP A O   1 
ATOM   792  C CB  . ASP A 1 119 ? 9.578   14.728  8.181   1.00 23.45 ?  98  ASP A CB  1 
ATOM   793  C CG  . ASP A 1 119 ? 10.555  13.705  8.741   1.00 32.27 ?  98  ASP A CG  1 
ATOM   794  O OD1 . ASP A 1 119 ? 10.806  13.727  9.964   1.00 40.27 ?  98  ASP A OD1 1 
ATOM   795  O OD2 . ASP A 1 119 ? 11.107  12.908  7.951   1.00 37.83 ?  98  ASP A OD2 1 
ATOM   796  N N   . GLY A 1 120 ? 6.318   16.267  9.051   1.00 21.79 ?  99  GLY A N   1 
ATOM   797  C CA  . GLY A 1 120 ? 5.424   17.294  8.559   1.00 22.56 ?  99  GLY A CA  1 
ATOM   798  C C   . GLY A 1 120 ? 4.875   17.073  7.167   1.00 23.75 ?  99  GLY A C   1 
ATOM   799  O O   . GLY A 1 120 ? 4.176   17.953  6.651   1.00 26.22 ?  99  GLY A O   1 
ATOM   800  N N   . LYS A 1 121 ? 5.160   15.934  6.545   1.00 15.70 ?  100 LYS A N   1 
ATOM   801  C CA  . LYS A 1 121 ? 4.627   15.566  5.242   1.00 16.90 ?  100 LYS A CA  1 
ATOM   802  C C   . LYS A 1 121 ? 3.565   14.485  5.407   1.00 15.21 ?  100 LYS A C   1 
ATOM   803  O O   . LYS A 1 121 ? 3.447   13.842  6.454   1.00 13.46 ?  100 LYS A O   1 
ATOM   804  C CB  . LYS A 1 121 ? 5.741   15.059  4.320   1.00 14.53 ?  100 LYS A CB  1 
ATOM   805  C CG  . LYS A 1 121 ? 6.885   16.043  4.109   1.00 19.90 ?  100 LYS A CG  1 
ATOM   806  C CD  . LYS A 1 121 ? 8.141   15.300  3.697   1.00 20.83 ?  100 LYS A CD  1 
ATOM   807  C CE  . LYS A 1 121 ? 9.384   16.084  4.073   1.00 27.08 ?  100 LYS A CE  1 
ATOM   808  N NZ  . LYS A 1 121 ? 9.545   17.298  3.225   1.00 40.35 ?  100 LYS A NZ  1 
ATOM   809  N N   . SER A 1 122 ? 2.781   14.288  4.356   1.00 11.67 ?  101 SER A N   1 
ATOM   810  C CA  . SER A 1 122 ? 1.852   13.172  4.364   1.00 9.15  ?  101 SER A CA  1 
ATOM   811  C C   . SER A 1 122 ? 1.607   12.697  2.938   1.00 12.76 ?  101 SER A C   1 
ATOM   812  O O   . SER A 1 122 ? 1.709   13.465  1.976   1.00 12.04 ?  101 SER A O   1 
ATOM   813  C CB  . SER A 1 122 ? 0.529   13.536  5.045   1.00 17.06 ?  101 SER A CB  1 
ATOM   814  O OG  . SER A 1 122 ? -0.361  14.162  4.145   1.00 24.19 ?  101 SER A OG  1 
ATOM   815  N N   . THR A 1 123 ? 1.317   11.406  2.814   1.00 8.87  ?  102 THR A N   1 
ATOM   816  C CA  . THR A 1 123 ? 0.983   10.798  1.540   1.00 7.50  ?  102 THR A CA  1 
ATOM   817  C C   . THR A 1 123 ? -0.199  9.871   1.771   1.00 10.24 ?  102 THR A C   1 
ATOM   818  O O   . THR A 1 123 ? -0.405  9.373   2.882   1.00 8.59  ?  102 THR A O   1 
ATOM   819  C CB  . THR A 1 123 ? 2.193   10.057  0.916   1.00 10.51 ?  102 THR A CB  1 
ATOM   820  O OG1 . THR A 1 123 ? 1.858   9.596   -0.405  1.00 9.97  ?  102 THR A OG1 1 
ATOM   821  C CG2 . THR A 1 123 ? 2.630   8.882   1.760   1.00 9.07  ?  102 THR A CG2 1 
ATOM   822  N N   . THR A 1 124 ? -1.015  9.710   0.740   1.00 7.89  ?  103 THR A N   1 
ATOM   823  C CA  . THR A 1 124 ? -2.217  8.899   0.811   1.00 8.24  ?  103 THR A CA  1 
ATOM   824  C C   . THR A 1 124 ? -2.126  7.797   -0.227  1.00 10.13 ?  103 THR A C   1 
ATOM   825  O O   . THR A 1 124 ? -1.803  8.054   -1.393  1.00 9.83  ?  103 THR A O   1 
ATOM   826  C CB  . THR A 1 124 ? -3.479  9.738   0.596   1.00 10.51 ?  103 THR A CB  1 
ATOM   827  O OG1 . THR A 1 124 ? -3.528  10.772  1.586   1.00 13.71 ?  103 THR A OG1 1 
ATOM   828  C CG2 . THR A 1 124 ? -4.727  8.878   0.744   1.00 13.30 ?  103 THR A CG2 1 
ATOM   829  N N   . ILE A 1 125 ? -2.405  6.575   0.211   1.00 6.20  ?  104 ILE A N   1 
ATOM   830  C CA  . ILE A 1 125 ? -2.382  5.380   -0.616  1.00 6.37  ?  104 ILE A CA  1 
ATOM   831  C C   . ILE A 1 125 ? -3.778  4.785   -0.557  1.00 6.57  ?  104 ILE A C   1 
ATOM   832  O O   . ILE A 1 125 ? -4.265  4.445   0.531   1.00 8.07  ?  104 ILE A O   1 
ATOM   833  C CB  . ILE A 1 125 ? -1.339  4.371   -0.114  1.00 8.54  ?  104 ILE A CB  1 
ATOM   834  C CG1 . ILE A 1 125 ? 0.052   5.006   -0.094  1.00 9.00  ?  104 ILE A CG1 1 
ATOM   835  C CG2 . ILE A 1 125 ? -1.363  3.120   -0.977  1.00 11.95 ?  104 ILE A CG2 1 
ATOM   836  C CD1 . ILE A 1 125 ? 0.807   4.727   1.174   1.00 17.33 ?  104 ILE A CD1 1 
ATOM   837  N N   . LYS A 1 126 ? -4.428  4.667   -1.705  1.00 6.30  ?  105 LYS A N   1 
ATOM   838  C CA  . LYS A 1 126 ? -5.772  4.114   -1.772  1.00 5.91  ?  105 LYS A CA  1 
ATOM   839  C C   . LYS A 1 126 ? -5.705  2.765   -2.460  1.00 8.62  ?  105 LYS A C   1 
ATOM   840  O O   . LYS A 1 126 ? -4.979  2.603   -3.441  1.00 9.09  ?  105 LYS A O   1 
ATOM   841  C CB  . LYS A 1 126 ? -6.705  5.055   -2.542  1.00 7.62  ?  105 LYS A CB  1 
ATOM   842  C CG  . LYS A 1 126 ? -6.909  6.413   -1.867  1.00 11.91 ?  105 LYS A CG  1 
ATOM   843  C CD  . LYS A 1 126 ? -7.985  7.212   -2.611  1.00 18.44 ?  105 LYS A CD  1 
ATOM   844  C CE  . LYS A 1 126 ? -8.540  8.383   -1.802  1.00 29.67 ?  105 LYS A CE  1 
ATOM   845  N NZ  . LYS A 1 126 ? -9.287  9.336   -2.692  1.00 33.91 ?  105 LYS A NZ  1 
ATOM   846  N N   . ARG A 1 127 ? -6.427  1.791   -1.927  1.00 6.98  ?  106 ARG A N   1 
ATOM   847  C CA  . ARG A 1 127 ? -6.453  0.451   -2.496  1.00 7.55  ?  106 ARG A CA  1 
ATOM   848  C C   . ARG A 1 127 ? -7.905  0.087   -2.766  1.00 8.40  ?  106 ARG A C   1 
ATOM   849  O O   . ARG A 1 127 ? -8.740  0.193   -1.868  1.00 9.12  ?  106 ARG A O   1 
ATOM   850  C CB  . ARG A 1 127 ? -5.791  -0.557  -1.540  1.00 10.09 ?  106 ARG A CB  1 
ATOM   851  C CG  . ARG A 1 127 ? -4.303  -0.282  -1.234  1.00 11.73 ?  106 ARG A CG  1 
ATOM   852  C CD  . ARG A 1 127 ? -3.766  -1.204  -0.118  1.00 15.31 ?  106 ARG A CD  1 
ATOM   853  N NE  . ARG A 1 127 ? -2.324  -1.057  0.143   1.00 17.13 ?  106 ARG A NE  1 
ATOM   854  C CZ  . ARG A 1 127 ? -1.784  -0.270  1.074   1.00 17.00 ?  106 ARG A CZ  1 
ATOM   855  N NH1 . ARG A 1 127 ? -2.540  0.484   1.861   1.00 15.28 ?  106 ARG A NH1 1 
ATOM   856  N NH2 . ARG A 1 127 ? -0.462  -0.231  1.228   1.00 21.43 ?  106 ARG A NH2 1 
ATOM   857  N N   . LYS A 1 128 ? -8.219  -0.306  -4.001  1.00 8.46  ?  107 LYS A N   1 
ATOM   858  C CA  . LYS A 1 128 ? -9.601  -0.612  -4.340  1.00 9.38  ?  107 LYS A CA  1 
ATOM   859  C C   . LYS A 1 128 ? -9.670  -1.824  -5.250  1.00 9.56  ?  107 LYS A C   1 
ATOM   860  O O   . LYS A 1 128 ? -8.751  -2.095  -6.019  1.00 11.07 ?  107 LYS A O   1 
ATOM   861  C CB  . LYS A 1 128 ? -10.281 0.580   -5.015  1.00 15.17 ?  107 LYS A CB  1 
ATOM   862  C CG  . LYS A 1 128 ? -9.568  1.058   -6.253  1.00 21.66 ?  107 LYS A CG  1 
ATOM   863  C CD  . LYS A 1 128 ? -9.955  2.500   -6.601  1.00 27.74 ?  107 LYS A CD  1 
ATOM   864  C CE  . LYS A 1 128 ? -9.209  3.498   -5.732  1.00 30.56 ?  107 LYS A CE  1 
ATOM   865  N NZ  . LYS A 1 128 ? -9.633  4.902   -6.013  1.00 36.00 ?  107 LYS A NZ  1 
ATOM   866  N N   . ARG A 1 129 ? -10.786 -2.535  -5.174  1.00 9.91  ?  108 ARG A N   1 
ATOM   867  C CA  . ARG A 1 129 ? -11.035 -3.641  -6.080  1.00 8.24  ?  108 ARG A CA  1 
ATOM   868  C C   . ARG A 1 129 ? -11.697 -3.113  -7.345  1.00 11.63 ?  108 ARG A C   1 
ATOM   869  O O   . ARG A 1 129 ? -12.668 -2.352  -7.279  1.00 17.42 ?  108 ARG A O   1 
ATOM   870  C CB  . ARG A 1 129 ? -11.901 -4.698  -5.405  1.00 12.90 ?  108 ARG A CB  1 
ATOM   871  C CG  . ARG A 1 129 ? -11.118 -5.605  -4.479  1.00 14.63 ?  108 ARG A CG  1 
ATOM   872  C CD  . ARG A 1 129 ? -10.227 -6.555  -5.279  1.00 15.06 ?  108 ARG A CD  1 
ATOM   873  N NE  . ARG A 1 129 ? -10.930 -7.164  -6.418  1.00 17.60 ?  108 ARG A NE  1 
ATOM   874  C CZ  . ARG A 1 129 ? -11.662 -8.271  -6.335  1.00 18.29 ?  108 ARG A CZ  1 
ATOM   875  N NH1 . ARG A 1 129 ? -11.784 -8.905  -5.177  1.00 23.41 ?  108 ARG A NH1 1 
ATOM   876  N NH2 . ARG A 1 129 ? -12.280 -8.743  -7.407  1.00 23.41 ?  108 ARG A NH2 1 
ATOM   877  N N   . GLU A 1 130 ? -11.154 -3.502  -8.492  1.00 9.37  ?  109 GLU A N   1 
ATOM   878  C CA  . GLU A 1 130 ? -11.684 -3.076  -9.781  1.00 13.32 ?  109 GLU A CA  1 
ATOM   879  C C   . GLU A 1 130 ? -11.653 -4.285  -10.695 1.00 9.39  ?  109 GLU A C   1 
ATOM   880  O O   . GLU A 1 130 ? -10.569 -4.770  -11.016 1.00 11.27 ?  109 GLU A O   1 
ATOM   881  C CB  . GLU A 1 130 ? -10.855 -1.932  -10.377 1.00 16.07 ?  109 GLU A CB  1 
ATOM   882  C CG  . GLU A 1 130 ? -11.356 -1.458  -11.724 1.00 21.94 ?  109 GLU A CG  1 
ATOM   883  C CD  . GLU A 1 130 ? -12.291 -0.266  -11.609 1.00 37.15 ?  109 GLU A CD  1 
ATOM   884  O OE1 . GLU A 1 130 ? -13.103 -0.051  -12.542 1.00 40.64 ?  109 GLU A OE1 1 
ATOM   885  O OE2 . GLU A 1 130 ? -12.205 0.460   -10.594 1.00 39.78 ?  109 GLU A OE2 1 
ATOM   886  N N   . ASP A 1 131 ? -12.822 -4.760  -11.134 1.00 12.70 ?  110 ASP A N   1 
ATOM   887  C CA  . ASP A 1 131 ? -12.910 -6.030  -11.868 1.00 11.88 ?  110 ASP A CA  1 
ATOM   888  C C   . ASP A 1 131 ? -12.168 -7.070  -11.029 1.00 9.07  ?  110 ASP A C   1 
ATOM   889  O O   . ASP A 1 131 ? -12.387 -7.131  -9.812  1.00 11.36 ?  110 ASP A O   1 
ATOM   890  C CB  . ASP A 1 131 ? -12.405 -5.867  -13.304 1.00 12.68 ?  110 ASP A CB  1 
ATOM   891  C CG  . ASP A 1 131 ? -13.257 -4.908  -14.118 1.00 21.58 ?  110 ASP A CG  1 
ATOM   892  O OD1 . ASP A 1 131 ? -14.486 -4.880  -13.900 1.00 22.84 ?  110 ASP A OD1 1 
ATOM   893  O OD2 . ASP A 1 131 ? -12.703 -4.181  -14.969 1.00 27.18 ?  110 ASP A OD2 1 
ATOM   894  N N   . ASP A 1 132 ? -11.286 -7.886  -11.609 1.00 10.28 ?  111 ASP A N   1 
ATOM   895  C CA  . ASP A 1 132 ? -10.526 -8.859  -10.835 1.00 11.60 ?  111 ASP A CA  1 
ATOM   896  C C   . ASP A 1 132 ? -9.192  -8.308  -10.352 1.00 12.45 ?  111 ASP A C   1 
ATOM   897  O O   . ASP A 1 132 ? -8.331  -9.088  -9.920  1.00 14.95 ?  111 ASP A O   1 
ATOM   898  C CB  . ASP A 1 132 ? -10.277 -10.130 -11.654 1.00 12.94 ?  111 ASP A CB  1 
ATOM   899  C CG  . ASP A 1 132 ? -11.548 -10.907 -11.943 1.00 13.97 ?  111 ASP A CG  1 
ATOM   900  O OD1 . ASP A 1 132 ? -12.335 -11.147 -11.001 1.00 13.74 ?  111 ASP A OD1 1 
ATOM   901  O OD2 . ASP A 1 132 ? -11.733 -11.297 -13.121 1.00 15.22 ?  111 ASP A OD2 1 
ATOM   902  N N   . LYS A 1 133 ? -8.997  -6.999  -10.414 1.00 8.54  ?  112 LYS A N   1 
ATOM   903  C CA  . LYS A 1 133 ? -7.727  -6.394  -10.040 1.00 10.61 ?  112 LYS A CA  1 
ATOM   904  C C   . LYS A 1 133 ? -7.815  -5.716  -8.680  1.00 7.25  ?  112 LYS A C   1 
ATOM   905  O O   . LYS A 1 133 ? -8.895  -5.430  -8.151  1.00 8.63  ?  112 LYS A O   1 
ATOM   906  C CB  . LYS A 1 133 ? -7.280  -5.373  -11.090 1.00 8.78  ?  112 LYS A CB  1 
ATOM   907  C CG  . LYS A 1 133 ? -7.178  -5.960  -12.505 1.00 17.09 ?  112 LYS A CG  1 
ATOM   908  C CD  . LYS A 1 133 ? -7.178  -4.862  -13.555 1.00 23.22 ?  112 LYS A CD  1 
ATOM   909  C CE  . LYS A 1 133 ? -7.084  -5.438  -14.963 1.00 30.23 ?  112 LYS A CE  1 
ATOM   910  N NZ  . LYS A 1 133 ? -6.072  -6.530  -15.082 1.00 32.15 ?  112 LYS A NZ  1 
ATOM   911  N N   . LEU A 1 134 ? -6.645  -5.490  -8.099  1.00 7.37  ?  113 LEU A N   1 
ATOM   912  C CA  . LEU A 1 134 ? -6.496  -4.608  -6.954  1.00 7.68  ?  113 LEU A CA  1 
ATOM   913  C C   . LEU A 1 134 ? -5.689  -3.414  -7.445  1.00 9.12  ?  113 LEU A C   1 
ATOM   914  O O   . LEU A 1 134 ? -4.558  -3.577  -7.916  1.00 9.79  ?  113 LEU A O   1 
ATOM   915  C CB  . LEU A 1 134 ? -5.825  -5.335  -5.784  1.00 9.11  ?  113 LEU A CB  1 
ATOM   916  C CG  . LEU A 1 134 ? -5.827  -4.646  -4.417  1.00 12.49 ?  113 LEU A CG  1 
ATOM   917  C CD1 . LEU A 1 134 ? -5.553  -5.690  -3.346  1.00 16.29 ?  113 LEU A CD1 1 
ATOM   918  C CD2 . LEU A 1 134 ? -4.779  -3.576  -4.382  1.00 17.26 ?  113 LEU A CD2 1 
ATOM   919  N N   . VAL A 1 135 ? -6.292  -2.234  -7.401  1.00 7.90  ?  114 VAL A N   1 
ATOM   920  C CA  . VAL A 1 135 ? -5.688  -1.017  -7.931  1.00 8.51  ?  114 VAL A CA  1 
ATOM   921  C C   . VAL A 1 135 ? -5.211  -0.178  -6.756  1.00 8.86  ?  114 VAL A C   1 
ATOM   922  O O   . VAL A 1 135 ? -5.973  0.066   -5.808  1.00 9.85  ?  114 VAL A O   1 
ATOM   923  C CB  . VAL A 1 135 ? -6.686  -0.233  -8.806  1.00 10.82 ?  114 VAL A CB  1 
ATOM   924  C CG1 . VAL A 1 135 ? -6.075  1.085   -9.280  1.00 12.86 ?  114 VAL A CG1 1 
ATOM   925  C CG2 . VAL A 1 135 ? -7.134  -1.075  -9.996  1.00 9.88  ?  114 VAL A CG2 1 
ATOM   926  N N   . VAL A 1 136 ? -3.950  0.247   -6.805  1.00 6.95  ?  115 VAL A N   1 
ATOM   927  C CA  . VAL A 1 136 ? -3.342  1.064   -5.757  1.00 6.62  ?  115 VAL A CA  1 
ATOM   928  C C   . VAL A 1 136 ? -3.045  2.426   -6.371  1.00 9.98  ?  115 VAL A C   1 
ATOM   929  O O   . VAL A 1 136 ? -2.356  2.514   -7.392  1.00 12.10 ?  115 VAL A O   1 
ATOM   930  C CB  . VAL A 1 136 ? -2.055  0.441   -5.184  1.00 11.18 ?  115 VAL A CB  1 
ATOM   931  C CG1 . VAL A 1 136 ? -1.546  1.266   -4.020  1.00 11.87 ?  115 VAL A CG1 1 
ATOM   932  C CG2 . VAL A 1 136 ? -2.288  -0.996  -4.742  1.00 12.29 ?  115 VAL A CG2 1 
ATOM   933  N N   . GLU A 1 137 ? -3.585  3.474   -5.766  1.00 7.99  ?  116 GLU A N   1 
ATOM   934  C CA  . GLU A 1 137 ? -3.349  4.849   -6.189  1.00 11.20 ?  116 GLU A CA  1 
ATOM   935  C C   . GLU A 1 137 ? -2.587  5.562   -5.083  1.00 9.66  ?  116 GLU A C   1 
ATOM   936  O O   . GLU A 1 137 ? -3.086  5.669   -3.958  1.00 11.37 ?  116 GLU A O   1 
ATOM   937  C CB  . GLU A 1 137 ? -4.670  5.560   -6.487  1.00 13.66 ?  116 GLU A CB  1 
ATOM   938  C CG  . GLU A 1 137 ? -4.540  7.007   -6.909  1.00 23.16 ?  116 GLU A CG  1 
ATOM   939  C CD  . GLU A 1 137 ? -5.891  7.700   -7.032  1.00 37.13 ?  116 GLU A CD  1 
ATOM   940  O OE1 . GLU A 1 137 ? -5.925  8.858   -7.506  1.00 38.61 ?  116 GLU A OE1 1 
ATOM   941  O OE2 . GLU A 1 137 ? -6.919  7.079   -6.668  1.00 40.01 ?  116 GLU A OE2 1 
ATOM   942  N N   . CYS A 1 138 ? -1.371  6.019   -5.391  1.00 8.31  ?  117 CYS A N   1 
ATOM   943  C CA  . CYS A 1 138 ? -0.497  6.692   -4.438  1.00 9.11  ?  117 CYS A CA  1 
ATOM   944  C C   . CYS A 1 138 ? -0.449  8.173   -4.782  1.00 12.79 ?  117 CYS A C   1 
ATOM   945  O O   . CYS A 1 138 ? -0.186  8.526   -5.934  1.00 12.73 ?  117 CYS A O   1 
ATOM   946  C CB  . CYS A 1 138 ? 0.917   6.104   -4.494  1.00 12.80 ?  117 CYS A CB  1 
ATOM   947  S SG  . CYS A 1 138 ? 0.964   4.305   -4.289  1.00 22.40 ?  117 CYS A SG  1 
ATOM   948  N N   . VAL A 1 139 ? -0.689  9.036   -3.803  1.00 9.21  ?  118 VAL A N   1 
ATOM   949  C CA  . VAL A 1 139 ? -0.723  10.475  -4.053  1.00 8.73  ?  118 VAL A CA  1 
ATOM   950  C C   . VAL A 1 139 ? 0.220   11.188  -3.094  1.00 9.97  ?  118 VAL A C   1 
ATOM   951  O O   . VAL A 1 139 ? 0.168   10.973  -1.876  1.00 9.36  ?  118 VAL A O   1 
ATOM   952  C CB  . VAL A 1 139 ? -2.150  11.043  -3.930  1.00 13.15 ?  118 VAL A CB  1 
ATOM   953  C CG1 . VAL A 1 139 ? -2.129  12.539  -4.135  1.00 18.79 ?  118 VAL A CG1 1 
ATOM   954  C CG2 . VAL A 1 139 ? -3.080  10.381  -4.942  1.00 14.61 ?  118 VAL A CG2 1 
ATOM   955  N N   . MET A 1 140 ? 1.086   12.033  -3.643  1.00 10.47 ?  119 MET A N   1 
ATOM   956  C CA  . MET A 1 140 ? 1.933   12.925  -2.857  1.00 10.36 ?  119 MET A CA  1 
ATOM   957  C C   . MET A 1 140 ? 1.801   14.298  -3.501  1.00 15.39 ?  119 MET A C   1 
ATOM   958  O O   . MET A 1 140 ? 2.262   14.501  -4.632  1.00 14.18 ?  119 MET A O   1 
ATOM   959  C CB  . MET A 1 140 ? 3.385   12.440  -2.835  1.00 11.43 ?  119 MET A CB  1 
ATOM   960  C CG  . MET A 1 140 ? 4.353   13.359  -2.098  1.00 15.20 ?  119 MET A CG  1 
ATOM   961  S SD  . MET A 1 140 ? 4.023   13.284  -0.340  1.00 16.82 ?  119 MET A SD  1 
ATOM   962  C CE  . MET A 1 140 ? 5.071   14.559  0.349   1.00 15.53 ?  119 MET A CE  1 
ATOM   963  N N   . LYS A 1 141 ? 1.105   15.207  -2.811  1.00 16.89 ?  120 LYS A N   1 
ATOM   964  C CA  . LYS A 1 141 ? 0.845   16.567  -3.290  1.00 21.43 ?  120 LYS A CA  1 
ATOM   965  C C   . LYS A 1 141 ? 0.097   16.449  -4.617  1.00 18.60 ?  120 LYS A C   1 
ATOM   966  O O   . LYS A 1 141 ? -0.986  15.843  -4.642  1.00 24.25 ?  120 LYS A O   1 
ATOM   967  C CB  . LYS A 1 141 ? 2.170   17.332  -3.317  1.00 17.27 ?  120 LYS A CB  1 
ATOM   968  C CG  . LYS A 1 141 ? 2.650   17.772  -1.933  1.00 24.29 ?  120 LYS A CG  1 
ATOM   969  C CD  . LYS A 1 141 ? 4.079   18.295  -1.955  1.00 28.00 ?  120 LYS A CD  1 
ATOM   970  C CE  . LYS A 1 141 ? 5.083   17.154  -1.982  1.00 26.27 ?  120 LYS A CE  1 
ATOM   971  N NZ  . LYS A 1 141 ? 6.504   17.602  -1.984  1.00 33.44 ?  120 LYS A NZ  1 
ATOM   972  N N   . GLY A 1 142 ? 0.614   16.973  -5.716  1.00 22.43 ?  121 GLY A N   1 
ATOM   973  C CA  . GLY A 1 142 ? -0.105  16.857  -6.962  1.00 18.53 ?  121 GLY A CA  1 
ATOM   974  C C   . GLY A 1 142 ? 0.283   15.676  -7.823  1.00 15.22 ?  121 GLY A C   1 
ATOM   975  O O   . GLY A 1 142 ? -0.189  15.582  -8.958  1.00 13.55 ?  121 GLY A O   1 
ATOM   976  N N   . VAL A 1 143 ? 1.124   14.773  -7.324  1.00 11.23 ?  122 VAL A N   1 
ATOM   977  C CA  . VAL A 1 143 ? 1.692   13.687  -8.124  1.00 10.32 ?  122 VAL A CA  1 
ATOM   978  C C   . VAL A 1 143 ? 1.019   12.376  -7.734  1.00 13.19 ?  122 VAL A C   1 
ATOM   979  O O   . VAL A 1 143 ? 1.023   11.999  -6.557  1.00 11.84 ?  122 VAL A O   1 
ATOM   980  C CB  . VAL A 1 143 ? 3.216   13.592  -7.926  1.00 9.95  ?  122 VAL A CB  1 
ATOM   981  C CG1 . VAL A 1 143 ? 3.759   12.359  -8.608  1.00 10.87 ?  122 VAL A CG1 1 
ATOM   982  C CG2 . VAL A 1 143 ? 3.927   14.863  -8.442  1.00 12.34 ?  122 VAL A CG2 1 
ATOM   983  N N   . THR A 1 144 ? 0.484   11.664  -8.720  1.00 8.96  ?  123 THR A N   1 
ATOM   984  C CA  . THR A 1 144 ? -0.212  10.400  -8.493  1.00 10.53 ?  123 THR A CA  1 
ATOM   985  C C   . THR A 1 144 ? 0.492   9.279   -9.245  1.00 13.26 ?  123 THR A C   1 
ATOM   986  O O   . THR A 1 144 ? 0.942   9.473   -10.377 1.00 14.81 ?  123 THR A O   1 
ATOM   987  C CB  . THR A 1 144 ? -1.680  10.464  -8.956  1.00 12.87 ?  123 THR A CB  1 
ATOM   988  O OG1 . THR A 1 144 ? -2.374  11.516  -8.273  1.00 17.67 ?  123 THR A OG1 1 
ATOM   989  C CG2 . THR A 1 144 ? -2.390  9.154   -8.677  1.00 16.46 ?  123 THR A CG2 1 
ATOM   990  N N   . SER A 1 145 ? 0.579   8.107   -8.618  1.00 9.76  ?  124 SER A N   1 
ATOM   991  C CA  . SER A 1 145 ? 1.047   6.890   -9.268  1.00 8.13  ?  124 SER A CA  1 
ATOM   992  C C   . SER A 1 145 ? -0.017  5.813   -9.131  1.00 9.36  ?  124 SER A C   1 
ATOM   993  O O   . SER A 1 145 ? -0.699  5.733   -8.104  1.00 10.06 ?  124 SER A O   1 
ATOM   994  C CB  . SER A 1 145 ? 2.357   6.417   -8.650  1.00 9.53  ?  124 SER A CB  1 
ATOM   995  O OG  . SER A 1 145 ? 2.676   5.122   -9.107  1.00 10.57 ?  124 SER A OG  1 
ATOM   996  N N   . THR A 1 146 ? -0.185  5.001   -10.176 1.00 8.36  ?  125 THR A N   1 
ATOM   997  C CA  . THR A 1 146 ? -1.170  3.927   -10.182 1.00 9.11  ?  125 THR A CA  1 
ATOM   998  C C   . THR A 1 146 ? -0.444  2.605   -10.355 1.00 11.67 ?  125 THR A C   1 
ATOM   999  O O   . THR A 1 146 ? 0.328   2.440   -11.306 1.00 10.58 ?  125 THR A O   1 
ATOM   1000 C CB  . THR A 1 146 ? -2.204  4.113   -11.301 1.00 13.17 ?  125 THR A CB  1 
ATOM   1001 O OG1 . THR A 1 146 ? -2.837  5.389   -11.146 1.00 15.68 ?  125 THR A OG1 1 
ATOM   1002 C CG2 . THR A 1 146 ? -3.273  3.023   -11.242 1.00 15.21 ?  125 THR A CG2 1 
ATOM   1003 N N   . ARG A 1 147 ? -0.680  1.676   -9.434  1.00 7.14  ?  126 ARG A N   1 
ATOM   1004 C CA  . ARG A 1 147 ? -0.097  0.346   -9.495  1.00 9.21  ?  126 ARG A CA  1 
ATOM   1005 C C   . ARG A 1 147 ? -1.218  -0.676  -9.489  1.00 9.34  ?  126 ARG A C   1 
ATOM   1006 O O   . ARG A 1 147 ? -2.134  -0.601  -8.661  1.00 11.10 ?  126 ARG A O   1 
ATOM   1007 C CB  . ARG A 1 147 ? 0.887   0.127   -8.346  1.00 8.95  ?  126 ARG A CB  1 
ATOM   1008 C CG  . ARG A 1 147 ? 2.216   0.851   -8.641  1.00 16.31 ?  126 ARG A CG  1 
ATOM   1009 C CD  . ARG A 1 147 ? 3.012   1.154   -7.420  1.00 20.65 ?  126 ARG A CD  1 
ATOM   1010 N NE  . ARG A 1 147 ? 3.827   0.030   -6.957  1.00 20.17 ?  126 ARG A NE  1 
ATOM   1011 C CZ  . ARG A 1 147 ? 4.938   -0.404  -7.547  1.00 17.08 ?  126 ARG A CZ  1 
ATOM   1012 N NH1 . ARG A 1 147 ? 5.379   0.158   -8.661  1.00 17.81 ?  126 ARG A NH1 1 
ATOM   1013 N NH2 . ARG A 1 147 ? 5.604   -1.415  -7.014  1.00 19.84 ?  126 ARG A NH2 1 
ATOM   1014 N N   . VAL A 1 148 ? -1.169  -1.612  -10.433 1.00 7.96  ?  127 VAL A N   1 
ATOM   1015 C CA  . VAL A 1 148 ? -2.253  -2.562  -10.630 1.00 6.92  ?  127 VAL A CA  1 
ATOM   1016 C C   . VAL A 1 148 ? -1.729  -3.948  -10.312 1.00 7.91  ?  127 VAL A C   1 
ATOM   1017 O O   . VAL A 1 148 ? -0.657  -4.331  -10.800 1.00 8.77  ?  127 VAL A O   1 
ATOM   1018 C CB  . VAL A 1 148 ? -2.822  -2.488  -12.056 1.00 9.74  ?  127 VAL A CB  1 
ATOM   1019 C CG1 . VAL A 1 148 ? -3.922  -3.524  -12.241 1.00 12.64 ?  127 VAL A CG1 1 
ATOM   1020 C CG2 . VAL A 1 148 ? -3.364  -1.090  -12.310 1.00 13.68 ?  127 VAL A CG2 1 
ATOM   1021 N N   . TYR A 1 149 ? -2.472  -4.670  -9.464  1.00 7.08  ?  128 TYR A N   1 
ATOM   1022 C CA  . TYR A 1 149 ? -2.180  -6.037  -9.052  1.00 7.34  ?  128 TYR A CA  1 
ATOM   1023 C C   . TYR A 1 149 ? -3.257  -6.983  -9.567  1.00 10.10 ?  128 TYR A C   1 
ATOM   1024 O O   . TYR A 1 149 ? -4.438  -6.635  -9.616  1.00 7.64  ?  128 TYR A O   1 
ATOM   1025 C CB  . TYR A 1 149 ? -2.116  -6.158  -7.522  1.00 6.78  ?  128 TYR A CB  1 
ATOM   1026 C CG  . TYR A 1 149 ? -0.914  -5.503  -6.912  1.00 7.11  ?  128 TYR A CG  1 
ATOM   1027 C CD1 . TYR A 1 149 ? -0.860  -4.132  -6.766  1.00 8.89  ?  128 TYR A CD1 1 
ATOM   1028 C CD2 . TYR A 1 149 ? 0.175   -6.261  -6.490  1.00 6.69  ?  128 TYR A CD2 1 
ATOM   1029 C CE1 . TYR A 1 149 ? 0.254   -3.508  -6.201  1.00 11.95 ?  128 TYR A CE1 1 
ATOM   1030 C CE2 . TYR A 1 149 ? 1.289   -5.655  -5.918  1.00 9.49  ?  128 TYR A CE2 1 
ATOM   1031 C CZ  . TYR A 1 149 ? 1.323   -4.279  -5.780  1.00 12.46 ?  128 TYR A CZ  1 
ATOM   1032 O OH  . TYR A 1 149 ? 2.430   -3.671  -5.208  1.00 16.14 ?  128 TYR A OH  1 
ATOM   1033 N N   . GLU A 1 150 ? -2.840  -8.193  -9.927  1.00 9.95  ?  129 GLU A N   1 
ATOM   1034 C CA  . GLU A 1 150 ? -3.754  -9.272  -10.275 1.00 9.02  ?  129 GLU A CA  1 
ATOM   1035 C C   . GLU A 1 150 ? -3.558  -10.438 -9.313  1.00 9.02  ?  129 GLU A C   1 
ATOM   1036 O O   . GLU A 1 150 ? -2.550  -10.528 -8.613  1.00 11.24 ?  129 GLU A O   1 
ATOM   1037 C CB  . GLU A 1 150 ? -3.541  -9.738  -11.724 1.00 13.26 ?  129 GLU A CB  1 
ATOM   1038 C CG  . GLU A 1 150 ? -4.113  -8.780  -12.734 1.00 21.09 ?  129 GLU A CG  1 
ATOM   1039 C CD  . GLU A 1 150 ? -3.850  -9.213  -14.163 1.00 29.21 ?  129 GLU A CD  1 
ATOM   1040 O OE1 . GLU A 1 150 ? -3.318  -10.328 -14.361 1.00 32.18 ?  129 GLU A OE1 1 
ATOM   1041 O OE2 . GLU A 1 150 ? -4.172  -8.431  -15.086 1.00 31.76 ?  129 GLU A OE2 1 
ATOM   1042 N N   . ARG A 1 151 ? -4.546  -11.334 -9.278  1.00 11.54 ?  130 ARG A N   1 
ATOM   1043 C CA  . ARG A 1 151 ? -4.452  -12.518 -8.434  1.00 10.26 ?  130 ARG A CA  1 
ATOM   1044 C C   . ARG A 1 151 ? -3.260  -13.371 -8.837  1.00 15.61 ?  130 ARG A C   1 
ATOM   1045 O O   . ARG A 1 151 ? -2.992  -13.563 -10.026 1.00 18.88 ?  130 ARG A O   1 
ATOM   1046 C CB  . ARG A 1 151 ? -5.731  -13.347 -8.545  1.00 13.31 ?  130 ARG A CB  1 
ATOM   1047 C CG  . ARG A 1 151 ? -6.972  -12.624 -8.083  1.00 17.75 ?  130 ARG A CG  1 
ATOM   1048 C CD  . ARG A 1 151 ? -7.405  -13.106 -6.733  1.00 21.05 ?  130 ARG A CD  1 
ATOM   1049 N NE  . ARG A 1 151 ? -8.620  -12.430 -6.302  1.00 20.02 ?  130 ARG A NE  1 
ATOM   1050 C CZ  . ARG A 1 151 ? -8.953  -12.270 -5.032  1.00 16.62 ?  130 ARG A CZ  1 
ATOM   1051 N NH1 . ARG A 1 151 ? -8.157  -12.736 -4.081  1.00 16.95 ?  130 ARG A NH1 1 
ATOM   1052 N NH2 . ARG A 1 151 ? -10.067 -11.630 -4.713  1.00 14.40 ?  130 ARG A NH2 1 
ATOM   1053 N N   . ALA A 1 152 ? -2.541  -13.881 -7.844  1.00 13.85 ?  131 ALA A N   1 
ATOM   1054 C CA  . ALA A 1 152 ? -1.357  -14.693 -8.105  1.00 20.15 ?  131 ALA A CA  1 
ATOM   1055 C C   . ALA A 1 152 ? -1.761  -16.098 -8.542  1.00 27.05 ?  131 ALA A C   1 
ATOM   1056 O O   . ALA A 1 152 ? -2.917  -16.503 -8.376  1.00 27.66 ?  131 ALA A O   1 
ATOM   1057 C CB  . ALA A 1 152 ? -0.466  -14.753 -6.877  1.00 22.13 ?  131 ALA A CB  1 
HETATM 1058 C C13 . 8JR B 2 .   ? 3.552   2.630   -3.557  0.79 27.75 ?  200 8JR A C13 1 
HETATM 1059 C C15 . 8JR B 2 .   ? 2.590   0.544   -2.965  0.79 20.46 ?  200 8JR A C15 1 
HETATM 1060 C C21 . 8JR B 2 .   ? 7.114   2.518   -1.093  0.79 17.32 ?  200 8JR A C21 1 
HETATM 1061 C C22 . 8JR B 2 .   ? 7.187   3.886   -0.795  0.79 15.64 ?  200 8JR A C22 1 
HETATM 1062 C C24 . 8JR B 2 .   ? 9.010   4.134   -2.356  0.79 17.35 ?  200 8JR A C24 1 
HETATM 1063 C C26 . 8JR B 2 .   ? 7.987   1.972   -2.023  0.79 16.07 ?  200 8JR A C26 1 
HETATM 1064 C C01 . 8JR B 2 .   ? 8.328   -1.164  -3.847  0.79 19.07 ?  200 8JR A C01 1 
HETATM 1065 C C03 . 8JR B 2 .   ? 7.920   0.617   -2.329  0.79 17.32 ?  200 8JR A C03 1 
HETATM 1066 C C04 . 8JR B 2 .   ? 6.971   -0.203  -1.700  0.79 18.18 ?  200 8JR A C04 1 
HETATM 1067 C C05 . 8JR B 2 .   ? 6.107   0.332   -0.785  0.79 18.55 ?  200 8JR A C05 1 
HETATM 1068 C C06 . 8JR B 2 .   ? 6.167   1.686   -0.472  0.79 16.67 ?  200 8JR A C06 1 
HETATM 1069 C C11 . 8JR B 2 .   ? 3.192   2.115   -1.273  0.79 23.23 ?  200 8JR A C11 1 
HETATM 1070 C C12 . 8JR B 2 .   ? 3.644   2.996   -2.234  0.79 23.53 ?  200 8JR A C12 1 
HETATM 1071 C C14 . 8JR B 2 .   ? 3.020   1.415   -3.923  0.79 27.48 ?  200 8JR A C14 1 
HETATM 1072 C C16 . 8JR B 2 .   ? 2.026   -0.764  -3.438  0.79 23.89 ?  200 8JR A C16 1 
HETATM 1073 C C19 . 8JR B 2 .   ? 2.677   0.897   -1.612  0.79 26.32 ?  200 8JR A C19 1 
HETATM 1074 C C23 . 8JR B 2 .   ? 8.117   4.694   -1.412  0.79 15.69 ?  200 8JR A C23 1 
HETATM 1075 C C25 . 8JR B 2 .   ? 8.946   2.792   -2.659  0.79 16.89 ?  200 8JR A C25 1 
HETATM 1076 F F20 . 8JR B 2 .   ? 2.251   0.041   -0.612  0.79 32.29 ?  200 8JR A F20 1 
HETATM 1077 N N10 . 8JR B 2 .   ? 3.323   2.499   0.098   0.79 25.79 ?  200 8JR A N10 1 
HETATM 1078 O O02 . 8JR B 2 .   ? 8.789   0.047   -3.274  0.79 17.67 ?  200 8JR A O02 1 
HETATM 1079 O O08 . 8JR B 2 .   ? 5.398   3.486   1.472   0.79 24.34 ?  200 8JR A O08 1 
HETATM 1080 O O09 . 8JR B 2 .   ? 4.948   1.291   1.822   0.79 23.88 ?  200 8JR A O09 1 
HETATM 1081 O O17 . 8JR B 2 .   ? 1.164   -1.357  -2.756  0.79 30.47 ?  200 8JR A O17 1 
HETATM 1082 O O18 . 8JR B 2 .   ? 2.441   -1.233  -4.563  0.79 20.70 -1 200 8JR A O18 1 
HETATM 1083 S S07 . 8JR B 2 .   ? 4.975   2.273   0.757   0.79 20.92 ?  200 8JR A S07 1 
HETATM 1084 O O   . HOH C 3 .   ? 6.213   -0.072  2.671   1.00 20.57 ?  301 HOH A O   1 
HETATM 1085 O O   . HOH C 3 .   ? -12.534 -10.915 -8.428  1.00 26.15 ?  302 HOH A O   1 
HETATM 1086 O O   . HOH C 3 .   ? -8.097  10.254  -4.584  1.00 37.45 ?  303 HOH A O   1 
HETATM 1087 O O   . HOH C 3 .   ? -2.396  15.774  -2.680  1.00 29.60 ?  304 HOH A O   1 
HETATM 1088 O O   . HOH C 3 .   ? 12.324  10.852  7.467   1.00 36.57 ?  305 HOH A O   1 
HETATM 1089 O O   . HOH C 3 .   ? 4.618   4.603   18.990  1.00 22.21 ?  306 HOH A O   1 
HETATM 1090 O O   . HOH C 3 .   ? -9.435  -15.091 9.208   1.00 24.51 ?  307 HOH A O   1 
HETATM 1091 O O   . HOH C 3 .   ? 16.570  -8.730  -1.472  1.00 31.05 ?  308 HOH A O   1 
HETATM 1092 O O   . HOH C 3 .   ? -9.842  -11.041 -8.087  1.00 24.76 ?  309 HOH A O   1 
HETATM 1093 O O   . HOH C 3 .   ? -4.771  1.663   1.342   1.00 10.68 ?  310 HOH A O   1 
HETATM 1094 O O   . HOH C 3 .   ? 4.324   5.613   0.473   1.00 23.00 ?  311 HOH A O   1 
HETATM 1095 O O   . HOH C 3 .   ? 2.167   -8.094  11.712  1.00 23.65 ?  312 HOH A O   1 
HETATM 1096 O O   . HOH C 3 .   ? 13.518  -6.024  -8.487  1.00 13.21 ?  313 HOH A O   1 
HETATM 1097 O O   . HOH C 3 .   ? 11.219  -5.117  -13.212 1.00 20.69 ?  314 HOH A O   1 
HETATM 1098 O O   . HOH C 3 .   ? 14.599  8.889   -11.235 1.00 29.49 ?  315 HOH A O   1 
HETATM 1099 O O   . HOH C 3 .   ? -5.483  12.193  2.628   1.00 33.02 ?  316 HOH A O   1 
HETATM 1100 O O   . HOH C 3 .   ? 8.803   -4.833  -1.444  1.00 26.17 ?  317 HOH A O   1 
HETATM 1101 O O   . HOH C 3 .   ? -4.200  -12.572 9.094   1.00 19.84 ?  318 HOH A O   1 
HETATM 1102 O O   . HOH C 3 .   ? 8.127   -1.529  -7.786  1.00 20.16 ?  319 HOH A O   1 
HETATM 1103 O O   . HOH C 3 .   ? -1.973  1.037   17.279  1.00 20.46 ?  320 HOH A O   1 
HETATM 1104 O O   . HOH C 3 .   ? 4.358   -9.741  -11.097 1.00 23.87 ?  321 HOH A O   1 
HETATM 1105 O O   . HOH C 3 .   ? -1.944  13.891  -10.025 1.00 24.58 ?  322 HOH A O   1 
HETATM 1106 O O   . HOH C 3 .   ? -11.243 -4.692  18.292  1.00 38.07 ?  323 HOH A O   1 
HETATM 1107 O O   . HOH C 3 .   ? 6.332   5.991   13.795  1.00 20.56 ?  324 HOH A O   1 
HETATM 1108 O O   . HOH C 3 .   ? 14.067  -8.888  -0.529  1.00 27.01 ?  325 HOH A O   1 
HETATM 1109 O O   . HOH C 3 .   ? -10.896 -12.098 -1.885  1.00 16.89 ?  326 HOH A O   1 
HETATM 1110 O O   . HOH C 3 .   ? -10.562 -3.255  11.576  1.00 12.43 ?  327 HOH A O   1 
HETATM 1111 O O   . HOH C 3 .   ? 7.330   8.997   -13.237 1.00 21.29 ?  328 HOH A O   1 
HETATM 1112 O O   . HOH C 3 .   ? -4.566  -10.312 10.348  1.00 14.05 ?  329 HOH A O   1 
HETATM 1113 O O   . HOH C 3 .   ? -4.617  -0.478  17.042  1.00 16.58 ?  330 HOH A O   1 
HETATM 1114 O O   . HOH C 3 .   ? -6.720  -10.943 -11.056 1.00 19.91 ?  331 HOH A O   1 
HETATM 1115 O O   . HOH C 3 .   ? -13.021 -1.726  -3.422  1.00 18.56 ?  332 HOH A O   1 
HETATM 1116 O O   . HOH C 3 .   ? 5.419   -10.666 -8.541  1.00 23.87 ?  333 HOH A O   1 
HETATM 1117 O O   . HOH C 3 .   ? -2.877  4.401   18.118  1.00 19.49 ?  334 HOH A O   1 
HETATM 1118 O O   . HOH C 3 .   ? 5.211   -1.213  5.171   1.00 22.75 ?  335 HOH A O   1 
HETATM 1119 O O   . HOH C 3 .   ? -1.262  8.535   11.276  1.00 29.29 ?  336 HOH A O   1 
HETATM 1120 O O   . HOH C 3 .   ? 6.858   -3.599  -1.371  1.00 27.31 ?  337 HOH A O   1 
HETATM 1121 O O   . HOH C 3 .   ? 2.329   0.210   3.219   1.00 22.42 ?  338 HOH A O   1 
HETATM 1122 O O   . HOH C 3 .   ? -11.863 1.093   16.480  1.00 31.48 ?  339 HOH A O   1 
HETATM 1123 O O   . HOH C 3 .   ? 10.772  12.157  2.857   1.00 24.05 ?  340 HOH A O   1 
HETATM 1124 O O   . HOH C 3 .   ? 5.967   -2.586  1.129   1.00 21.68 ?  341 HOH A O   1 
HETATM 1125 O O   . HOH C 3 .   ? 5.189   -3.799  -14.246 1.00 32.40 ?  342 HOH A O   1 
HETATM 1126 O O   . HOH C 3 .   ? 10.203  10.061  10.597  1.00 31.54 ?  343 HOH A O   1 
HETATM 1127 O O   . HOH C 3 .   ? -1.747  12.831  2.145   1.00 21.41 ?  344 HOH A O   1 
HETATM 1128 O O   . HOH C 3 .   ? -0.740  0.991   -13.686 1.00 18.56 ?  345 HOH A O   1 
HETATM 1129 O O   . HOH C 3 .   ? 3.296   -4.422  3.830   1.00 18.05 ?  346 HOH A O   1 
HETATM 1130 O O   . HOH C 3 .   ? 10.406  -4.661  6.712   1.00 29.77 ?  347 HOH A O   1 
HETATM 1131 O O   . HOH C 3 .   ? -6.321  6.715   15.154  1.00 10.68 ?  348 HOH A O   1 
HETATM 1132 O O   . HOH C 3 .   ? -5.050  8.623   13.520  1.00 19.63 ?  349 HOH A O   1 
HETATM 1133 O O   . HOH C 3 .   ? -1.585  -1.736  14.376  1.00 10.45 ?  350 HOH A O   1 
HETATM 1134 O O   . HOH C 3 .   ? 3.127   -4.635  -2.498  1.00 21.56 ?  351 HOH A O   1 
HETATM 1135 O O   . HOH C 3 .   ? 15.413  -4.253  -7.627  1.00 12.06 ?  352 HOH A O   1 
HETATM 1136 O O   . HOH C 3 .   ? -5.271  2.033   10.945  1.00 5.80  ?  353 HOH A O   1 
HETATM 1137 O O   . HOH C 3 .   ? -15.474 -6.838  -15.695 1.00 19.19 ?  354 HOH A O   1 
HETATM 1138 O O   . HOH C 3 .   ? -2.383  14.528  -6.736  1.00 28.40 ?  355 HOH A O   1 
HETATM 1139 O O   . HOH C 3 .   ? -8.036  -13.724 5.660   1.00 14.50 ?  356 HOH A O   1 
HETATM 1140 O O   . HOH C 3 .   ? 15.929  4.672   1.477   1.00 32.51 ?  357 HOH A O   1 
HETATM 1141 O O   . HOH C 3 .   ? -8.098  -11.247 15.693  1.00 19.93 ?  358 HOH A O   1 
HETATM 1142 O O   . HOH C 3 .   ? 7.918   14.363  -8.663  1.00 23.20 ?  359 HOH A O   1 
HETATM 1143 O O   . HOH C 3 .   ? 12.805  7.556   1.693   1.00 22.49 ?  360 HOH A O   1 
HETATM 1144 O O   . HOH C 3 .   ? -12.967 2.662   8.544   1.00 17.89 ?  361 HOH A O   1 
HETATM 1145 O O   . HOH C 3 .   ? 14.186  1.629   -11.839 1.00 23.00 ?  362 HOH A O   1 
HETATM 1146 O O   . HOH C 3 .   ? 3.071   18.452  -6.377  1.00 28.46 ?  363 HOH A O   1 
HETATM 1147 O O   . HOH C 3 .   ? 11.480  -11.843 -0.975  1.00 28.54 ?  364 HOH A O   1 
HETATM 1148 O O   . HOH C 3 .   ? 12.884  -0.426  5.540   1.00 32.25 ?  365 HOH A O   1 
HETATM 1149 O O   . HOH C 3 .   ? -4.619  -16.040 -6.060  1.00 25.13 ?  366 HOH A O   1 
HETATM 1150 O O   . HOH C 3 .   ? 5.428   5.576   -15.836 1.00 20.03 ?  367 HOH A O   1 
HETATM 1151 O O   . HOH C 3 .   ? -5.694  -14.713 -4.156  1.00 18.75 ?  368 HOH A O   1 
HETATM 1152 O O   . HOH C 3 .   ? 6.703   -1.422  10.203  1.00 24.63 ?  369 HOH A O   1 
HETATM 1153 O O   . HOH C 3 .   ? 13.683  12.673  -3.794  1.00 22.77 ?  370 HOH A O   1 
HETATM 1154 O O   . HOH C 3 .   ? -3.936  -0.336  14.187  1.00 7.92  ?  371 HOH A O   1 
HETATM 1155 O O   . HOH C 3 .   ? 18.723  6.162   -1.921  1.00 19.08 ?  372 HOH A O   1 
HETATM 1156 O O   . HOH C 3 .   ? 5.902   3.457   -12.738 1.00 15.84 ?  373 HOH A O   1 
HETATM 1157 O O   . HOH C 3 .   ? -7.252  6.949   6.824   1.00 18.10 ?  374 HOH A O   1 
HETATM 1158 O O   . HOH C 3 .   ? 7.648   -4.424  7.738   1.00 20.36 ?  375 HOH A O   1 
HETATM 1159 O O   . HOH C 3 .   ? -17.945 3.902   4.065   1.00 25.69 ?  376 HOH A O   1 
HETATM 1160 O O   . HOH C 3 .   ? -0.073  14.430  -0.240  1.00 21.61 ?  377 HOH A O   1 
HETATM 1161 O O   . HOH C 3 .   ? 4.244   9.308   -16.252 1.00 21.98 ?  378 HOH A O   1 
HETATM 1162 O O   . HOH C 3 .   ? 12.413  4.169   -10.446 1.00 20.67 ?  379 HOH A O   1 
HETATM 1163 O O   . HOH C 3 .   ? -16.915 0.599   -3.686  1.00 25.07 ?  380 HOH A O   1 
HETATM 1164 O O   . HOH C 3 .   ? -9.616  -9.240  16.267  1.00 20.23 ?  381 HOH A O   1 
HETATM 1165 O O   . HOH C 3 .   ? 3.581   -0.993  -16.281 1.00 22.49 ?  382 HOH A O   1 
HETATM 1166 O O   . HOH C 3 .   ? -9.927  -7.715  -14.244 1.00 19.18 ?  383 HOH A O   1 
HETATM 1167 O O   . HOH C 3 .   ? 19.642  10.630  -3.440  1.00 24.38 ?  384 HOH A O   1 
HETATM 1168 O O   . HOH C 3 .   ? 18.131  -6.846  -2.849  1.00 33.00 ?  385 HOH A O   1 
HETATM 1169 O O   . HOH C 3 .   ? 11.818  8.770   8.573   1.00 25.27 ?  386 HOH A O   1 
HETATM 1170 O O   . HOH C 3 .   ? 7.977   0.890   -10.815 1.00 26.93 ?  387 HOH A O   1 
HETATM 1171 O O   . HOH C 3 .   ? -14.732 -0.662  -8.742  1.00 23.57 ?  388 HOH A O   1 
HETATM 1172 O O   . HOH C 3 .   ? -14.718 -9.736  -5.170  1.00 32.41 ?  389 HOH A O   1 
HETATM 1173 O O   . HOH C 3 .   ? -5.142  2.940   -14.975 1.00 30.95 ?  390 HOH A O   1 
HETATM 1174 O O   . HOH C 3 .   ? 6.221   -2.495  8.247   1.00 31.55 ?  391 HOH A O   1 
HETATM 1175 O O   . HOH C 3 .   ? 2.754   16.589  2.257   1.00 22.26 ?  392 HOH A O   1 
HETATM 1176 O O   . HOH C 3 .   ? -4.607  -15.277 10.279  1.00 21.20 ?  393 HOH A O   1 
HETATM 1177 O O   . HOH C 3 .   ? 8.487   11.998  11.781  1.00 28.27 ?  394 HOH A O   1 
HETATM 1178 O O   . HOH C 3 .   ? -11.198 -2.178  17.938  1.00 36.12 ?  395 HOH A O   1 
HETATM 1179 O O   . HOH C 3 .   ? 3.687   -3.604  -17.360 1.00 36.84 ?  396 HOH A O   1 
HETATM 1180 O O   . HOH C 3 .   ? -3.796  -17.792 -1.380  1.00 20.76 ?  397 HOH A O   1 
HETATM 1181 O O   . HOH C 3 .   ? 6.430   3.360   -15.505 1.00 33.50 ?  398 HOH A O   1 
HETATM 1182 O O   . HOH C 3 .   ? -17.828 -17.138 16.375  1.00 33.85 ?  399 HOH A O   1 
HETATM 1183 O O   . HOH C 3 .   ? 6.551   9.988   12.210  1.00 27.88 ?  400 HOH A O   1 
HETATM 1184 O O   . HOH C 3 .   ? -17.066 1.053   3.449   1.00 25.86 ?  401 HOH A O   1 
HETATM 1185 O O   . HOH C 3 .   ? 17.656  -4.153  -1.523  1.00 32.06 ?  402 HOH A O   1 
HETATM 1186 O O   . HOH C 3 .   ? -4.697  8.368   -2.993  1.00 20.75 ?  403 HOH A O   1 
HETATM 1187 O O   . HOH C 3 .   ? -1.064  7.855   -12.595 1.00 27.70 ?  404 HOH A O   1 
HETATM 1188 O O   . HOH C 3 .   ? 4.910   6.791   20.153  1.00 31.87 ?  405 HOH A O   1 
HETATM 1189 O O   . HOH C 3 .   ? 0.217   20.378  -5.876  1.00 32.36 ?  406 HOH A O   1 
HETATM 1190 O O   . HOH C 3 .   ? -1.994  13.479  0.024   1.00 27.78 ?  407 HOH A O   1 
HETATM 1191 O O   . HOH C 3 .   ? 2.133   -2.176  2.737   1.00 29.65 ?  408 HOH A O   1 
HETATM 1192 O O   . HOH C 3 .   ? -5.722  -16.440 -2.552  1.00 30.62 ?  409 HOH A O   1 
HETATM 1193 O O   . HOH C 3 .   ? -9.366  -7.009  18.101  1.00 31.78 ?  410 HOH A O   1 
HETATM 1194 O O   . HOH C 3 .   ? 7.076   8.271   13.778  1.00 34.75 ?  411 HOH A O   1 
HETATM 1195 O O   . HOH C 3 .   ? -0.454  19.971  -3.751  1.00 34.22 ?  412 HOH A O   1 
HETATM 1196 O O   . HOH C 3 .   ? -12.551 -2.163  16.079  1.00 38.76 ?  413 HOH A O   1 
HETATM 1197 O O   . HOH C 3 .   ? -8.340  9.580   5.500   1.00 32.78 ?  414 HOH A O   1 
HETATM 1198 O O   . HOH C 3 .   ? 10.296  3.396   -12.308 1.00 34.69 ?  415 HOH A O   1 
HETATM 1199 O O   . HOH C 3 .   ? -12.583 -4.988  9.848   1.00 34.77 ?  416 HOH A O   1 
HETATM 1200 O O   . HOH C 3 .   ? 2.804   -3.350  -19.475 1.00 40.31 ?  417 HOH A O   1 
HETATM 1201 O O   . HOH C 3 .   ? -7.206  2.847   -15.785 1.00 37.65 ?  418 HOH A O   1 
# 
